data_1UKJ
#
_entry.id   1UKJ
#
_cell.length_a   133.093
_cell.length_b   133.093
_cell.length_c   215.028
_cell.angle_alpha   90.
_cell.angle_beta   90.
_cell.angle_gamma   90.
#
_symmetry.space_group_name_H-M   'P 43 21 2'
#
loop_
_entity.id
_entity.type
_entity.pdbx_description
1 polymer 'Methionine gamma-lyase'
2 non-polymer 'SULFATE ION'
3 water water
#
_entity_poly.entity_id   1
_entity_poly.type   'polypeptide(L)'
_entity_poly.pdbx_seq_one_letter_code
;MHGSNKLPGFATRAIHHGYDPQDHGGALVPPVYQTATFTFPTVEYGAACFAGEQAGHFYSRISNPTLNLLEARMASLEGG
EAGLALASGMGAITSTLWTLLRPGDEVLLGNTLYGCTFAFLHHGIGEFGVKLRHVDMADLQALEAAMTPATRVIYFESPA
NPNMHMADIAGVAKIARKHGATVVVDNTYCTPYLQRPLELGADLVVHSAT(LLP)YLSGHGDITAGIVVGSQALVDRIRL
QGLKDMTGAVLSPHDAALLMRGIKTLNLRMDRHCANAQVLAEFLARQPQVELIHYPGLASFPQYTLARQQMSQPGGMIAF
ELKGGIGAGRRFMNALQLFSRAVSLGDAESLAQHPASMTHSSYTPEERAHYGISEGLVRLSVGLEDIDDLLADVQQALKA
SA
;
_entity_poly.pdbx_strand_id   A,B,C,D
#
loop_
_chem_comp.id
_chem_comp.type
_chem_comp.name
_chem_comp.formula
SO4 non-polymer 'SULFATE ION' 'O4 S -2'
#
# COMPACT_ATOMS: atom_id res chain seq x y z
N MET A 1 -0.01 1.38 -24.58
CA MET A 1 0.80 0.38 -25.33
C MET A 1 1.70 1.05 -26.38
N HIS A 2 2.52 1.99 -25.92
CA HIS A 2 3.44 2.71 -26.81
C HIS A 2 4.80 2.95 -26.13
N GLY A 3 5.30 4.18 -26.24
CA GLY A 3 6.59 4.51 -25.67
C GLY A 3 7.74 3.80 -26.36
N SER A 4 7.58 2.48 -26.54
CA SER A 4 8.59 1.66 -27.18
C SER A 4 8.16 1.28 -28.60
N ASN A 5 8.59 2.08 -29.56
CA ASN A 5 8.27 1.86 -30.97
C ASN A 5 9.27 2.58 -31.86
N LYS A 6 8.83 3.70 -32.44
CA LYS A 6 9.67 4.51 -33.30
C LYS A 6 10.14 5.75 -32.54
N LEU A 7 9.20 6.54 -32.03
CA LEU A 7 9.55 7.73 -31.26
C LEU A 7 8.36 8.50 -30.69
N PRO A 8 7.58 7.87 -29.79
CA PRO A 8 6.44 8.54 -29.19
C PRO A 8 6.92 9.71 -28.34
N GLY A 9 6.08 10.74 -28.20
CA GLY A 9 6.44 11.90 -27.43
C GLY A 9 6.81 11.61 -25.98
N PHE A 10 7.45 12.56 -25.32
CA PHE A 10 7.86 12.38 -23.93
C PHE A 10 6.69 11.98 -23.05
N ALA A 11 5.61 12.77 -23.05
CA ALA A 11 4.44 12.49 -22.22
C ALA A 11 3.80 11.14 -22.52
N THR A 12 3.92 10.66 -23.75
CA THR A 12 3.36 9.36 -24.14
C THR A 12 4.26 8.25 -23.57
N ARG A 13 5.54 8.51 -23.49
CA ARG A 13 6.49 7.53 -22.99
C ARG A 13 6.44 7.42 -21.46
N ALA A 14 6.28 8.55 -20.79
CA ALA A 14 6.21 8.59 -19.33
C ALA A 14 4.90 7.99 -18.83
N ILE A 15 4.08 7.46 -19.73
CA ILE A 15 2.82 6.87 -19.36
C ILE A 15 2.67 5.43 -19.84
N HIS A 16 3.20 5.12 -21.01
CA HIS A 16 3.06 3.78 -21.59
C HIS A 16 4.33 2.99 -21.77
N HIS A 17 5.43 3.65 -22.07
CA HIS A 17 6.68 2.95 -22.33
C HIS A 17 6.99 1.72 -21.50
N GLY A 18 7.17 0.59 -22.20
CA GLY A 18 7.52 -0.66 -21.55
C GLY A 18 6.40 -1.57 -21.12
N TYR A 19 5.16 -1.12 -21.21
CA TYR A 19 4.05 -1.97 -20.76
C TYR A 19 2.88 -2.11 -21.73
N ASP A 20 2.52 -3.35 -22.00
CA ASP A 20 1.39 -3.65 -22.86
C ASP A 20 0.50 -4.58 -22.05
N PRO A 21 -0.66 -4.10 -21.61
CA PRO A 21 -1.58 -4.89 -20.81
C PRO A 21 -1.91 -6.24 -21.43
N GLN A 22 -1.71 -6.37 -22.74
CA GLN A 22 -2.00 -7.63 -23.40
C GLN A 22 -1.04 -8.70 -22.90
N ASP A 23 0.02 -8.26 -22.23
CA ASP A 23 1.02 -9.17 -21.70
C ASP A 23 0.87 -9.41 -20.20
N HIS A 24 -0.22 -8.91 -19.62
CA HIS A 24 -0.44 -9.07 -18.18
C HIS A 24 -1.92 -9.23 -17.86
N GLY A 25 -2.60 -10.10 -18.58
CA GLY A 25 -4.01 -10.33 -18.35
C GLY A 25 -4.89 -9.17 -18.78
N GLY A 26 -4.28 -8.15 -19.36
CA GLY A 26 -5.04 -7.00 -19.80
C GLY A 26 -5.10 -5.92 -18.74
N ALA A 27 -4.48 -6.14 -17.59
CA ALA A 27 -4.50 -5.12 -16.55
C ALA A 27 -4.06 -3.78 -17.10
N LEU A 28 -4.96 -2.80 -17.14
CA LEU A 28 -4.58 -1.49 -17.64
C LEU A 28 -3.33 -1.06 -16.91
N VAL A 29 -3.43 -0.87 -15.59
CA VAL A 29 -2.27 -0.49 -14.77
C VAL A 29 -1.55 -1.80 -14.48
N PRO A 30 -0.21 -1.79 -14.51
CA PRO A 30 0.53 -3.03 -14.25
C PRO A 30 0.42 -3.56 -12.81
N PRO A 31 0.27 -4.89 -12.66
CA PRO A 31 0.16 -5.48 -11.32
C PRO A 31 1.41 -5.20 -10.51
N VAL A 32 1.27 -5.05 -9.20
CA VAL A 32 2.40 -4.78 -8.35
C VAL A 32 3.02 -6.08 -7.83
N TYR A 33 4.26 -6.32 -8.23
CA TYR A 33 4.99 -7.52 -7.83
C TYR A 33 5.64 -7.26 -6.49
N GLN A 34 4.83 -7.15 -5.44
CA GLN A 34 5.32 -6.91 -4.10
C GLN A 34 5.68 -8.28 -3.53
N THR A 35 6.79 -8.84 -4.03
CA THR A 35 7.29 -10.15 -3.62
C THR A 35 8.81 -10.11 -3.49
N ALA A 36 9.35 -10.85 -2.52
CA ALA A 36 10.78 -10.88 -2.33
C ALA A 36 11.47 -11.82 -3.30
N THR A 37 11.00 -13.06 -3.40
CA THR A 37 11.63 -14.02 -4.28
C THR A 37 10.69 -14.63 -5.31
N PHE A 38 11.29 -15.33 -6.28
CA PHE A 38 10.54 -15.98 -7.33
C PHE A 38 10.96 -17.45 -7.39
N THR A 39 10.11 -18.28 -7.96
CA THR A 39 10.37 -19.71 -8.03
C THR A 39 10.65 -20.15 -9.46
N PHE A 40 11.25 -21.34 -9.60
CA PHE A 40 11.59 -21.88 -10.91
C PHE A 40 10.83 -23.14 -11.23
N PRO A 41 10.57 -23.42 -12.51
CA PRO A 41 9.84 -24.64 -12.86
C PRO A 41 10.73 -25.85 -12.70
N THR A 42 12.03 -25.64 -12.90
CA THR A 42 13.04 -26.68 -12.79
C THR A 42 14.33 -26.08 -12.26
N VAL A 43 15.14 -26.91 -11.61
CA VAL A 43 16.42 -26.45 -11.10
C VAL A 43 17.25 -25.95 -12.29
N GLU A 44 16.95 -26.46 -13.49
CA GLU A 44 17.66 -26.07 -14.70
C GLU A 44 17.32 -24.64 -15.09
N TYR A 45 16.05 -24.26 -14.92
CA TYR A 45 15.62 -22.91 -15.25
C TYR A 45 16.24 -21.94 -14.26
N GLY A 46 16.21 -22.29 -12.98
CA GLY A 46 16.80 -21.43 -11.98
C GLY A 46 18.23 -21.08 -12.35
N ALA A 47 19.02 -22.12 -12.62
CA ALA A 47 20.41 -21.96 -12.99
C ALA A 47 20.56 -21.02 -14.19
N ALA A 48 19.69 -21.18 -15.17
CA ALA A 48 19.71 -20.36 -16.38
C ALA A 48 19.59 -18.88 -16.04
N CYS A 49 18.54 -18.51 -15.32
CA CYS A 49 18.35 -17.11 -14.97
C CYS A 49 19.00 -16.80 -13.64
N PHE A 50 20.22 -17.31 -13.50
CA PHE A 50 21.06 -17.13 -12.31
C PHE A 50 22.43 -16.76 -12.86
N ALA A 51 22.77 -17.39 -13.98
CA ALA A 51 24.03 -17.17 -14.66
C ALA A 51 23.85 -16.16 -15.78
N GLY A 52 22.61 -15.67 -15.93
CA GLY A 52 22.33 -14.68 -16.95
C GLY A 52 22.06 -15.26 -18.33
N GLU A 53 22.07 -16.58 -18.45
CA GLU A 53 21.82 -17.23 -19.72
C GLU A 53 20.31 -17.33 -19.95
N GLN A 54 19.56 -16.61 -19.12
CA GLN A 54 18.11 -16.64 -19.22
C GLN A 54 17.46 -15.40 -18.59
N ALA A 55 16.33 -14.98 -19.16
CA ALA A 55 15.61 -13.82 -18.68
C ALA A 55 14.56 -14.27 -17.66
N GLY A 56 14.80 -13.91 -16.40
CA GLY A 56 13.86 -14.28 -15.35
C GLY A 56 14.15 -13.53 -14.08
N HIS A 57 13.57 -13.99 -12.98
CA HIS A 57 13.76 -13.36 -11.68
C HIS A 57 13.99 -14.44 -10.63
N PHE A 58 14.50 -14.04 -9.46
CA PHE A 58 14.74 -14.99 -8.39
C PHE A 58 14.81 -14.31 -7.03
N TYR A 59 15.13 -13.01 -7.03
CA TYR A 59 15.22 -12.26 -5.79
C TYR A 59 15.14 -10.77 -6.10
N SER A 60 14.25 -10.08 -5.40
CA SER A 60 14.03 -8.65 -5.63
C SER A 60 15.14 -7.65 -5.32
N ARG A 61 16.03 -7.92 -4.36
CA ARG A 61 17.11 -6.97 -4.09
C ARG A 61 17.96 -6.86 -5.36
N ILE A 62 17.99 -7.93 -6.15
CA ILE A 62 18.76 -7.93 -7.38
C ILE A 62 17.98 -7.24 -8.50
N SER A 63 16.79 -7.77 -8.82
CA SER A 63 15.96 -7.17 -9.86
C SER A 63 14.51 -7.59 -9.67
N ASN A 64 13.59 -6.63 -9.78
CA ASN A 64 12.16 -6.89 -9.60
C ASN A 64 11.39 -6.44 -10.85
N PRO A 65 10.33 -7.17 -11.23
CA PRO A 65 9.53 -6.85 -12.41
C PRO A 65 8.91 -5.47 -12.43
N THR A 66 8.31 -5.04 -11.34
CA THR A 66 7.70 -3.72 -11.35
C THR A 66 8.79 -2.67 -11.29
N LEU A 67 9.93 -3.05 -10.71
CA LEU A 67 11.07 -2.15 -10.62
C LEU A 67 11.71 -2.05 -12.00
N ASN A 68 11.67 -3.15 -12.75
CA ASN A 68 12.24 -3.17 -14.09
C ASN A 68 11.44 -2.26 -15.03
N LEU A 69 10.18 -1.99 -14.70
CA LEU A 69 9.38 -1.13 -15.55
C LEU A 69 9.79 0.31 -15.28
N LEU A 70 9.79 0.69 -14.02
CA LEU A 70 10.18 2.05 -13.67
C LEU A 70 11.53 2.31 -14.32
N GLU A 71 12.46 1.39 -14.10
CA GLU A 71 13.80 1.49 -14.63
C GLU A 71 13.81 1.67 -16.15
N ALA A 72 13.10 0.78 -16.85
CA ALA A 72 13.01 0.83 -18.31
C ALA A 72 12.39 2.14 -18.74
N ARG A 73 11.32 2.55 -18.05
CA ARG A 73 10.63 3.78 -18.39
C ARG A 73 11.53 4.99 -18.15
N MET A 74 12.25 4.98 -17.03
CA MET A 74 13.15 6.07 -16.67
C MET A 74 14.31 6.18 -17.67
N ALA A 75 14.79 5.04 -18.15
CA ALA A 75 15.90 5.02 -19.09
C ALA A 75 15.47 5.68 -20.37
N SER A 76 14.25 5.40 -20.80
CA SER A 76 13.72 5.98 -22.02
C SER A 76 13.53 7.48 -21.90
N LEU A 77 13.30 7.95 -20.68
CA LEU A 77 13.10 9.38 -20.48
C LEU A 77 14.43 10.14 -20.50
N GLU A 78 15.46 9.57 -19.90
CA GLU A 78 16.77 10.20 -19.90
C GLU A 78 17.49 9.84 -21.20
N GLY A 79 16.85 9.01 -22.01
CA GLY A 79 17.44 8.61 -23.26
C GLY A 79 18.70 7.79 -23.03
N GLY A 80 18.64 6.83 -22.11
CA GLY A 80 19.79 6.00 -21.83
C GLY A 80 19.50 4.56 -22.19
N GLU A 81 20.51 3.68 -22.08
CA GLU A 81 20.35 2.26 -22.42
C GLU A 81 19.58 1.52 -21.33
N ALA A 82 19.94 1.80 -20.08
CA ALA A 82 19.28 1.13 -18.97
C ALA A 82 19.26 1.97 -17.70
N GLY A 83 18.38 1.58 -16.78
CA GLY A 83 18.26 2.28 -15.51
C GLY A 83 18.15 1.28 -14.37
N LEU A 84 18.39 1.75 -13.15
CA LEU A 84 18.32 0.92 -11.95
C LEU A 84 17.57 1.74 -10.90
N ALA A 85 16.59 1.13 -10.23
CA ALA A 85 15.81 1.82 -9.19
C ALA A 85 16.39 1.56 -7.81
N LEU A 86 16.34 2.54 -6.93
CA LEU A 86 16.90 2.34 -5.60
C LEU A 86 16.12 2.98 -4.47
N ALA A 87 16.47 2.59 -3.25
CA ALA A 87 15.83 3.04 -2.03
C ALA A 87 15.86 4.54 -1.84
N SER A 88 16.88 5.19 -2.35
CA SER A 88 16.95 6.64 -2.18
C SER A 88 17.98 7.29 -3.08
N GLY A 89 17.92 8.62 -3.16
CA GLY A 89 18.84 9.35 -3.99
C GLY A 89 20.27 9.08 -3.54
N MET A 90 20.45 8.88 -2.25
CA MET A 90 21.78 8.61 -1.73
C MET A 90 22.16 7.17 -2.02
N GLY A 91 21.17 6.34 -2.25
CA GLY A 91 21.45 4.95 -2.56
C GLY A 91 21.94 4.87 -3.98
N ALA A 92 21.49 5.80 -4.80
CA ALA A 92 21.88 5.85 -6.20
C ALA A 92 23.31 6.30 -6.36
N ILE A 93 23.65 7.42 -5.73
CA ILE A 93 25.01 7.93 -5.82
C ILE A 93 26.02 7.05 -5.08
N THR A 94 25.77 6.75 -3.82
CA THR A 94 26.70 5.90 -3.08
C THR A 94 26.88 4.54 -3.79
N SER A 95 25.82 4.01 -4.39
CA SER A 95 25.91 2.74 -5.10
C SER A 95 26.76 2.91 -6.35
N THR A 96 26.61 4.03 -7.02
CA THR A 96 27.37 4.30 -8.23
C THR A 96 28.83 4.44 -7.88
N LEU A 97 29.13 5.37 -6.98
CA LEU A 97 30.50 5.63 -6.57
C LEU A 97 31.22 4.45 -5.93
N TRP A 98 30.53 3.69 -5.08
CA TRP A 98 31.15 2.53 -4.42
C TRP A 98 31.63 1.49 -5.44
N THR A 99 30.99 1.38 -6.60
CA THR A 99 31.43 0.40 -7.59
C THR A 99 32.32 1.00 -8.68
N LEU A 100 32.26 2.30 -8.90
CA LEU A 100 33.09 2.94 -9.91
C LEU A 100 34.46 3.32 -9.35
N LEU A 101 34.51 3.65 -8.06
CA LEU A 101 35.74 4.05 -7.39
C LEU A 101 36.43 2.97 -6.56
N ARG A 102 37.76 3.10 -6.42
CA ARG A 102 38.56 2.17 -5.62
C ARG A 102 39.73 2.97 -5.06
N PRO A 103 40.37 2.47 -3.98
CA PRO A 103 41.50 3.17 -3.36
C PRO A 103 42.58 3.58 -4.35
N GLY A 104 42.98 4.85 -4.28
CA GLY A 104 44.01 5.33 -5.18
C GLY A 104 43.40 6.06 -6.37
N ASP A 105 42.11 5.83 -6.62
CA ASP A 105 41.43 6.51 -7.71
C ASP A 105 41.23 7.95 -7.28
N GLU A 106 40.96 8.82 -8.25
CA GLU A 106 40.72 10.22 -7.93
C GLU A 106 39.39 10.60 -8.54
N VAL A 107 38.61 11.39 -7.81
CA VAL A 107 37.33 11.84 -8.29
C VAL A 107 37.26 13.35 -8.14
N LEU A 108 36.86 14.01 -9.23
CA LEU A 108 36.72 15.48 -9.28
C LEU A 108 35.26 15.89 -9.09
N LEU A 109 34.99 16.78 -8.14
CA LEU A 109 33.62 17.22 -7.87
C LEU A 109 33.37 18.71 -8.08
N GLY A 110 32.10 19.07 -8.28
CA GLY A 110 31.72 20.45 -8.46
C GLY A 110 32.01 21.20 -7.18
N ASN A 111 32.30 22.49 -7.27
CA ASN A 111 32.61 23.28 -6.09
C ASN A 111 31.57 23.18 -5.00
N THR A 112 30.36 22.75 -5.36
CA THR A 112 29.29 22.62 -4.39
C THR A 112 28.53 21.33 -4.59
N LEU A 113 28.05 20.74 -3.49
CA LEU A 113 27.31 19.49 -3.58
C LEU A 113 26.23 19.37 -2.50
N TYR A 114 25.29 18.46 -2.74
CA TYR A 114 24.19 18.18 -1.82
C TYR A 114 24.79 17.65 -0.52
N GLY A 115 24.52 18.35 0.58
CA GLY A 115 25.03 17.98 1.90
C GLY A 115 25.45 16.56 2.20
N CYS A 116 24.57 15.60 1.94
CA CYS A 116 24.91 14.21 2.23
C CYS A 116 25.90 13.65 1.20
N THR A 117 25.88 14.18 -0.01
CA THR A 117 26.80 13.74 -1.07
C THR A 117 28.18 14.25 -0.73
N PHE A 118 28.22 15.36 0.00
CA PHE A 118 29.48 15.96 0.41
C PHE A 118 30.01 15.14 1.56
N ALA A 119 29.16 14.90 2.55
CA ALA A 119 29.58 14.13 3.71
C ALA A 119 30.07 12.76 3.29
N PHE A 120 29.31 12.10 2.43
CA PHE A 120 29.71 10.77 1.96
C PHE A 120 31.10 10.84 1.36
N LEU A 121 31.31 11.80 0.48
CA LEU A 121 32.60 11.94 -0.18
C LEU A 121 33.75 12.26 0.80
N HIS A 122 33.61 13.34 1.54
CA HIS A 122 34.68 13.75 2.47
C HIS A 122 34.79 12.97 3.76
N HIS A 123 33.77 12.21 4.12
CA HIS A 123 33.81 11.45 5.36
C HIS A 123 33.47 9.99 5.19
N GLY A 124 33.13 9.60 3.96
CA GLY A 124 32.78 8.21 3.70
C GLY A 124 33.82 7.58 2.82
N ILE A 125 33.54 7.46 1.54
CA ILE A 125 34.49 6.87 0.62
C ILE A 125 35.80 7.64 0.71
N GLY A 126 35.70 8.94 0.93
CA GLY A 126 36.89 9.78 1.02
C GLY A 126 37.90 9.34 2.07
N GLU A 127 37.43 8.56 3.03
CA GLU A 127 38.31 8.06 4.10
C GLU A 127 38.65 6.59 3.88
N PHE A 128 38.45 6.12 2.66
CA PHE A 128 38.73 4.75 2.31
C PHE A 128 39.68 4.69 1.13
N GLY A 129 40.60 5.65 1.06
CA GLY A 129 41.58 5.65 -0.01
C GLY A 129 41.31 6.37 -1.31
N VAL A 130 40.12 6.93 -1.48
CA VAL A 130 39.81 7.64 -2.71
C VAL A 130 40.12 9.14 -2.62
N LYS A 131 40.57 9.70 -3.73
CA LYS A 131 40.94 11.11 -3.79
C LYS A 131 39.81 12.02 -4.25
N LEU A 132 39.72 13.18 -3.62
CA LEU A 132 38.68 14.16 -3.92
C LEU A 132 39.32 15.48 -4.36
N ARG A 133 38.70 16.14 -5.34
CA ARG A 133 39.18 17.42 -5.82
C ARG A 133 37.97 18.24 -6.29
N HIS A 134 37.77 19.40 -5.67
CA HIS A 134 36.64 20.23 -6.03
C HIS A 134 37.05 21.27 -7.05
N VAL A 135 36.48 21.16 -8.25
CA VAL A 135 36.79 22.11 -9.31
C VAL A 135 35.50 22.74 -9.83
N ASP A 136 35.67 23.81 -10.60
CA ASP A 136 34.57 24.55 -11.20
C ASP A 136 34.25 23.85 -12.52
N MET A 137 33.15 23.12 -12.56
CA MET A 137 32.75 22.39 -13.75
C MET A 137 32.29 23.30 -14.90
N ALA A 138 32.43 24.59 -14.68
CA ALA A 138 32.08 25.58 -15.70
C ALA A 138 33.41 26.09 -16.24
N ASP A 139 34.46 25.81 -15.48
CA ASP A 139 35.81 26.22 -15.84
C ASP A 139 36.51 25.06 -16.54
N LEU A 140 36.38 25.02 -17.86
CA LEU A 140 36.99 23.96 -18.63
C LEU A 140 38.50 24.00 -18.54
N GLN A 141 39.07 25.20 -18.49
CA GLN A 141 40.52 25.33 -18.38
C GLN A 141 40.98 24.65 -17.09
N ALA A 142 40.32 25.01 -15.98
CA ALA A 142 40.65 24.44 -14.70
C ALA A 142 40.36 22.94 -14.66
N LEU A 143 39.32 22.51 -15.36
CA LEU A 143 38.98 21.10 -15.38
C LEU A 143 40.12 20.31 -16.00
N GLU A 144 40.53 20.72 -17.19
CA GLU A 144 41.60 20.05 -17.91
C GLU A 144 42.88 19.98 -17.09
N ALA A 145 43.20 21.06 -16.41
CA ALA A 145 44.40 21.12 -15.59
C ALA A 145 44.33 20.23 -14.36
N ALA A 146 43.13 20.10 -13.79
CA ALA A 146 42.93 19.28 -12.58
C ALA A 146 42.91 17.79 -12.88
N MET A 147 42.94 17.45 -14.16
CA MET A 147 42.90 16.06 -14.57
C MET A 147 44.23 15.35 -14.43
N THR A 148 44.19 14.15 -13.85
CA THR A 148 45.38 13.32 -13.65
C THR A 148 45.02 11.92 -14.16
N PRO A 149 46.03 11.05 -14.35
CA PRO A 149 45.74 9.70 -14.83
C PRO A 149 44.97 8.90 -13.78
N ALA A 150 44.89 9.45 -12.57
CA ALA A 150 44.18 8.83 -11.46
C ALA A 150 42.71 9.21 -11.48
N THR A 151 42.34 10.12 -12.38
CA THR A 151 40.96 10.55 -12.47
C THR A 151 40.08 9.49 -13.11
N ARG A 152 39.20 8.91 -12.29
CA ARG A 152 38.29 7.86 -12.77
C ARG A 152 36.87 8.35 -12.94
N VAL A 153 36.43 9.25 -12.06
CA VAL A 153 35.06 9.77 -12.11
C VAL A 153 34.97 11.28 -11.93
N ILE A 154 34.06 11.89 -12.67
CA ILE A 154 33.79 13.32 -12.59
C ILE A 154 32.32 13.41 -12.16
N TYR A 155 32.07 13.99 -10.99
CA TYR A 155 30.73 14.06 -10.43
C TYR A 155 30.30 15.46 -10.04
N PHE A 156 29.14 15.90 -10.52
CA PHE A 156 28.63 17.24 -10.20
C PHE A 156 27.11 17.27 -10.35
N GLU A 157 26.51 18.39 -9.99
CA GLU A 157 25.07 18.54 -10.16
C GLU A 157 24.89 19.77 -11.00
N SER A 158 23.88 19.76 -11.84
CA SER A 158 23.62 20.92 -12.69
C SER A 158 22.12 21.13 -12.88
N PRO A 159 21.59 22.25 -12.35
CA PRO A 159 22.29 23.28 -11.60
C PRO A 159 22.71 22.82 -10.22
N ALA A 160 23.51 23.65 -9.55
CA ALA A 160 24.00 23.34 -8.21
C ALA A 160 23.69 24.48 -7.24
N ASN A 161 23.35 24.12 -6.01
CA ASN A 161 23.05 25.11 -4.98
C ASN A 161 24.35 25.75 -4.54
N PRO A 162 24.27 26.96 -3.96
CA PRO A 162 23.03 27.69 -3.72
C PRO A 162 22.60 28.66 -4.83
N ASN A 163 23.53 29.10 -5.67
CA ASN A 163 23.19 30.04 -6.73
C ASN A 163 22.80 29.44 -8.07
N MET A 164 22.35 28.19 -8.07
CA MET A 164 21.95 27.54 -9.30
C MET A 164 23.04 27.59 -10.37
N HIS A 165 24.29 27.57 -9.92
CA HIS A 165 25.42 27.61 -10.83
C HIS A 165 25.30 26.46 -11.82
N MET A 166 25.59 26.72 -13.09
CA MET A 166 25.49 25.70 -14.12
C MET A 166 26.85 25.19 -14.57
N ALA A 167 26.85 23.98 -15.12
CA ALA A 167 28.07 23.37 -15.59
C ALA A 167 28.03 23.18 -17.11
N ASP A 168 29.19 22.99 -17.70
CA ASP A 168 29.32 22.79 -19.14
C ASP A 168 29.41 21.29 -19.45
N ILE A 169 28.33 20.56 -19.18
CA ILE A 169 28.27 19.10 -19.39
C ILE A 169 28.90 18.54 -20.66
N ALA A 170 28.66 19.17 -21.79
CA ALA A 170 29.21 18.70 -23.06
C ALA A 170 30.73 18.93 -23.13
N GLY A 171 31.21 19.97 -22.45
CA GLY A 171 32.62 20.25 -22.43
C GLY A 171 33.31 19.31 -21.46
N VAL A 172 32.72 19.15 -20.28
CA VAL A 172 33.27 18.25 -19.28
C VAL A 172 33.30 16.88 -19.91
N ALA A 173 32.19 16.50 -20.52
CA ALA A 173 32.09 15.21 -21.17
C ALA A 173 33.26 14.98 -22.12
N LYS A 174 33.58 16.01 -22.90
CA LYS A 174 34.67 15.90 -23.86
C LYS A 174 36.01 15.64 -23.19
N ILE A 175 36.33 16.43 -22.17
CA ILE A 175 37.59 16.27 -21.45
C ILE A 175 37.69 14.87 -20.86
N ALA A 176 36.65 14.45 -20.15
CA ALA A 176 36.63 13.14 -19.54
C ALA A 176 36.78 12.06 -20.59
N ARG A 177 36.34 12.37 -21.82
CA ARG A 177 36.41 11.42 -22.93
C ARG A 177 37.86 11.19 -23.35
N LYS A 178 38.62 12.27 -23.44
CA LYS A 178 40.02 12.20 -23.81
C LYS A 178 40.85 11.51 -22.73
N HIS A 179 40.56 11.81 -21.47
CA HIS A 179 41.28 11.22 -20.36
C HIS A 179 40.78 9.85 -19.89
N GLY A 180 39.56 9.48 -20.29
CA GLY A 180 39.02 8.20 -19.90
C GLY A 180 38.36 8.19 -18.53
N ALA A 181 37.68 9.28 -18.18
CA ALA A 181 36.99 9.38 -16.90
C ALA A 181 35.49 9.25 -17.15
N THR A 182 34.77 8.64 -16.19
CA THR A 182 33.33 8.47 -16.31
C THR A 182 32.63 9.71 -15.78
N VAL A 183 31.70 10.27 -16.55
CA VAL A 183 30.97 11.47 -16.12
C VAL A 183 29.61 11.12 -15.52
N VAL A 184 29.44 11.51 -14.25
CA VAL A 184 28.22 11.27 -13.49
C VAL A 184 27.59 12.61 -13.12
N VAL A 185 26.35 12.82 -13.53
CA VAL A 185 25.65 14.07 -13.23
C VAL A 185 24.37 13.84 -12.45
N ASP A 186 24.16 14.64 -11.41
CA ASP A 186 22.98 14.58 -10.57
C ASP A 186 21.90 15.43 -11.26
N ASN A 187 20.88 14.78 -11.79
CA ASN A 187 19.84 15.53 -12.49
C ASN A 187 18.48 15.58 -11.78
N THR A 188 18.51 15.71 -10.45
CA THR A 188 17.29 15.75 -9.66
C THR A 188 16.47 17.02 -9.94
N TYR A 189 17.17 18.14 -9.99
CA TYR A 189 16.54 19.46 -10.21
C TYR A 189 15.79 19.66 -11.52
N CYS A 190 16.28 19.11 -12.62
CA CYS A 190 15.62 19.27 -13.91
C CYS A 190 14.71 18.12 -14.28
N THR A 191 15.15 16.89 -14.01
CA THR A 191 14.42 15.67 -14.35
C THR A 191 14.67 15.45 -15.85
N PRO A 192 14.41 14.25 -16.37
CA PRO A 192 14.63 13.96 -17.80
C PRO A 192 13.83 14.84 -18.73
N TYR A 193 12.85 15.53 -18.15
CA TYR A 193 11.96 16.41 -18.89
C TYR A 193 12.50 17.81 -19.16
N LEU A 194 13.37 18.30 -18.28
CA LEU A 194 13.95 19.64 -18.41
C LEU A 194 15.41 19.64 -18.88
N GLN A 195 16.08 18.51 -18.72
CA GLN A 195 17.49 18.38 -19.11
C GLN A 195 17.87 16.92 -19.15
N ARG A 196 18.59 16.51 -20.19
CA ARG A 196 19.01 15.11 -20.30
C ARG A 196 20.52 15.04 -20.52
N PRO A 197 21.31 15.13 -19.45
CA PRO A 197 22.78 15.08 -19.46
C PRO A 197 23.43 13.98 -20.31
N LEU A 198 22.83 12.80 -20.33
CA LEU A 198 23.39 11.70 -21.11
C LEU A 198 23.55 12.07 -22.56
N GLU A 199 22.62 12.88 -23.06
CA GLU A 199 22.65 13.31 -24.44
C GLU A 199 23.69 14.40 -24.64
N LEU A 200 24.04 15.08 -23.56
CA LEU A 200 25.03 16.13 -23.63
C LEU A 200 26.41 15.54 -23.42
N GLY A 201 26.48 14.22 -23.26
CA GLY A 201 27.76 13.57 -23.07
C GLY A 201 27.97 12.75 -21.79
N ALA A 202 27.39 13.17 -20.67
CA ALA A 202 27.56 12.46 -19.41
C ALA A 202 27.34 10.96 -19.59
N ASP A 203 27.97 10.17 -18.72
CA ASP A 203 27.88 8.70 -18.78
C ASP A 203 26.75 8.11 -17.94
N LEU A 204 26.49 8.70 -16.79
CA LEU A 204 25.44 8.20 -15.92
C LEU A 204 24.75 9.37 -15.26
N VAL A 205 23.46 9.19 -14.97
CA VAL A 205 22.67 10.21 -14.28
C VAL A 205 22.10 9.58 -13.03
N VAL A 206 22.14 10.32 -11.93
CA VAL A 206 21.59 9.85 -10.67
C VAL A 206 20.50 10.83 -10.30
N HIS A 207 19.41 10.31 -9.74
CA HIS A 207 18.29 11.13 -9.31
C HIS A 207 17.87 10.76 -7.92
N SER A 208 17.20 11.69 -7.28
CA SER A 208 16.62 11.49 -5.97
C SER A 208 15.18 11.55 -6.40
N ALA A 209 14.59 10.42 -6.76
CA ALA A 209 13.20 10.39 -7.21
C ALA A 209 12.27 10.88 -6.10
N THR A 210 12.84 11.11 -4.93
CA THR A 210 12.10 11.59 -3.79
C THR A 210 11.50 12.97 -4.08
N1 LLP A 211 20.92 15.09 -4.88
C2 LLP A 211 20.06 16.11 -4.81
C2' LLP A 211 20.25 17.34 -5.70
C3 LLP A 211 18.98 16.08 -3.93
O3 LLP A 211 18.21 17.04 -3.91
C4 LLP A 211 18.76 15.00 -3.08
C4' LLP A 211 17.54 15.03 -2.15
C5 LLP A 211 19.63 13.92 -3.09
C6 LLP A 211 20.82 13.90 -4.04
C5' LLP A 211 19.46 12.80 -2.10
OP4 LLP A 211 18.15 12.32 -2.21
P LLP A 211 17.64 11.38 -1.19
OP1 LLP A 211 16.40 10.75 -1.67
OP2 LLP A 211 17.38 12.10 0.07
OP3 LLP A 211 18.65 10.34 -0.95
N LLP A 211 12.18 13.73 -4.93
CA LLP A 211 11.76 15.08 -5.28
CB LLP A 211 12.98 15.94 -5.55
CG LLP A 211 14.20 15.58 -4.71
CD LLP A 211 14.12 16.24 -3.34
CE LLP A 211 15.08 15.57 -2.36
NZ LLP A 211 16.47 15.83 -2.71
C LLP A 211 10.79 15.18 -6.45
O LLP A 211 9.70 14.60 -6.43
N TYR A 212 11.19 15.94 -7.47
CA TYR A 212 10.35 16.15 -8.64
C TYR A 212 9.74 14.90 -9.25
N LEU A 213 10.50 13.82 -9.36
CA LEU A 213 9.98 12.59 -9.96
C LEU A 213 8.75 12.01 -9.25
N SER A 214 8.75 11.98 -7.92
CA SER A 214 7.58 11.49 -7.20
C SER A 214 6.58 12.62 -7.25
N GLY A 215 7.07 13.82 -6.98
CA GLY A 215 6.26 15.02 -7.06
C GLY A 215 5.23 15.24 -5.98
N HIS A 216 5.09 14.27 -5.07
CA HIS A 216 4.11 14.41 -4.01
C HIS A 216 4.63 14.20 -2.59
N GLY A 217 5.95 14.04 -2.45
CA GLY A 217 6.57 13.86 -1.14
C GLY A 217 6.10 12.70 -0.27
N ASP A 218 5.80 11.56 -0.87
CA ASP A 218 5.35 10.40 -0.09
C ASP A 218 6.22 9.15 -0.25
N ILE A 219 7.41 9.31 -0.82
CA ILE A 219 8.33 8.18 -1.00
C ILE A 219 9.77 8.69 -1.09
N THR A 220 10.70 7.87 -0.64
CA THR A 220 12.11 8.21 -0.74
C THR A 220 12.57 7.24 -1.82
N ALA A 221 13.22 7.74 -2.86
CA ALA A 221 13.65 6.88 -3.95
C ALA A 221 14.74 7.51 -4.78
N GLY A 222 15.51 6.67 -5.45
CA GLY A 222 16.59 7.16 -6.28
C GLY A 222 16.60 6.40 -7.58
N ILE A 223 17.27 6.97 -8.59
CA ILE A 223 17.34 6.34 -9.90
C ILE A 223 18.69 6.58 -10.57
N VAL A 224 19.13 5.61 -11.36
CA VAL A 224 20.39 5.69 -12.09
C VAL A 224 20.13 5.32 -13.56
N VAL A 225 20.73 6.05 -14.49
CA VAL A 225 20.54 5.73 -15.90
C VAL A 225 21.85 5.86 -16.66
N GLY A 226 22.15 4.84 -17.45
CA GLY A 226 23.38 4.85 -18.22
C GLY A 226 23.44 3.63 -19.12
N SER A 227 24.65 3.29 -19.54
CA SER A 227 24.86 2.13 -20.42
C SER A 227 24.48 0.86 -19.68
N GLN A 228 24.27 -0.21 -20.42
CA GLN A 228 23.93 -1.48 -19.79
C GLN A 228 25.12 -1.93 -18.95
N ALA A 229 26.31 -1.87 -19.56
CA ALA A 229 27.53 -2.29 -18.90
C ALA A 229 27.71 -1.63 -17.55
N LEU A 230 27.55 -0.31 -17.53
CA LEU A 230 27.70 0.48 -16.31
C LEU A 230 26.61 0.20 -15.30
N VAL A 231 25.35 0.25 -15.74
CA VAL A 231 24.24 0.01 -14.85
C VAL A 231 24.28 -1.41 -14.30
N ASP A 232 24.74 -2.34 -15.13
CA ASP A 232 24.83 -3.73 -14.72
C ASP A 232 25.89 -3.89 -13.64
N ARG A 233 27.00 -3.18 -13.79
CA ARG A 233 28.06 -3.25 -12.81
C ARG A 233 27.51 -2.69 -11.50
N ILE A 234 26.83 -1.55 -11.59
CA ILE A 234 26.27 -0.93 -10.41
C ILE A 234 25.17 -1.77 -9.78
N ARG A 235 24.41 -2.50 -10.60
CA ARG A 235 23.34 -3.32 -10.05
C ARG A 235 23.87 -4.54 -9.32
N LEU A 236 24.85 -5.22 -9.92
CA LEU A 236 25.42 -6.44 -9.34
C LEU A 236 26.42 -6.23 -8.22
N GLN A 237 26.88 -5.00 -8.04
CA GLN A 237 27.86 -4.71 -7.02
C GLN A 237 27.41 -3.63 -6.03
N GLY A 238 27.35 -2.39 -6.50
CA GLY A 238 26.93 -1.30 -5.62
C GLY A 238 25.66 -1.60 -4.87
N LEU A 239 24.60 -1.97 -5.59
CA LEU A 239 23.33 -2.29 -4.95
C LEU A 239 23.17 -3.78 -4.93
N LYS A 240 23.49 -4.41 -3.80
CA LYS A 240 23.36 -5.85 -3.67
C LYS A 240 24.40 -6.29 -2.69
N ASP A 241 25.57 -5.66 -2.78
CA ASP A 241 26.69 -5.99 -1.92
C ASP A 241 27.14 -4.84 -1.03
N MET A 242 27.55 -3.74 -1.63
CA MET A 242 28.07 -2.59 -0.88
C MET A 242 27.04 -1.65 -0.30
N THR A 243 25.83 -1.70 -0.84
CA THR A 243 24.73 -0.87 -0.41
C THR A 243 23.53 -1.78 -0.51
N GLY A 244 22.55 -1.60 0.36
CA GLY A 244 21.37 -2.45 0.27
C GLY A 244 20.14 -1.65 -0.09
N ALA A 245 20.35 -0.47 -0.67
CA ALA A 245 19.29 0.44 -1.06
C ALA A 245 18.26 -0.14 -2.03
N VAL A 246 17.52 -1.16 -1.57
CA VAL A 246 16.48 -1.81 -2.38
C VAL A 246 15.19 -1.01 -2.30
N LEU A 247 14.58 -0.75 -3.45
CA LEU A 247 13.33 0.02 -3.50
C LEU A 247 12.12 -0.89 -3.43
N SER A 248 11.14 -0.50 -2.62
CA SER A 248 9.93 -1.27 -2.45
C SER A 248 9.07 -1.22 -3.71
N PRO A 249 8.59 -2.37 -4.21
CA PRO A 249 7.78 -2.33 -5.42
C PRO A 249 6.62 -1.35 -5.29
N HIS A 250 6.08 -1.22 -4.08
CA HIS A 250 4.98 -0.31 -3.83
C HIS A 250 5.41 1.13 -4.13
N ASP A 251 6.53 1.55 -3.56
CA ASP A 251 7.05 2.90 -3.77
C ASP A 251 7.41 3.10 -5.25
N ALA A 252 7.87 2.03 -5.90
CA ALA A 252 8.24 2.10 -7.31
C ALA A 252 6.98 2.33 -8.11
N ALA A 253 5.91 1.68 -7.69
CA ALA A 253 4.61 1.81 -8.35
C ALA A 253 4.12 3.23 -8.07
N LEU A 254 4.43 3.75 -6.90
CA LEU A 254 4.04 5.10 -6.53
C LEU A 254 4.84 6.07 -7.39
N LEU A 255 6.12 5.77 -7.60
CA LEU A 255 6.98 6.63 -8.41
C LEU A 255 6.45 6.63 -9.83
N MET A 256 6.26 5.46 -10.42
CA MET A 256 5.76 5.37 -11.78
C MET A 256 4.46 6.11 -11.98
N ARG A 257 3.72 6.33 -10.91
CA ARG A 257 2.44 7.02 -10.98
C ARG A 257 2.67 8.53 -11.00
N GLY A 258 3.59 9.00 -10.16
CA GLY A 258 3.88 10.41 -10.12
C GLY A 258 4.56 10.86 -11.40
N ILE A 259 5.12 9.91 -12.14
CA ILE A 259 5.80 10.22 -13.39
C ILE A 259 4.82 10.39 -14.54
N LYS A 260 3.63 9.81 -14.41
CA LYS A 260 2.61 9.89 -15.44
C LYS A 260 2.14 11.32 -15.65
N THR A 261 2.49 12.23 -14.73
CA THR A 261 2.12 13.64 -14.82
C THR A 261 3.38 14.51 -14.65
N LEU A 262 4.55 13.99 -15.00
CA LEU A 262 5.80 14.73 -14.85
C LEU A 262 5.89 15.98 -15.73
N ASN A 263 5.52 15.86 -17.00
CA ASN A 263 5.58 17.01 -17.88
C ASN A 263 4.63 18.11 -17.45
N LEU A 264 3.40 17.75 -17.11
CA LEU A 264 2.41 18.73 -16.67
C LEU A 264 2.88 19.47 -15.42
N ARG A 265 3.28 18.73 -14.40
CA ARG A 265 3.74 19.29 -13.14
C ARG A 265 4.95 20.20 -13.32
N MET A 266 5.93 19.75 -14.09
CA MET A 266 7.11 20.56 -14.31
C MET A 266 6.73 21.84 -15.00
N ASP A 267 5.87 21.75 -16.00
CA ASP A 267 5.41 22.93 -16.75
C ASP A 267 4.91 23.96 -15.75
N ARG A 268 4.15 23.49 -14.76
CA ARG A 268 3.57 24.37 -13.75
C ARG A 268 4.54 24.86 -12.70
N HIS A 269 5.54 24.06 -12.35
CA HIS A 269 6.52 24.50 -11.35
C HIS A 269 7.29 25.69 -11.90
N CYS A 270 7.67 25.61 -13.17
CA CYS A 270 8.44 26.66 -13.85
C CYS A 270 7.62 27.94 -14.04
N ALA A 271 6.39 27.76 -14.51
CA ALA A 271 5.50 28.88 -14.74
C ALA A 271 5.36 29.73 -13.48
N ASN A 272 5.08 29.09 -12.34
CA ASN A 272 4.92 29.78 -11.06
C ASN A 272 6.25 30.37 -10.61
N ALA A 273 7.33 29.72 -11.00
CA ALA A 273 8.67 30.14 -10.63
C ALA A 273 9.07 31.36 -11.42
N GLN A 274 8.78 31.34 -12.71
CA GLN A 274 9.12 32.47 -13.54
C GLN A 274 8.44 33.74 -13.00
N VAL A 275 7.11 33.79 -12.96
CA VAL A 275 6.44 34.98 -12.46
C VAL A 275 6.81 35.38 -11.03
N LEU A 276 7.26 34.43 -10.23
CA LEU A 276 7.61 34.75 -8.84
C LEU A 276 9.00 35.35 -8.80
N ALA A 277 9.87 34.86 -9.68
CA ALA A 277 11.24 35.36 -9.77
C ALA A 277 11.21 36.81 -10.24
N GLU A 278 10.39 37.09 -11.24
CA GLU A 278 10.28 38.44 -11.76
C GLU A 278 9.62 39.38 -10.76
N PHE A 279 8.74 38.83 -9.92
CA PHE A 279 8.07 39.64 -8.90
C PHE A 279 9.06 39.94 -7.80
N LEU A 280 9.93 38.98 -7.53
CA LEU A 280 10.94 39.14 -6.51
C LEU A 280 11.93 40.20 -6.98
N ALA A 281 12.14 40.28 -8.29
CA ALA A 281 13.10 41.22 -8.90
C ALA A 281 12.75 42.71 -8.88
N ARG A 282 11.59 43.07 -8.34
CA ARG A 282 11.17 44.47 -8.28
C ARG A 282 11.05 45.00 -6.85
N GLN A 283 11.40 44.16 -5.88
CA GLN A 283 11.32 44.54 -4.47
C GLN A 283 12.69 44.99 -3.97
N PRO A 284 12.75 46.15 -3.30
CA PRO A 284 14.03 46.66 -2.78
C PRO A 284 14.59 45.87 -1.61
N GLN A 285 13.85 44.87 -1.14
CA GLN A 285 14.35 44.06 -0.04
C GLN A 285 15.23 42.95 -0.59
N VAL A 286 14.91 42.50 -1.80
CA VAL A 286 15.66 41.45 -2.47
C VAL A 286 16.81 42.11 -3.24
N GLU A 287 18.04 41.87 -2.81
CA GLU A 287 19.16 42.49 -3.49
C GLU A 287 19.84 41.60 -4.51
N LEU A 288 19.42 40.35 -4.60
CA LEU A 288 20.00 39.44 -5.58
C LEU A 288 19.16 38.18 -5.70
N ILE A 289 18.96 37.73 -6.94
CA ILE A 289 18.18 36.53 -7.21
C ILE A 289 19.00 35.57 -8.06
N HIS A 290 18.81 34.27 -7.83
CA HIS A 290 19.53 33.25 -8.57
C HIS A 290 18.51 32.36 -9.28
N TYR A 291 18.02 32.82 -10.42
CA TYR A 291 17.04 32.06 -11.18
C TYR A 291 17.36 32.08 -12.68
N PRO A 292 17.48 30.90 -13.31
CA PRO A 292 17.78 30.78 -14.75
C PRO A 292 16.80 31.50 -15.69
N GLY A 293 15.61 31.81 -15.21
CA GLY A 293 14.63 32.48 -16.05
C GLY A 293 14.90 33.95 -16.29
N LEU A 294 15.57 34.60 -15.34
CA LEU A 294 15.89 36.00 -15.48
C LEU A 294 17.10 36.08 -16.41
N ALA A 295 17.10 37.02 -17.34
CA ALA A 295 18.21 37.17 -18.29
C ALA A 295 19.47 37.70 -17.63
N SER A 296 19.34 38.20 -16.41
CA SER A 296 20.49 38.73 -15.70
C SER A 296 21.25 37.58 -15.05
N PHE A 297 20.71 36.36 -15.14
CA PHE A 297 21.35 35.20 -14.54
C PHE A 297 22.69 35.04 -15.23
N PRO A 298 23.79 35.05 -14.46
CA PRO A 298 25.12 34.91 -15.03
C PRO A 298 25.25 33.92 -16.18
N GLN A 299 24.85 32.67 -15.96
CA GLN A 299 24.95 31.65 -17.00
C GLN A 299 23.69 31.41 -17.84
N TYR A 300 22.96 32.48 -18.11
CA TYR A 300 21.73 32.40 -18.87
C TYR A 300 21.87 31.59 -20.16
N THR A 301 22.81 31.95 -21.02
CA THR A 301 22.97 31.25 -22.28
C THR A 301 23.30 29.76 -22.12
N LEU A 302 24.13 29.44 -21.13
CA LEU A 302 24.50 28.04 -20.91
C LEU A 302 23.30 27.29 -20.37
N ALA A 303 22.55 27.92 -19.48
CA ALA A 303 21.37 27.31 -18.90
C ALA A 303 20.36 26.94 -19.99
N ARG A 304 20.04 27.91 -20.85
CA ARG A 304 19.08 27.71 -21.92
C ARG A 304 19.58 26.78 -23.04
N GLN A 305 20.83 26.34 -22.94
CA GLN A 305 21.37 25.44 -23.96
C GLN A 305 21.16 24.01 -23.52
N GLN A 306 21.18 23.83 -22.20
CA GLN A 306 21.03 22.51 -21.60
C GLN A 306 19.64 22.26 -21.03
N MET A 307 19.03 23.30 -20.44
CA MET A 307 17.72 23.17 -19.82
C MET A 307 16.57 23.58 -20.75
N SER A 308 15.46 22.87 -20.64
CA SER A 308 14.26 23.13 -21.44
C SER A 308 13.51 24.35 -20.92
N GLN A 309 13.43 24.47 -19.59
CA GLN A 309 12.78 25.58 -18.91
C GLN A 309 13.67 25.87 -17.71
N PRO A 310 13.60 27.08 -17.15
CA PRO A 310 14.45 27.44 -15.99
C PRO A 310 14.24 26.67 -14.69
N GLY A 311 13.39 25.66 -14.69
CA GLY A 311 13.17 24.91 -13.47
C GLY A 311 12.27 25.66 -12.50
N GLY A 312 11.83 24.97 -11.45
CA GLY A 312 10.94 25.58 -10.48
C GLY A 312 11.64 25.85 -9.17
N MET A 313 12.94 26.15 -9.26
CA MET A 313 13.76 26.42 -8.08
C MET A 313 14.32 27.82 -8.17
N ILE A 314 14.22 28.56 -7.07
CA ILE A 314 14.74 29.92 -7.00
C ILE A 314 15.32 30.19 -5.62
N ALA A 315 16.27 31.11 -5.57
CA ALA A 315 16.92 31.50 -4.33
C ALA A 315 17.25 32.99 -4.44
N PHE A 316 17.27 33.69 -3.32
CA PHE A 316 17.58 35.11 -3.35
C PHE A 316 18.18 35.59 -2.05
N GLU A 317 18.86 36.73 -2.11
CA GLU A 317 19.50 37.30 -0.94
C GLU A 317 18.68 38.45 -0.39
N LEU A 318 18.06 38.22 0.75
CA LEU A 318 17.25 39.24 1.36
C LEU A 318 18.18 40.31 1.92
N LYS A 319 17.98 41.54 1.48
CA LYS A 319 18.76 42.65 1.99
C LYS A 319 18.20 42.77 3.39
N GLY A 320 19.05 42.63 4.40
CA GLY A 320 18.57 42.73 5.76
C GLY A 320 19.24 41.73 6.66
N GLY A 321 20.01 40.83 6.04
CA GLY A 321 20.73 39.83 6.79
C GLY A 321 19.97 38.61 7.27
N ILE A 322 20.55 37.95 8.26
CA ILE A 322 19.97 36.75 8.83
C ILE A 322 18.69 37.06 9.61
N GLY A 323 18.63 38.25 10.20
CA GLY A 323 17.45 38.64 10.94
C GLY A 323 16.24 38.72 10.02
N ALA A 324 16.42 39.36 8.87
CA ALA A 324 15.33 39.50 7.90
C ALA A 324 14.94 38.12 7.38
N GLY A 325 15.92 37.25 7.21
CA GLY A 325 15.63 35.91 6.74
C GLY A 325 14.76 35.18 7.75
N ARG A 326 15.09 35.35 9.02
CA ARG A 326 14.33 34.70 10.08
C ARG A 326 12.89 35.20 10.03
N ARG A 327 12.74 36.52 9.99
CA ARG A 327 11.42 37.13 9.94
C ARG A 327 10.67 36.68 8.69
N PHE A 328 11.35 36.65 7.55
CA PHE A 328 10.72 36.24 6.30
C PHE A 328 10.19 34.81 6.34
N MET A 329 10.94 33.91 6.94
CA MET A 329 10.52 32.51 7.02
C MET A 329 9.49 32.25 8.11
N ASN A 330 9.57 33.01 9.19
CA ASN A 330 8.63 32.84 10.28
C ASN A 330 7.25 33.37 9.92
N ALA A 331 7.21 34.30 8.97
CA ALA A 331 5.95 34.91 8.53
C ALA A 331 5.22 34.12 7.45
N LEU A 332 5.93 33.25 6.75
CA LEU A 332 5.33 32.47 5.67
C LEU A 332 4.16 31.60 6.14
N GLN A 333 3.04 31.69 5.43
CA GLN A 333 1.84 30.94 5.79
C GLN A 333 1.48 29.77 4.88
N LEU A 334 1.73 29.89 3.58
CA LEU A 334 1.41 28.83 2.62
C LEU A 334 2.68 28.03 2.37
N PHE A 335 3.77 28.75 2.17
CA PHE A 335 5.07 28.16 1.93
C PHE A 335 5.45 27.47 3.25
N SER A 336 5.74 26.18 3.18
CA SER A 336 6.10 25.44 4.38
C SER A 336 7.59 25.58 4.66
N ARG A 337 7.96 25.67 5.94
CA ARG A 337 9.36 25.77 6.35
C ARG A 337 9.90 24.36 6.50
N ALA A 338 10.68 23.90 5.53
CA ALA A 338 11.22 22.56 5.58
C ALA A 338 12.30 22.38 4.54
N VAL A 339 12.94 21.22 4.57
CA VAL A 339 14.01 20.91 3.62
C VAL A 339 13.47 19.89 2.62
N SER A 340 13.83 20.10 1.36
CA SER A 340 13.41 19.25 0.26
C SER A 340 12.86 20.13 -0.86
N LEU A 341 12.40 19.50 -1.92
CA LEU A 341 11.88 20.23 -3.06
C LEU A 341 11.10 19.28 -3.94
N GLY A 342 10.60 19.78 -5.06
CA GLY A 342 9.86 18.93 -5.97
C GLY A 342 8.50 18.45 -5.55
N ASP A 343 7.96 19.05 -4.49
CA ASP A 343 6.64 18.68 -3.98
C ASP A 343 5.56 19.53 -4.62
N ALA A 344 4.33 19.05 -4.57
CA ALA A 344 3.22 19.80 -5.10
C ALA A 344 3.10 21.04 -4.23
N GLU A 345 3.36 20.89 -2.94
CA GLU A 345 3.28 22.00 -2.01
C GLU A 345 4.56 22.81 -2.05
N SER A 346 4.44 24.11 -1.79
CA SER A 346 5.58 25.01 -1.82
C SER A 346 6.41 24.91 -0.55
N LEU A 347 7.73 24.82 -0.73
CA LEU A 347 8.64 24.71 0.38
C LEU A 347 9.60 25.88 0.31
N ALA A 348 10.14 26.27 1.45
CA ALA A 348 11.06 27.40 1.52
C ALA A 348 12.04 27.10 2.63
N GLN A 349 13.25 27.65 2.54
CA GLN A 349 14.24 27.42 3.57
C GLN A 349 15.31 28.50 3.64
N HIS A 350 15.74 28.79 4.87
CA HIS A 350 16.77 29.78 5.16
C HIS A 350 17.86 29.02 5.91
N PRO A 351 18.86 28.50 5.19
CA PRO A 351 19.97 27.74 5.77
C PRO A 351 20.77 28.43 6.87
N ALA A 352 20.94 29.74 6.76
CA ALA A 352 21.70 30.48 7.75
C ALA A 352 21.05 30.45 9.12
N SER A 353 19.74 30.26 9.17
CA SER A 353 19.02 30.23 10.44
C SER A 353 18.39 28.87 10.71
N MET A 354 18.54 27.96 9.76
CA MET A 354 17.97 26.63 9.92
C MET A 354 19.09 25.60 10.00
N THR A 355 19.40 24.97 8.87
CA THR A 355 20.45 23.95 8.83
C THR A 355 21.85 24.43 9.24
N HIS A 356 22.06 25.73 9.35
CA HIS A 356 23.37 26.25 9.73
C HIS A 356 23.28 27.28 10.85
N SER A 357 22.15 27.31 11.54
CA SER A 357 21.94 28.27 12.62
C SER A 357 22.95 28.12 13.75
N SER A 358 23.70 27.02 13.73
CA SER A 358 24.70 26.78 14.77
C SER A 358 26.01 27.52 14.51
N TYR A 359 26.44 27.53 13.26
CA TYR A 359 27.68 28.18 12.86
C TYR A 359 27.70 29.67 13.11
N THR A 360 28.77 30.31 12.66
CA THR A 360 28.91 31.75 12.82
C THR A 360 28.91 32.41 11.46
N PRO A 361 28.52 33.69 11.42
CA PRO A 361 28.50 34.40 10.15
C PRO A 361 29.84 34.19 9.44
N GLU A 362 30.88 34.05 10.26
CA GLU A 362 32.24 33.85 9.78
C GLU A 362 32.45 32.46 9.17
N GLU A 363 31.88 31.45 9.79
CA GLU A 363 32.02 30.09 9.30
C GLU A 363 30.99 29.75 8.22
N ARG A 364 29.74 30.16 8.45
CA ARG A 364 28.69 29.90 7.49
C ARG A 364 29.06 30.52 6.16
N ALA A 365 29.61 31.74 6.23
CA ALA A 365 30.04 32.45 5.03
C ALA A 365 31.21 31.72 4.40
N HIS A 366 31.97 31.00 5.23
CA HIS A 366 33.12 30.25 4.76
C HIS A 366 32.63 29.16 3.81
N TYR A 367 31.51 28.54 4.15
CA TYR A 367 30.94 27.47 3.34
C TYR A 367 30.10 28.01 2.19
N GLY A 368 30.24 29.30 1.90
CA GLY A 368 29.47 29.89 0.82
C GLY A 368 27.99 29.95 1.19
N ILE A 369 27.69 29.90 2.49
CA ILE A 369 26.32 29.98 2.95
C ILE A 369 26.03 31.43 3.25
N SER A 370 25.38 32.12 2.31
CA SER A 370 25.05 33.53 2.53
C SER A 370 24.27 33.67 3.82
N GLU A 371 24.29 34.88 4.38
CA GLU A 371 23.59 35.15 5.62
C GLU A 371 22.10 35.36 5.40
N GLY A 372 21.77 36.06 4.32
CA GLY A 372 20.36 36.33 4.05
C GLY A 372 19.83 35.60 2.85
N LEU A 373 20.41 34.45 2.53
CA LEU A 373 19.93 33.71 1.39
C LEU A 373 18.87 32.69 1.79
N VAL A 374 17.68 32.82 1.21
CA VAL A 374 16.58 31.90 1.46
C VAL A 374 16.30 31.22 0.13
N ARG A 375 15.88 29.97 0.18
CA ARG A 375 15.60 29.20 -1.02
C ARG A 375 14.19 28.62 -0.98
N LEU A 376 13.50 28.67 -2.13
CA LEU A 376 12.15 28.15 -2.18
C LEU A 376 11.98 27.17 -3.32
N SER A 377 11.11 26.19 -3.09
CA SER A 377 10.77 25.21 -4.10
C SER A 377 9.33 25.60 -4.40
N VAL A 378 9.10 26.19 -5.57
CA VAL A 378 7.77 26.66 -5.96
C VAL A 378 6.88 25.50 -6.38
N GLY A 379 5.78 25.32 -5.65
CA GLY A 379 4.88 24.21 -5.92
C GLY A 379 3.83 24.41 -6.99
N LEU A 380 2.77 23.63 -6.92
CA LEU A 380 1.71 23.71 -7.89
C LEU A 380 0.51 24.52 -7.42
N GLU A 381 0.68 25.29 -6.36
CA GLU A 381 -0.42 26.12 -5.85
C GLU A 381 -0.66 27.28 -6.80
N ASP A 382 -1.74 28.02 -6.58
CA ASP A 382 -2.11 29.18 -7.39
C ASP A 382 -1.07 30.29 -7.15
N ILE A 383 -0.43 30.78 -8.20
CA ILE A 383 0.59 31.83 -8.01
C ILE A 383 0.08 32.95 -7.11
N ASP A 384 -1.14 33.40 -7.38
CA ASP A 384 -1.75 34.48 -6.60
C ASP A 384 -1.61 34.23 -5.12
N ASP A 385 -1.88 33.00 -4.71
CA ASP A 385 -1.75 32.63 -3.30
C ASP A 385 -0.27 32.69 -2.93
N LEU A 386 0.57 32.24 -3.86
CA LEU A 386 2.00 32.24 -3.65
C LEU A 386 2.59 33.65 -3.59
N LEU A 387 2.29 34.48 -4.58
CA LEU A 387 2.78 35.86 -4.59
C LEU A 387 2.33 36.61 -3.33
N ALA A 388 1.08 36.37 -2.94
CA ALA A 388 0.51 37.00 -1.75
C ALA A 388 1.27 36.58 -0.50
N ASP A 389 1.57 35.29 -0.40
CA ASP A 389 2.29 34.77 0.75
C ASP A 389 3.67 35.42 0.90
N VAL A 390 4.51 35.36 -0.13
CA VAL A 390 5.84 35.93 -0.01
C VAL A 390 5.77 37.44 0.05
N GLN A 391 4.68 38.01 -0.45
CA GLN A 391 4.50 39.45 -0.42
C GLN A 391 4.40 39.95 1.02
N GLN A 392 3.65 39.24 1.85
CA GLN A 392 3.50 39.64 3.25
C GLN A 392 4.74 39.29 4.07
N ALA A 393 5.36 38.16 3.73
CA ALA A 393 6.56 37.73 4.42
C ALA A 393 7.64 38.80 4.27
N LEU A 394 7.73 39.37 3.06
CA LEU A 394 8.69 40.44 2.75
C LEU A 394 8.43 41.67 3.59
N LYS A 395 7.15 42.04 3.71
CA LYS A 395 6.75 43.20 4.51
C LYS A 395 7.08 42.93 5.96
N ALA A 396 7.14 41.65 6.31
CA ALA A 396 7.46 41.21 7.67
C ALA A 396 8.98 41.10 7.84
N SER A 397 9.69 40.84 6.73
CA SER A 397 11.13 40.72 6.77
C SER A 397 11.76 42.11 6.70
N ALA A 398 11.65 42.85 7.79
CA ALA A 398 12.21 44.19 7.85
C ALA A 398 12.18 44.75 9.27
N MET B 1 -1.75 -2.46 25.28
CA MET B 1 -0.84 -1.28 25.30
C MET B 1 0.31 -1.53 26.27
N HIS B 2 0.51 -2.80 26.62
CA HIS B 2 1.56 -3.18 27.54
C HIS B 2 2.81 -3.76 26.88
N GLY B 3 3.90 -3.02 26.98
CA GLY B 3 5.17 -3.45 26.42
C GLY B 3 6.27 -2.87 27.29
N SER B 4 6.06 -2.91 28.61
CA SER B 4 7.02 -2.36 29.56
C SER B 4 8.43 -2.91 29.37
N ASN B 5 8.60 -3.79 28.37
CA ASN B 5 9.90 -4.37 28.06
C ASN B 5 10.48 -5.21 29.20
N LYS B 6 11.10 -6.33 28.84
CA LYS B 6 11.72 -7.22 29.80
C LYS B 6 10.72 -7.81 30.78
N LEU B 7 9.70 -7.03 31.13
CA LEU B 7 8.67 -7.48 32.05
C LEU B 7 7.52 -8.14 31.30
N PRO B 8 6.84 -7.40 30.42
CA PRO B 8 5.73 -8.02 29.69
C PRO B 8 6.23 -9.12 28.76
N GLY B 9 5.43 -10.18 28.62
CA GLY B 9 5.79 -11.29 27.76
C GLY B 9 6.14 -10.86 26.36
N PHE B 10 6.84 -11.74 25.65
CA PHE B 10 7.28 -11.50 24.28
C PHE B 10 6.10 -11.15 23.40
N ALA B 11 5.22 -12.13 23.19
CA ALA B 11 4.04 -11.93 22.36
C ALA B 11 3.34 -10.61 22.68
N THR B 12 3.32 -10.24 23.95
CA THR B 12 2.69 -9.01 24.39
C THR B 12 3.41 -7.82 23.80
N ARG B 13 4.73 -7.81 23.92
CA ARG B 13 5.54 -6.71 23.41
C ARG B 13 5.62 -6.69 21.88
N ALA B 14 5.54 -7.86 21.25
CA ALA B 14 5.58 -7.99 19.80
C ALA B 14 4.34 -7.38 19.16
N ILE B 15 3.37 -7.03 20.00
CA ILE B 15 2.12 -6.46 19.53
C ILE B 15 1.89 -5.04 20.00
N HIS B 16 2.30 -4.75 21.23
CA HIS B 16 2.07 -3.42 21.81
C HIS B 16 3.28 -2.57 22.07
N HIS B 17 4.41 -3.18 22.39
CA HIS B 17 5.56 -2.37 22.75
C HIS B 17 5.82 -1.09 21.97
N GLY B 18 5.98 0.00 22.71
CA GLY B 18 6.26 1.28 22.13
C GLY B 18 5.08 2.07 21.61
N TYR B 19 3.88 1.50 21.67
CA TYR B 19 2.71 2.19 21.16
C TYR B 19 1.50 2.19 22.06
N ASP B 20 0.94 3.38 22.29
CA ASP B 20 -0.27 3.54 23.08
C ASP B 20 -1.24 4.26 22.14
N PRO B 21 -2.34 3.59 21.77
CA PRO B 21 -3.33 4.21 20.88
C PRO B 21 -3.83 5.56 21.36
N GLN B 22 -3.83 5.74 22.68
CA GLN B 22 -4.30 6.96 23.32
C GLN B 22 -3.50 8.18 22.90
N ASP B 23 -2.31 7.95 22.38
CA ASP B 23 -1.44 9.04 21.94
C ASP B 23 -1.60 9.35 20.45
N HIS B 24 -2.45 8.58 19.78
CA HIS B 24 -2.64 8.75 18.34
C HIS B 24 -4.10 8.67 17.90
N GLY B 25 -4.95 9.50 18.51
CA GLY B 25 -6.35 9.53 18.15
C GLY B 25 -7.08 8.24 18.37
N GLY B 26 -6.55 7.40 19.27
CA GLY B 26 -7.19 6.14 19.55
C GLY B 26 -7.00 5.08 18.49
N ALA B 27 -6.11 5.35 17.53
CA ALA B 27 -5.85 4.40 16.45
C ALA B 27 -5.26 3.09 16.98
N LEU B 28 -5.98 1.99 16.80
CA LEU B 28 -5.48 0.69 17.27
C LEU B 28 -4.19 0.38 16.54
N VAL B 29 -4.24 0.47 15.21
CA VAL B 29 -3.05 0.23 14.38
C VAL B 29 -2.44 1.62 14.18
N PRO B 30 -1.13 1.76 14.39
CA PRO B 30 -0.52 3.09 14.23
C PRO B 30 -0.60 3.66 12.82
N PRO B 31 -0.85 4.96 12.71
CA PRO B 31 -0.92 5.56 11.36
C PRO B 31 0.44 5.43 10.69
N VAL B 32 0.43 5.08 9.40
CA VAL B 32 1.67 4.93 8.66
C VAL B 32 2.06 6.32 8.18
N TYR B 33 3.27 6.75 8.53
CA TYR B 33 3.74 8.06 8.13
C TYR B 33 4.46 7.95 6.80
N GLN B 34 3.68 7.76 5.73
CA GLN B 34 4.24 7.63 4.39
C GLN B 34 4.49 9.04 3.85
N THR B 35 5.46 9.70 4.45
CA THR B 35 5.86 11.05 4.09
C THR B 35 7.37 11.04 3.96
N ALA B 36 7.92 12.04 3.29
CA ALA B 36 9.36 12.13 3.15
C ALA B 36 9.85 13.31 3.98
N THR B 37 9.08 14.40 3.98
CA THR B 37 9.46 15.61 4.71
C THR B 37 8.60 15.93 5.92
N PHE B 38 9.19 16.66 6.86
CA PHE B 38 8.53 17.09 8.07
C PHE B 38 8.82 18.60 8.14
N THR B 39 7.79 19.42 8.32
CA THR B 39 7.96 20.88 8.38
C THR B 39 8.04 21.45 9.80
N PHE B 40 8.55 22.67 9.92
CA PHE B 40 8.70 23.31 11.23
C PHE B 40 7.78 24.50 11.44
N PRO B 41 7.46 24.82 12.71
CA PRO B 41 6.60 25.95 13.07
C PRO B 41 7.34 27.27 12.93
N THR B 42 8.66 27.19 13.03
CA THR B 42 9.53 28.37 12.91
C THR B 42 10.89 27.88 12.46
N VAL B 43 11.79 28.81 12.15
CA VAL B 43 13.15 28.45 11.72
C VAL B 43 14.02 28.15 12.94
N GLU B 44 13.54 28.56 14.11
CA GLU B 44 14.28 28.34 15.36
C GLU B 44 14.00 26.93 15.89
N TYR B 45 12.85 26.38 15.50
CA TYR B 45 12.48 25.03 15.92
C TYR B 45 13.22 24.09 14.99
N GLY B 46 13.45 24.54 13.77
CA GLY B 46 14.19 23.73 12.83
C GLY B 46 15.63 23.68 13.27
N ALA B 47 16.15 24.83 13.73
CA ALA B 47 17.53 24.90 14.20
C ALA B 47 17.75 23.97 15.38
N ALA B 48 16.89 24.07 16.39
CA ALA B 48 17.00 23.22 17.59
C ALA B 48 16.75 21.78 17.19
N CYS B 49 15.98 21.60 16.11
CA CYS B 49 15.66 20.28 15.62
C CYS B 49 16.86 19.73 14.86
N PHE B 50 17.87 20.56 14.67
CA PHE B 50 19.08 20.18 13.95
C PHE B 50 20.29 20.17 14.87
N ALA B 51 20.23 20.99 15.91
CA ALA B 51 21.33 21.07 16.88
C ALA B 51 21.06 20.11 18.03
N GLY B 52 20.16 19.16 17.80
CA GLY B 52 19.82 18.17 18.82
C GLY B 52 19.17 18.75 20.05
N GLU B 53 18.70 19.98 19.95
CA GLU B 53 18.05 20.65 21.06
C GLU B 53 16.60 20.22 21.23
N GLN B 54 15.92 20.03 20.11
CA GLN B 54 14.51 19.65 20.14
C GLN B 54 14.24 18.28 19.52
N ALA B 55 13.24 17.59 20.07
CA ALA B 55 12.85 16.28 19.56
C ALA B 55 11.85 16.44 18.41
N GLY B 56 12.12 15.76 17.30
CA GLY B 56 11.24 15.85 16.15
C GLY B 56 11.87 15.28 14.91
N HIS B 57 11.18 15.42 13.78
CA HIS B 57 11.64 14.90 12.50
C HIS B 57 11.78 16.01 11.47
N PHE B 58 12.32 15.65 10.31
CA PHE B 58 12.50 16.60 9.22
C PHE B 58 12.80 15.93 7.88
N TYR B 59 13.07 14.63 7.91
CA TYR B 59 13.36 13.91 6.68
C TYR B 59 13.46 12.43 6.97
N SER B 60 12.60 11.66 6.30
CA SER B 60 12.50 10.22 6.48
C SER B 60 13.71 9.32 6.21
N ARG B 61 14.77 9.86 5.61
CA ARG B 61 15.96 9.02 5.37
C ARG B 61 16.74 8.96 6.68
N ILE B 62 16.72 10.08 7.41
CA ILE B 62 17.41 10.16 8.68
C ILE B 62 16.62 9.43 9.75
N SER B 63 15.34 9.79 9.87
CA SER B 63 14.45 9.16 10.85
C SER B 63 12.98 9.41 10.52
N ASN B 64 12.18 8.35 10.62
CA ASN B 64 10.75 8.42 10.36
C ASN B 64 10.01 7.76 11.53
N PRO B 65 8.87 8.34 11.95
CA PRO B 65 8.02 7.87 13.05
C PRO B 65 7.55 6.43 12.99
N THR B 66 7.16 5.98 11.81
CA THR B 66 6.70 4.61 11.64
C THR B 66 7.87 3.65 11.82
N LEU B 67 9.03 4.05 11.30
CA LEU B 67 10.25 3.25 11.37
C LEU B 67 10.76 3.26 12.79
N ASN B 68 10.52 4.36 13.48
CA ASN B 68 10.95 4.51 14.87
C ASN B 68 10.21 3.54 15.78
N LEU B 69 8.94 3.27 15.45
CA LEU B 69 8.12 2.34 16.24
C LEU B 69 8.60 0.93 15.97
N LEU B 70 8.87 0.64 14.70
CA LEU B 70 9.36 -0.65 14.25
C LEU B 70 10.69 -0.90 14.96
N GLU B 71 11.52 0.14 14.97
CA GLU B 71 12.85 0.12 15.59
C GLU B 71 12.83 -0.08 17.11
N ALA B 72 12.04 0.73 17.81
CA ALA B 72 11.93 0.63 19.25
C ALA B 72 11.47 -0.76 19.64
N ARG B 73 10.49 -1.27 18.91
CA ARG B 73 9.95 -2.59 19.16
C ARG B 73 10.98 -3.69 18.95
N MET B 74 11.68 -3.65 17.83
CA MET B 74 12.68 -4.66 17.55
C MET B 74 13.69 -4.63 18.69
N ALA B 75 14.06 -3.43 19.12
CA ALA B 75 15.03 -3.32 20.21
C ALA B 75 14.55 -4.11 21.41
N SER B 76 13.31 -3.89 21.81
CA SER B 76 12.73 -4.59 22.95
C SER B 76 12.75 -6.11 22.81
N LEU B 77 12.47 -6.60 21.63
CA LEU B 77 12.47 -8.03 21.41
C LEU B 77 13.86 -8.63 21.56
N GLU B 78 14.90 -7.84 21.27
CA GLU B 78 16.27 -8.31 21.38
C GLU B 78 16.97 -7.88 22.66
N GLY B 79 16.23 -7.23 23.56
CA GLY B 79 16.84 -6.79 24.80
C GLY B 79 17.97 -5.84 24.49
N GLY B 80 17.72 -4.95 23.53
CA GLY B 80 18.72 -3.97 23.13
C GLY B 80 18.34 -2.52 23.40
N GLU B 81 19.34 -1.66 23.44
CA GLU B 81 19.14 -0.24 23.72
C GLU B 81 18.43 0.51 22.59
N ALA B 82 18.86 0.28 21.35
CA ALA B 82 18.29 0.99 20.22
C ALA B 82 18.27 0.16 18.96
N GLY B 83 17.38 0.50 18.03
CA GLY B 83 17.28 -0.23 16.76
C GLY B 83 17.35 0.71 15.57
N LEU B 84 17.51 0.15 14.37
CA LEU B 84 17.60 0.96 13.15
C LEU B 84 16.94 0.15 12.02
N ALA B 85 16.05 0.80 11.26
CA ALA B 85 15.34 0.13 10.16
C ALA B 85 15.93 0.49 8.79
N LEU B 86 16.16 -0.52 7.96
CA LEU B 86 16.75 -0.26 6.65
C LEU B 86 16.08 -1.00 5.52
N ALA B 87 16.45 -0.62 4.29
CA ALA B 87 15.86 -1.18 3.08
C ALA B 87 16.03 -2.65 2.83
N SER B 88 16.95 -3.29 3.54
CA SER B 88 17.15 -4.72 3.36
C SER B 88 18.21 -5.24 4.30
N GLY B 89 18.33 -6.56 4.36
CA GLY B 89 19.33 -7.17 5.21
C GLY B 89 20.71 -6.61 4.94
N MET B 90 21.10 -6.52 3.67
CA MET B 90 22.41 -5.98 3.27
C MET B 90 22.55 -4.48 3.57
N GLY B 91 21.41 -3.81 3.73
CA GLY B 91 21.46 -2.40 4.06
C GLY B 91 21.94 -2.26 5.49
N ALA B 92 21.54 -3.21 6.34
CA ALA B 92 21.94 -3.22 7.74
C ALA B 92 23.38 -3.71 7.88
N ILE B 93 23.68 -4.80 7.20
CA ILE B 93 25.02 -5.38 7.23
C ILE B 93 26.09 -4.36 6.78
N THR B 94 25.90 -3.81 5.59
CA THR B 94 26.82 -2.83 5.03
C THR B 94 26.79 -1.50 5.75
N SER B 95 25.62 -1.09 6.24
CA SER B 95 25.50 0.19 6.93
C SER B 95 26.20 0.12 8.27
N THR B 96 26.19 -1.06 8.86
CA THR B 96 26.83 -1.28 10.15
C THR B 96 28.33 -1.23 9.97
N LEU B 97 28.84 -2.13 9.13
CA LEU B 97 30.27 -2.24 8.88
C LEU B 97 30.92 -1.02 8.25
N TRP B 98 30.24 -0.39 7.30
CA TRP B 98 30.79 0.79 6.66
C TRP B 98 31.14 1.87 7.70
N THR B 99 30.40 1.95 8.81
CA THR B 99 30.69 2.97 9.81
C THR B 99 31.62 2.53 10.94
N LEU B 100 31.60 1.25 11.28
CA LEU B 100 32.46 0.72 12.33
C LEU B 100 33.90 0.48 11.84
N LEU B 101 34.05 0.03 10.60
CA LEU B 101 35.35 -0.26 10.02
C LEU B 101 35.98 0.82 9.15
N ARG B 102 37.32 0.91 9.20
CA ARG B 102 38.05 1.89 8.40
C ARG B 102 39.22 1.17 7.77
N PRO B 103 39.95 1.85 6.88
CA PRO B 103 41.10 1.19 6.26
C PRO B 103 42.19 0.95 7.29
N GLY B 104 42.69 -0.28 7.35
CA GLY B 104 43.72 -0.61 8.31
C GLY B 104 43.20 -1.52 9.40
N ASP B 105 41.91 -1.45 9.69
CA ASP B 105 41.31 -2.28 10.73
C ASP B 105 41.17 -3.70 10.20
N GLU B 106 40.98 -4.65 11.11
CA GLU B 106 40.83 -6.04 10.73
C GLU B 106 39.48 -6.50 11.25
N VAL B 107 38.89 -7.49 10.60
CA VAL B 107 37.61 -8.01 11.05
C VAL B 107 37.70 -9.54 10.97
N LEU B 108 37.30 -10.22 12.03
CA LEU B 108 37.34 -11.68 12.01
C LEU B 108 35.93 -12.10 11.58
N LEU B 109 35.89 -13.01 10.61
CA LEU B 109 34.63 -13.51 10.05
C LEU B 109 34.43 -14.97 10.39
N GLY B 110 33.18 -15.42 10.36
CA GLY B 110 32.89 -16.81 10.62
C GLY B 110 33.13 -17.56 9.32
N ASN B 111 33.67 -18.77 9.42
CA ASN B 111 33.96 -19.56 8.24
C ASN B 111 32.99 -19.34 7.09
N THR B 112 31.70 -19.55 7.35
CA THR B 112 30.70 -19.36 6.31
C THR B 112 29.76 -18.20 6.59
N LEU B 113 29.51 -17.42 5.54
CA LEU B 113 28.63 -16.27 5.62
C LEU B 113 27.59 -16.36 4.51
N TYR B 114 26.68 -15.39 4.51
CA TYR B 114 25.63 -15.29 3.51
C TYR B 114 26.32 -14.89 2.22
N GLY B 115 25.93 -15.55 1.12
CA GLY B 115 26.51 -15.25 -0.17
C GLY B 115 26.88 -13.80 -0.37
N CYS B 116 25.89 -12.92 -0.34
CA CYS B 116 26.13 -11.49 -0.54
C CYS B 116 27.01 -10.89 0.55
N THR B 117 26.90 -11.39 1.79
CA THR B 117 27.72 -10.84 2.86
C THR B 117 29.19 -11.15 2.60
N PHE B 118 29.44 -12.30 1.99
CA PHE B 118 30.78 -12.72 1.66
C PHE B 118 31.33 -11.82 0.57
N ALA B 119 30.50 -11.57 -0.44
CA ALA B 119 30.86 -10.74 -1.58
C ALA B 119 31.16 -9.33 -1.17
N PHE B 120 30.36 -8.80 -0.25
CA PHE B 120 30.56 -7.43 0.22
C PHE B 120 31.87 -7.36 0.98
N LEU B 121 32.10 -8.36 1.83
CA LEU B 121 33.31 -8.43 2.64
C LEU B 121 34.56 -8.57 1.79
N HIS B 122 34.56 -9.56 0.90
CA HIS B 122 35.72 -9.83 0.06
C HIS B 122 35.87 -8.95 -1.16
N HIS B 123 34.77 -8.49 -1.72
CA HIS B 123 34.86 -7.65 -2.90
C HIS B 123 34.35 -6.23 -2.63
N GLY B 124 33.91 -5.99 -1.39
CA GLY B 124 33.41 -4.68 -1.01
C GLY B 124 34.41 -3.91 -0.15
N ILE B 125 34.12 -3.73 1.14
CA ILE B 125 35.02 -3.01 2.04
C ILE B 125 36.42 -3.58 1.91
N GLY B 126 36.49 -4.89 1.67
CA GLY B 126 37.78 -5.56 1.53
C GLY B 126 38.71 -4.89 0.53
N GLU B 127 38.21 -4.55 -0.63
CA GLU B 127 39.04 -3.90 -1.63
C GLU B 127 39.24 -2.42 -1.31
N PHE B 128 38.95 -2.04 -0.07
CA PHE B 128 39.12 -0.65 0.31
C PHE B 128 40.09 -0.47 1.46
N GLY B 129 40.76 -1.55 1.84
CA GLY B 129 41.75 -1.44 2.90
C GLY B 129 41.49 -2.10 4.23
N VAL B 130 40.37 -2.79 4.38
CA VAL B 130 40.05 -3.46 5.63
C VAL B 130 40.49 -4.91 5.57
N LYS B 131 41.17 -5.35 6.63
CA LYS B 131 41.69 -6.71 6.70
C LYS B 131 40.65 -7.72 7.14
N LEU B 132 40.59 -8.84 6.42
CA LEU B 132 39.65 -9.90 6.71
C LEU B 132 40.32 -11.23 7.04
N ARG B 133 39.72 -11.97 7.96
CA ARG B 133 40.24 -13.29 8.34
C ARG B 133 39.09 -14.15 8.84
N HIS B 134 38.94 -15.34 8.29
CA HIS B 134 37.87 -16.26 8.71
C HIS B 134 38.34 -17.17 9.82
N VAL B 135 37.57 -17.24 10.90
CA VAL B 135 37.90 -18.07 12.05
C VAL B 135 36.69 -18.82 12.58
N ASP B 136 36.84 -20.13 12.80
CA ASP B 136 35.75 -20.91 13.33
C ASP B 136 35.38 -20.32 14.67
N MET B 137 34.31 -19.52 14.67
CA MET B 137 33.81 -18.85 15.87
C MET B 137 33.36 -19.82 16.98
N ALA B 138 33.52 -21.11 16.74
CA ALA B 138 33.14 -22.12 17.73
C ALA B 138 34.41 -22.52 18.46
N ASP B 139 35.56 -22.22 17.85
CA ASP B 139 36.85 -22.53 18.44
C ASP B 139 37.39 -21.26 19.07
N LEU B 140 37.27 -21.18 20.40
CA LEU B 140 37.73 -20.02 21.15
C LEU B 140 39.24 -19.97 21.30
N GLN B 141 39.89 -21.12 21.11
CA GLN B 141 41.33 -21.20 21.20
C GLN B 141 41.90 -20.43 20.01
N ALA B 142 41.38 -20.74 18.83
CA ALA B 142 41.80 -20.11 17.59
C ALA B 142 41.41 -18.63 17.55
N LEU B 143 40.22 -18.32 18.03
CA LEU B 143 39.76 -16.93 18.04
C LEU B 143 40.78 -16.10 18.79
N GLU B 144 41.07 -16.51 20.03
CA GLU B 144 42.05 -15.81 20.89
C GLU B 144 43.36 -15.66 20.11
N ALA B 145 43.74 -16.71 19.40
CA ALA B 145 44.97 -16.70 18.63
C ALA B 145 44.89 -15.62 17.57
N ALA B 146 43.87 -15.72 16.70
CA ALA B 146 43.67 -14.78 15.61
C ALA B 146 43.58 -13.31 16.03
N MET B 147 43.13 -13.04 17.24
CA MET B 147 43.00 -11.68 17.72
C MET B 147 44.28 -10.88 17.52
N THR B 148 44.12 -9.58 17.31
CA THR B 148 45.26 -8.69 17.11
C THR B 148 44.89 -7.33 17.67
N PRO B 149 45.87 -6.42 17.83
CA PRO B 149 45.50 -5.12 18.36
C PRO B 149 44.69 -4.35 17.32
N ALA B 150 44.72 -4.83 16.08
CA ALA B 150 44.01 -4.19 14.98
C ALA B 150 42.61 -4.74 14.69
N THR B 151 42.29 -5.94 15.17
CA THR B 151 40.98 -6.50 14.90
C THR B 151 39.94 -5.59 15.54
N ARG B 152 39.09 -5.01 14.70
CA ARG B 152 38.04 -4.07 15.14
C ARG B 152 36.68 -4.69 15.41
N VAL B 153 36.27 -5.64 14.58
CA VAL B 153 34.98 -6.28 14.80
C VAL B 153 34.98 -7.75 14.45
N ILE B 154 34.19 -8.53 15.21
CA ILE B 154 34.04 -9.95 14.98
C ILE B 154 32.63 -10.06 14.43
N TYR B 155 32.47 -10.69 13.27
CA TYR B 155 31.18 -10.80 12.63
C TYR B 155 30.91 -12.24 12.22
N PHE B 156 29.73 -12.74 12.57
CA PHE B 156 29.37 -14.11 12.23
C PHE B 156 27.86 -14.34 12.33
N GLU B 157 27.41 -15.47 11.80
CA GLU B 157 26.01 -15.86 11.84
C GLU B 157 25.96 -17.16 12.62
N SER B 158 24.90 -17.34 13.41
CA SER B 158 24.75 -18.56 14.20
C SER B 158 23.27 -18.84 14.39
N PRO B 159 22.78 -19.99 13.87
CA PRO B 159 23.57 -20.98 13.13
C PRO B 159 24.07 -20.41 11.82
N ALA B 160 24.94 -21.15 11.14
CA ALA B 160 25.47 -20.71 9.87
C ALA B 160 25.28 -21.82 8.87
N ASN B 161 25.52 -21.52 7.60
CA ASN B 161 25.39 -22.53 6.57
C ASN B 161 26.75 -23.16 6.30
N PRO B 162 26.77 -24.30 5.59
CA PRO B 162 25.61 -24.99 5.04
C PRO B 162 25.09 -26.07 5.98
N ASN B 163 25.63 -26.12 7.19
CA ASN B 163 25.23 -27.14 8.14
C ASN B 163 24.64 -26.65 9.46
N MET B 164 24.24 -25.39 9.55
CA MET B 164 23.69 -24.88 10.79
C MET B 164 24.75 -24.92 11.89
N HIS B 165 25.99 -24.63 11.52
CA HIS B 165 27.09 -24.63 12.47
C HIS B 165 26.92 -23.45 13.44
N MET B 166 26.90 -23.74 14.75
CA MET B 166 26.76 -22.71 15.76
C MET B 166 28.10 -22.19 16.25
N ALA B 167 28.05 -21.07 16.95
CA ALA B 167 29.22 -20.43 17.52
C ALA B 167 28.93 -20.28 19.02
N ASP B 168 29.96 -19.94 19.79
CA ASP B 168 29.79 -19.74 21.22
C ASP B 168 29.73 -18.24 21.43
N ILE B 169 28.54 -17.68 21.22
CA ILE B 169 28.36 -16.23 21.33
C ILE B 169 28.94 -15.62 22.58
N ALA B 170 28.61 -16.15 23.74
CA ALA B 170 29.15 -15.60 24.97
C ALA B 170 30.67 -15.85 25.01
N GLY B 171 31.09 -16.94 24.39
CA GLY B 171 32.51 -17.28 24.36
C GLY B 171 33.36 -16.25 23.66
N VAL B 172 32.93 -15.82 22.48
CA VAL B 172 33.66 -14.83 21.71
C VAL B 172 33.42 -13.43 22.27
N ALA B 173 32.29 -13.24 22.94
CA ALA B 173 31.98 -11.96 23.54
C ALA B 173 33.00 -11.66 24.63
N LYS B 174 33.36 -12.68 25.41
CA LYS B 174 34.33 -12.50 26.49
C LYS B 174 35.69 -12.11 25.91
N ILE B 175 36.11 -12.82 24.88
CA ILE B 175 37.38 -12.55 24.20
C ILE B 175 37.37 -11.15 23.60
N ALA B 176 36.31 -10.82 22.86
CA ALA B 176 36.20 -9.49 22.23
C ALA B 176 36.33 -8.36 23.24
N ARG B 177 35.83 -8.60 24.46
CA ARG B 177 35.88 -7.60 25.54
C ARG B 177 37.28 -7.27 26.04
N LYS B 178 38.10 -8.29 26.26
CA LYS B 178 39.47 -8.09 26.74
C LYS B 178 40.26 -7.25 25.74
N HIS B 179 40.24 -7.67 24.48
CA HIS B 179 40.95 -6.98 23.42
C HIS B 179 40.30 -5.65 23.04
N GLY B 180 38.98 -5.60 23.13
CA GLY B 180 38.28 -4.36 22.79
C GLY B 180 37.75 -4.34 21.38
N ALA B 181 37.16 -5.46 20.95
CA ALA B 181 36.59 -5.57 19.62
C ALA B 181 35.06 -5.62 19.72
N THR B 182 34.40 -5.19 18.66
CA THR B 182 32.94 -5.14 18.60
C THR B 182 32.36 -6.40 17.96
N VAL B 183 31.57 -7.14 18.73
CA VAL B 183 30.95 -8.36 18.20
C VAL B 183 29.58 -8.04 17.63
N VAL B 184 29.39 -8.31 16.35
CA VAL B 184 28.11 -8.09 15.70
C VAL B 184 27.70 -9.43 15.10
N VAL B 185 26.52 -9.91 15.49
CA VAL B 185 26.01 -11.19 15.06
C VAL B 185 24.79 -11.04 14.13
N ASP B 186 24.71 -11.87 13.09
CA ASP B 186 23.60 -11.82 12.16
C ASP B 186 22.60 -12.84 12.66
N ASN B 187 21.64 -12.34 13.42
CA ASN B 187 20.59 -13.18 14.03
C ASN B 187 19.36 -13.42 13.15
N THR B 188 19.54 -13.53 11.84
CA THR B 188 18.43 -13.74 10.92
C THR B 188 17.62 -15.03 11.07
N TYR B 189 18.32 -16.16 11.07
CA TYR B 189 17.66 -17.47 11.18
C TYR B 189 16.78 -17.70 12.40
N CYS B 190 17.26 -17.27 13.57
CA CYS B 190 16.56 -17.46 14.84
C CYS B 190 15.43 -16.49 15.18
N THR B 191 15.67 -15.22 14.92
CA THR B 191 14.76 -14.13 15.24
C THR B 191 14.98 -13.92 16.71
N PRO B 192 14.68 -12.72 17.21
CA PRO B 192 14.86 -12.43 18.63
C PRO B 192 14.02 -13.33 19.54
N TYR B 193 13.23 -14.21 18.93
CA TYR B 193 12.33 -15.09 19.67
C TYR B 193 12.97 -16.44 20.01
N LEU B 194 13.99 -16.82 19.26
CA LEU B 194 14.67 -18.08 19.47
C LEU B 194 16.06 -17.84 20.05
N GLN B 195 16.56 -16.63 19.91
CA GLN B 195 17.89 -16.32 20.40
C GLN B 195 18.10 -14.82 20.47
N ARG B 196 18.77 -14.35 21.52
CA ARG B 196 19.05 -12.92 21.72
C ARG B 196 20.55 -12.67 21.91
N PRO B 197 21.33 -12.71 20.83
CA PRO B 197 22.78 -12.49 20.85
C PRO B 197 23.23 -11.38 21.77
N LEU B 198 22.47 -10.30 21.78
CA LEU B 198 22.82 -9.15 22.61
C LEU B 198 22.94 -9.52 24.08
N GLU B 199 22.08 -10.44 24.52
CA GLU B 199 22.06 -10.89 25.92
C GLU B 199 23.20 -11.88 26.22
N LEU B 200 23.74 -12.49 25.16
CA LEU B 200 24.84 -13.43 25.28
C LEU B 200 26.17 -12.66 25.28
N GLY B 201 26.11 -11.35 25.06
CA GLY B 201 27.32 -10.56 25.07
C GLY B 201 27.60 -9.75 23.82
N ALA B 202 26.96 -10.15 22.71
CA ALA B 202 27.14 -9.44 21.45
C ALA B 202 26.92 -7.95 21.63
N ASP B 203 27.47 -7.15 20.73
CA ASP B 203 27.34 -5.70 20.80
C ASP B 203 26.27 -5.15 19.85
N LEU B 204 26.10 -5.84 18.73
CA LEU B 204 25.14 -5.44 17.71
C LEU B 204 24.57 -6.69 17.08
N VAL B 205 23.34 -6.60 16.57
CA VAL B 205 22.73 -7.72 15.88
C VAL B 205 22.15 -7.11 14.63
N VAL B 206 22.35 -7.77 13.50
CA VAL B 206 21.80 -7.26 12.26
C VAL B 206 20.77 -8.30 11.83
N HIS B 207 19.74 -7.85 11.12
CA HIS B 207 18.69 -8.76 10.71
C HIS B 207 18.26 -8.57 9.28
N SER B 208 17.89 -9.66 8.63
CA SER B 208 17.35 -9.63 7.28
C SER B 208 15.86 -9.89 7.58
N ALA B 209 15.11 -8.82 7.80
CA ALA B 209 13.69 -8.95 8.12
C ALA B 209 12.91 -9.47 6.94
N THR B 210 13.60 -9.61 5.81
CA THR B 210 13.00 -10.13 4.59
C THR B 210 12.55 -11.56 4.83
N1 LLP B 211 21.71 -12.60 6.35
C2 LLP B 211 21.06 -13.75 6.27
C2' LLP B 211 21.33 -14.86 7.28
C3 LLP B 211 20.13 -13.99 5.26
O3 LLP B 211 19.58 -15.09 5.20
C4 LLP B 211 19.83 -13.04 4.28
C4' LLP B 211 18.75 -13.35 3.25
C5 LLP B 211 20.50 -11.80 4.29
C6 LLP B 211 21.51 -11.49 5.40
C5' LLP B 211 20.27 -10.80 3.17
OP4 LLP B 211 19.15 -10.01 3.51
P LLP B 211 18.48 -9.22 2.45
OP1 LLP B 211 17.16 -8.75 2.96
OP2 LLP B 211 18.27 -10.05 1.24
OP3 LLP B 211 19.31 -8.04 2.09
N LLP B 211 13.17 -12.21 5.80
CA LLP B 211 12.85 -13.60 6.08
CB LLP B 211 14.15 -14.36 6.40
CG LLP B 211 15.34 -13.92 5.54
CD LLP B 211 15.05 -14.11 4.04
CE LLP B 211 16.26 -13.81 3.15
NZ LLP B 211 17.51 -13.74 3.90
C LLP B 211 11.80 -13.84 7.17
O LLP B 211 10.63 -13.48 6.99
N TYR B 212 12.20 -14.44 8.27
CA TYR B 212 11.25 -14.76 9.32
C TYR B 212 10.47 -13.58 9.89
N LEU B 213 11.15 -12.48 10.19
CA LEU B 213 10.48 -11.32 10.78
C LEU B 213 9.23 -10.90 9.98
N SER B 214 9.37 -10.69 8.68
CA SER B 214 8.21 -10.32 7.86
C SER B 214 7.33 -11.58 7.77
N GLY B 215 7.99 -12.74 7.68
CA GLY B 215 7.31 -14.02 7.61
C GLY B 215 6.42 -14.31 6.43
N HIS B 216 6.08 -13.29 5.64
CA HIS B 216 5.19 -13.53 4.50
C HIS B 216 5.79 -13.28 3.13
N GLY B 217 7.09 -13.01 3.09
CA GLY B 217 7.81 -12.79 1.84
C GLY B 217 7.30 -11.76 0.85
N ASP B 218 6.76 -10.66 1.33
CA ASP B 218 6.23 -9.64 0.44
C ASP B 218 7.05 -8.36 0.51
N ILE B 219 7.96 -8.30 1.47
CA ILE B 219 8.79 -7.13 1.64
C ILE B 219 10.26 -7.53 1.82
N THR B 220 11.14 -6.56 1.55
CA THR B 220 12.58 -6.73 1.71
C THR B 220 12.92 -5.65 2.74
N ALA B 221 13.58 -6.02 3.82
CA ALA B 221 13.93 -5.06 4.86
C ALA B 221 15.04 -5.62 5.72
N GLY B 222 15.71 -4.72 6.43
CA GLY B 222 16.79 -5.13 7.30
C GLY B 222 16.61 -4.42 8.62
N ILE B 223 17.32 -4.89 9.65
CA ILE B 223 17.20 -4.28 10.98
C ILE B 223 18.52 -4.37 11.73
N VAL B 224 18.87 -3.29 12.43
CA VAL B 224 20.10 -3.26 13.22
C VAL B 224 19.70 -2.88 14.64
N VAL B 225 20.09 -3.70 15.62
CA VAL B 225 19.79 -3.45 17.02
C VAL B 225 21.05 -3.51 17.86
N GLY B 226 21.22 -2.55 18.76
CA GLY B 226 22.40 -2.54 19.59
C GLY B 226 22.35 -1.45 20.64
N SER B 227 23.51 -0.92 21.00
CA SER B 227 23.56 0.15 21.99
C SER B 227 23.17 1.47 21.32
N GLN B 228 22.67 2.42 22.11
CA GLN B 228 22.25 3.71 21.57
C GLN B 228 23.38 4.45 20.87
N ALA B 229 24.59 4.34 21.42
CA ALA B 229 25.75 4.99 20.85
C ALA B 229 26.13 4.33 19.54
N LEU B 230 26.15 3.00 19.53
CA LEU B 230 26.49 2.27 18.33
C LEU B 230 25.46 2.53 17.23
N VAL B 231 24.18 2.39 17.57
CA VAL B 231 23.13 2.57 16.59
C VAL B 231 22.99 4.00 16.10
N ASP B 232 23.23 4.98 16.95
CA ASP B 232 23.13 6.38 16.54
C ASP B 232 24.16 6.66 15.45
N ARG B 233 25.39 6.19 15.68
CA ARG B 233 26.47 6.38 14.73
C ARG B 233 26.17 5.73 13.39
N ILE B 234 25.60 4.54 13.43
CA ILE B 234 25.27 3.79 12.22
C ILE B 234 24.15 4.50 11.47
N ARG B 235 23.28 5.17 12.21
CA ARG B 235 22.17 5.88 11.61
C ARG B 235 22.71 7.12 10.94
N LEU B 236 23.42 7.94 11.70
CA LEU B 236 23.97 9.19 11.21
C LEU B 236 25.12 9.11 10.20
N GLN B 237 25.63 7.91 9.93
CA GLN B 237 26.74 7.78 8.99
C GLN B 237 26.54 6.66 8.00
N GLY B 238 26.35 5.45 8.50
CA GLY B 238 26.15 4.32 7.63
C GLY B 238 24.94 4.49 6.72
N LEU B 239 23.76 4.71 7.31
CA LEU B 239 22.54 4.87 6.53
C LEU B 239 22.47 6.20 5.79
N LYS B 240 22.54 7.29 6.54
CA LYS B 240 22.46 8.64 6.01
C LYS B 240 23.37 9.02 4.83
N ASP B 241 24.66 8.75 4.94
CA ASP B 241 25.59 9.14 3.89
C ASP B 241 26.14 8.05 3.00
N MET B 242 26.58 6.94 3.60
CA MET B 242 27.21 5.86 2.83
C MET B 242 26.37 4.75 2.23
N THR B 243 25.08 4.72 2.52
CA THR B 243 24.20 3.66 2.01
C THR B 243 22.86 4.19 1.49
N GLY B 244 22.22 5.04 2.29
CA GLY B 244 20.93 5.58 1.91
C GLY B 244 19.88 4.48 1.77
N ALA B 245 20.11 3.34 2.41
CA ALA B 245 19.17 2.21 2.34
C ALA B 245 17.96 2.44 3.23
N VAL B 246 17.19 3.48 2.90
CA VAL B 246 15.99 3.86 3.65
C VAL B 246 14.82 2.92 3.45
N LEU B 247 14.16 2.55 4.54
CA LEU B 247 13.01 1.65 4.50
C LEU B 247 11.74 2.47 4.35
N SER B 248 10.85 2.00 3.48
CA SER B 248 9.61 2.69 3.22
C SER B 248 8.56 2.40 4.28
N PRO B 249 8.01 3.45 4.90
CA PRO B 249 6.99 3.30 5.92
C PRO B 249 5.94 2.23 5.61
N HIS B 250 5.60 2.09 4.33
CA HIS B 250 4.62 1.09 3.96
C HIS B 250 5.14 -0.30 4.30
N ASP B 251 6.41 -0.54 4.00
CA ASP B 251 7.02 -1.82 4.28
C ASP B 251 7.32 -2.00 5.75
N ALA B 252 7.80 -0.95 6.41
CA ALA B 252 8.07 -1.05 7.84
C ALA B 252 6.80 -1.45 8.60
N ALA B 253 5.65 -0.99 8.12
CA ALA B 253 4.38 -1.30 8.75
C ALA B 253 3.95 -2.74 8.45
N LEU B 254 4.32 -3.22 7.28
CA LEU B 254 3.98 -4.59 6.91
C LEU B 254 4.82 -5.52 7.79
N LEU B 255 6.04 -5.09 8.06
CA LEU B 255 6.96 -5.84 8.91
C LEU B 255 6.40 -5.93 10.33
N MET B 256 5.87 -4.82 10.85
CA MET B 256 5.30 -4.79 12.19
C MET B 256 4.06 -5.66 12.26
N ARG B 257 3.44 -5.89 11.10
CA ARG B 257 2.26 -6.74 11.03
C ARG B 257 2.70 -8.19 11.10
N GLY B 258 3.84 -8.49 10.46
CA GLY B 258 4.35 -9.84 10.47
C GLY B 258 4.83 -10.18 11.87
N ILE B 259 5.62 -9.29 12.46
CA ILE B 259 6.15 -9.52 13.78
C ILE B 259 5.05 -9.88 14.78
N LYS B 260 3.86 -9.37 14.56
CA LYS B 260 2.74 -9.62 15.47
C LYS B 260 2.36 -11.09 15.58
N THR B 261 2.95 -11.93 14.76
CA THR B 261 2.67 -13.35 14.85
C THR B 261 3.98 -14.14 14.89
N LEU B 262 5.08 -13.43 15.17
CA LEU B 262 6.39 -14.05 15.21
C LEU B 262 6.36 -15.35 16.01
N ASN B 263 6.10 -15.27 17.30
CA ASN B 263 6.08 -16.47 18.14
C ASN B 263 5.20 -17.59 17.58
N LEU B 264 3.97 -17.27 17.17
CA LEU B 264 3.08 -18.29 16.63
C LEU B 264 3.68 -18.96 15.42
N ARG B 265 4.16 -18.15 14.49
CA ARG B 265 4.75 -18.65 13.26
C ARG B 265 6.04 -19.46 13.49
N MET B 266 6.90 -18.97 14.37
CA MET B 266 8.15 -19.68 14.66
C MET B 266 7.90 -21.04 15.35
N ASP B 267 6.83 -21.14 16.13
CA ASP B 267 6.48 -22.39 16.81
C ASP B 267 6.06 -23.44 15.78
N ARG B 268 5.34 -23.02 14.74
CA ARG B 268 4.91 -23.98 13.73
C ARG B 268 6.05 -24.39 12.85
N HIS B 269 6.96 -23.46 12.59
CA HIS B 269 8.12 -23.74 11.76
C HIS B 269 8.96 -24.80 12.45
N CYS B 270 9.20 -24.61 13.74
CA CYS B 270 10.03 -25.54 14.51
C CYS B 270 9.34 -26.88 14.69
N ALA B 271 8.03 -26.86 14.83
CA ALA B 271 7.26 -28.08 15.00
C ALA B 271 7.28 -28.91 13.72
N ASN B 272 7.10 -28.23 12.59
CA ASN B 272 7.09 -28.88 11.28
C ASN B 272 8.46 -29.40 10.86
N ALA B 273 9.50 -28.61 11.11
CA ALA B 273 10.86 -28.98 10.76
C ALA B 273 11.32 -30.22 11.51
N GLN B 274 11.07 -30.26 12.81
CA GLN B 274 11.47 -31.39 13.63
C GLN B 274 10.95 -32.67 13.02
N VAL B 275 9.65 -32.71 12.77
CA VAL B 275 9.03 -33.89 12.19
C VAL B 275 9.63 -34.28 10.85
N LEU B 276 10.00 -33.30 10.03
CA LEU B 276 10.59 -33.60 8.73
C LEU B 276 12.01 -34.13 8.93
N ALA B 277 12.73 -33.52 9.86
CA ALA B 277 14.10 -33.93 10.16
C ALA B 277 14.07 -35.37 10.64
N GLU B 278 13.17 -35.66 11.57
CA GLU B 278 13.03 -37.02 12.09
C GLU B 278 12.90 -37.98 10.92
N PHE B 279 11.97 -37.67 10.03
CA PHE B 279 11.68 -38.48 8.85
C PHE B 279 12.88 -38.62 7.91
N LEU B 280 13.42 -37.49 7.47
CA LEU B 280 14.55 -37.49 6.58
C LEU B 280 15.68 -38.37 7.11
N ALA B 281 15.90 -38.31 8.41
CA ALA B 281 16.96 -39.10 9.03
C ALA B 281 16.87 -40.58 8.70
N ARG B 282 15.75 -41.22 9.00
CA ARG B 282 15.58 -42.65 8.74
C ARG B 282 15.48 -43.02 7.26
N GLN B 283 15.71 -42.05 6.38
CA GLN B 283 15.61 -42.29 4.94
C GLN B 283 16.90 -42.80 4.33
N PRO B 284 16.82 -43.90 3.54
CA PRO B 284 17.97 -44.52 2.88
C PRO B 284 18.59 -43.63 1.84
N GLN B 285 17.81 -42.66 1.36
CA GLN B 285 18.31 -41.73 0.36
C GLN B 285 19.19 -40.70 1.06
N VAL B 286 18.96 -40.51 2.35
CA VAL B 286 19.72 -39.51 3.08
C VAL B 286 21.03 -40.02 3.66
N GLU B 287 22.11 -39.35 3.27
CA GLU B 287 23.46 -39.68 3.74
C GLU B 287 23.80 -38.92 5.01
N LEU B 288 23.51 -37.62 5.02
CA LEU B 288 23.76 -36.76 6.18
C LEU B 288 22.52 -35.88 6.42
N ILE B 289 22.33 -35.45 7.67
CA ILE B 289 21.19 -34.59 7.99
C ILE B 289 21.59 -33.53 9.01
N HIS B 290 21.37 -32.26 8.67
CA HIS B 290 21.74 -31.19 9.58
C HIS B 290 20.54 -30.43 10.14
N TYR B 291 20.05 -30.85 11.31
CA TYR B 291 18.94 -30.19 11.98
C TYR B 291 19.22 -30.12 13.47
N PRO B 292 19.40 -28.90 14.00
CA PRO B 292 19.70 -28.70 15.42
C PRO B 292 18.74 -29.34 16.40
N GLY B 293 17.63 -29.88 15.91
CA GLY B 293 16.65 -30.48 16.79
C GLY B 293 16.85 -31.95 17.05
N LEU B 294 17.81 -32.55 16.34
CA LEU B 294 18.11 -33.97 16.48
C LEU B 294 19.19 -34.11 17.57
N ALA B 295 19.06 -35.14 18.40
CA ALA B 295 20.01 -35.37 19.49
C ALA B 295 21.42 -35.73 18.98
N SER B 296 21.50 -36.03 17.69
CA SER B 296 22.75 -36.41 17.04
C SER B 296 23.49 -35.17 16.52
N PHE B 297 22.82 -34.02 16.55
CA PHE B 297 23.42 -32.77 16.08
C PHE B 297 24.74 -32.51 16.79
N PRO B 298 25.85 -32.55 16.05
CA PRO B 298 27.16 -32.30 16.65
C PRO B 298 27.11 -31.36 17.83
N GLN B 299 26.59 -30.15 17.61
CA GLN B 299 26.53 -29.17 18.68
C GLN B 299 25.17 -29.02 19.35
N TYR B 300 24.52 -30.17 19.59
CA TYR B 300 23.23 -30.20 20.24
C TYR B 300 23.23 -29.33 21.49
N THR B 301 24.04 -29.73 22.47
CA THR B 301 24.12 -28.98 23.73
C THR B 301 24.36 -27.48 23.60
N LEU B 302 25.38 -27.06 22.85
CA LEU B 302 25.64 -25.63 22.68
C LEU B 302 24.37 -24.94 22.15
N ALA B 303 23.80 -25.51 21.10
CA ALA B 303 22.59 -24.97 20.48
C ALA B 303 21.50 -24.66 21.48
N ARG B 304 21.20 -25.61 22.35
CA ARG B 304 20.16 -25.43 23.34
C ARG B 304 20.55 -24.48 24.46
N GLN B 305 21.79 -24.01 24.44
CA GLN B 305 22.25 -23.07 25.44
C GLN B 305 22.04 -21.64 24.92
N GLN B 306 21.93 -21.51 23.60
CA GLN B 306 21.75 -20.21 22.97
C GLN B 306 20.39 -20.05 22.30
N MET B 307 19.84 -21.14 21.78
CA MET B 307 18.57 -21.13 21.08
C MET B 307 17.40 -21.71 21.86
N SER B 308 16.35 -20.91 22.03
CA SER B 308 15.16 -21.35 22.77
C SER B 308 14.42 -22.47 22.03
N GLN B 309 14.69 -22.61 20.74
CA GLN B 309 14.07 -23.65 19.92
C GLN B 309 14.97 -23.92 18.71
N PRO B 310 14.80 -25.09 18.05
CA PRO B 310 15.59 -25.52 16.89
C PRO B 310 15.45 -24.81 15.52
N GLY B 311 14.60 -23.79 15.44
CA GLY B 311 14.45 -23.06 14.19
C GLY B 311 13.79 -23.96 13.18
N GLY B 312 13.42 -23.42 12.03
CA GLY B 312 12.75 -24.23 11.02
C GLY B 312 13.52 -24.52 9.74
N MET B 313 14.83 -24.31 9.77
CA MET B 313 15.66 -24.59 8.60
C MET B 313 16.27 -25.97 8.76
N ILE B 314 16.35 -26.74 7.68
CA ILE B 314 16.98 -28.05 7.75
C ILE B 314 17.76 -28.30 6.48
N ALA B 315 18.89 -28.97 6.62
CA ALA B 315 19.73 -29.29 5.46
C ALA B 315 20.09 -30.77 5.53
N PHE B 316 20.19 -31.40 4.37
CA PHE B 316 20.54 -32.80 4.32
C PHE B 316 21.19 -33.07 2.98
N GLU B 317 22.04 -34.09 2.92
CA GLU B 317 22.74 -34.41 1.70
C GLU B 317 22.30 -35.74 1.11
N LEU B 318 21.99 -35.73 -0.18
CA LEU B 318 21.54 -36.91 -0.89
C LEU B 318 22.73 -37.75 -1.32
N LYS B 319 22.60 -39.07 -1.17
CA LYS B 319 23.68 -39.96 -1.52
C LYS B 319 24.02 -39.96 -3.01
N GLY B 320 23.02 -39.75 -3.86
CA GLY B 320 23.24 -39.76 -5.29
C GLY B 320 23.93 -38.57 -5.94
N GLY B 321 24.34 -37.58 -5.16
CA GLY B 321 25.01 -36.42 -5.73
C GLY B 321 24.10 -35.46 -6.46
N ILE B 322 24.69 -34.62 -7.33
CA ILE B 322 23.92 -33.63 -8.08
C ILE B 322 22.74 -34.28 -8.76
N GLY B 323 22.95 -35.47 -9.32
CA GLY B 323 21.88 -36.17 -10.00
C GLY B 323 20.67 -36.31 -9.09
N ALA B 324 20.85 -36.98 -7.96
CA ALA B 324 19.78 -37.18 -6.99
C ALA B 324 19.12 -35.83 -6.67
N GLY B 325 19.95 -34.86 -6.31
CA GLY B 325 19.43 -33.54 -6.01
C GLY B 325 18.56 -32.97 -7.13
N ARG B 326 19.06 -32.99 -8.35
CA ARG B 326 18.30 -32.46 -9.46
C ARG B 326 16.95 -33.14 -9.59
N ARG B 327 16.94 -34.46 -9.46
CA ARG B 327 15.69 -35.22 -9.58
C ARG B 327 14.79 -34.95 -8.38
N PHE B 328 15.38 -34.85 -7.20
CA PHE B 328 14.63 -34.58 -5.99
C PHE B 328 13.92 -33.24 -6.10
N MET B 329 14.70 -32.20 -6.37
CA MET B 329 14.17 -30.86 -6.50
C MET B 329 13.05 -30.80 -7.55
N ASN B 330 13.36 -31.24 -8.76
CA ASN B 330 12.41 -31.22 -9.85
C ASN B 330 11.10 -31.98 -9.58
N ALA B 331 11.12 -32.92 -8.63
CA ALA B 331 9.92 -33.70 -8.33
C ALA B 331 9.07 -33.05 -7.25
N LEU B 332 9.59 -32.01 -6.61
CA LEU B 332 8.87 -31.31 -5.55
C LEU B 332 7.63 -30.59 -6.08
N GLN B 333 6.49 -30.79 -5.42
CA GLN B 333 5.21 -30.17 -5.81
C GLN B 333 4.72 -29.10 -4.83
N LEU B 334 4.89 -29.33 -3.53
CA LEU B 334 4.46 -28.37 -2.52
C LEU B 334 5.58 -27.43 -2.16
N PHE B 335 6.79 -27.97 -2.07
CA PHE B 335 7.97 -27.15 -1.76
C PHE B 335 8.25 -26.39 -3.05
N SER B 336 8.75 -25.17 -2.90
CA SER B 336 9.08 -24.35 -4.07
C SER B 336 10.59 -24.32 -4.26
N ARG B 337 11.03 -24.36 -5.52
CA ARG B 337 12.45 -24.30 -5.84
C ARG B 337 12.76 -22.81 -5.94
N ALA B 338 13.58 -22.30 -5.04
CA ALA B 338 13.92 -20.88 -5.04
C ALA B 338 14.87 -20.59 -3.89
N VAL B 339 15.30 -19.34 -3.78
CA VAL B 339 16.18 -18.95 -2.69
C VAL B 339 15.36 -18.21 -1.63
N SER B 340 15.98 -17.91 -0.50
CA SER B 340 15.35 -17.21 0.63
C SER B 340 14.76 -18.21 1.62
N LEU B 341 14.18 -17.70 2.69
CA LEU B 341 13.59 -18.56 3.72
C LEU B 341 12.74 -17.70 4.66
N GLY B 342 11.96 -18.37 5.50
CA GLY B 342 11.14 -17.65 6.45
C GLY B 342 9.74 -17.27 6.00
N ASP B 343 9.22 -17.95 4.99
CA ASP B 343 7.88 -17.65 4.48
C ASP B 343 6.93 -18.73 4.93
N ALA B 344 5.64 -18.40 4.92
CA ALA B 344 4.63 -19.37 5.28
C ALA B 344 4.76 -20.47 4.23
N GLU B 345 5.38 -20.13 3.10
CA GLU B 345 5.58 -21.09 2.01
C GLU B 345 6.89 -21.83 2.20
N SER B 346 6.87 -23.13 1.94
CA SER B 346 8.06 -23.96 2.09
C SER B 346 8.97 -23.84 0.87
N LEU B 347 10.21 -23.41 1.10
CA LEU B 347 11.21 -23.23 0.05
C LEU B 347 12.35 -24.25 0.13
N ALA B 348 12.79 -24.75 -1.01
CA ALA B 348 13.88 -25.72 -1.06
C ALA B 348 14.88 -25.36 -2.18
N GLN B 349 16.16 -25.50 -1.88
CA GLN B 349 17.19 -25.19 -2.86
C GLN B 349 18.33 -26.22 -2.83
N HIS B 350 18.97 -26.37 -3.98
CA HIS B 350 20.04 -27.33 -4.17
C HIS B 350 21.17 -26.58 -4.87
N PRO B 351 22.10 -25.99 -4.10
CA PRO B 351 23.21 -25.24 -4.67
C PRO B 351 23.97 -25.86 -5.86
N ALA B 352 24.50 -27.06 -5.69
CA ALA B 352 25.25 -27.70 -6.78
C ALA B 352 24.54 -27.66 -8.14
N SER B 353 23.25 -27.40 -8.16
CA SER B 353 22.53 -27.37 -9.44
C SER B 353 21.73 -26.10 -9.67
N MET B 354 21.83 -25.16 -8.73
CA MET B 354 21.11 -23.89 -8.84
C MET B 354 22.06 -22.71 -8.68
N THR B 355 22.19 -22.15 -7.47
CA THR B 355 23.08 -21.01 -7.27
C THR B 355 24.52 -21.27 -7.71
N HIS B 356 25.14 -22.32 -7.18
CA HIS B 356 26.52 -22.64 -7.52
C HIS B 356 26.64 -23.69 -8.62
N SER B 357 25.66 -23.70 -9.51
CA SER B 357 25.65 -24.65 -10.61
C SER B 357 26.72 -24.30 -11.65
N SER B 358 26.99 -23.01 -11.79
CA SER B 358 28.00 -22.53 -12.75
C SER B 358 29.37 -23.05 -12.33
N TYR B 359 29.43 -23.63 -11.14
CA TYR B 359 30.65 -24.18 -10.61
C TYR B 359 30.92 -25.57 -11.15
N THR B 360 31.69 -26.32 -10.37
CA THR B 360 32.05 -27.69 -10.67
C THR B 360 32.41 -28.23 -9.29
N PRO B 361 32.44 -29.56 -9.13
CA PRO B 361 32.79 -30.11 -7.82
C PRO B 361 34.03 -29.46 -7.21
N GLU B 362 34.65 -28.56 -7.97
CA GLU B 362 35.83 -27.82 -7.52
C GLU B 362 35.60 -27.17 -6.17
N GLU B 363 35.20 -25.90 -6.19
CA GLU B 363 34.96 -25.16 -4.94
C GLU B 363 33.70 -25.66 -4.24
N ARG B 364 32.79 -26.26 -4.99
CA ARG B 364 31.57 -26.75 -4.37
C ARG B 364 32.03 -27.62 -3.19
N ALA B 365 33.25 -28.10 -3.30
CA ALA B 365 33.85 -28.92 -2.25
C ALA B 365 34.59 -27.97 -1.30
N HIS B 366 35.36 -27.05 -1.89
CA HIS B 366 36.12 -26.08 -1.13
C HIS B 366 35.20 -25.23 -0.22
N TYR B 367 33.93 -25.13 -0.58
CA TYR B 367 32.96 -24.36 0.20
C TYR B 367 32.12 -25.23 1.12
N GLY B 368 32.33 -26.54 1.04
CA GLY B 368 31.58 -27.46 1.89
C GLY B 368 30.21 -27.80 1.33
N ILE B 369 29.97 -27.38 0.10
CA ILE B 369 28.69 -27.62 -0.57
C ILE B 369 28.68 -28.95 -1.30
N SER B 370 28.26 -30.00 -0.61
CA SER B 370 28.19 -31.32 -1.22
C SER B 370 27.34 -31.28 -2.47
N GLU B 371 27.56 -32.25 -3.36
CA GLU B 371 26.79 -32.31 -4.59
C GLU B 371 25.36 -32.75 -4.27
N GLY B 372 25.17 -33.27 -3.07
CA GLY B 372 23.85 -33.72 -2.66
C GLY B 372 23.21 -32.87 -1.58
N LEU B 373 23.84 -31.75 -1.26
CA LEU B 373 23.33 -30.84 -0.24
C LEU B 373 22.03 -30.16 -0.64
N VAL B 374 21.02 -30.32 0.20
CA VAL B 374 19.70 -29.72 -0.02
C VAL B 374 19.29 -28.96 1.24
N ARG B 375 18.93 -27.69 1.08
CA ARG B 375 18.49 -26.89 2.22
C ARG B 375 17.01 -26.68 2.12
N LEU B 376 16.30 -26.90 3.23
CA LEU B 376 14.86 -26.73 3.27
C LEU B 376 14.47 -25.66 4.26
N SER B 377 13.58 -24.77 3.85
CA SER B 377 13.06 -23.73 4.72
C SER B 377 11.64 -24.18 4.90
N VAL B 378 11.40 -24.97 5.94
CA VAL B 378 10.07 -25.51 6.18
C VAL B 378 9.00 -24.47 6.52
N GLY B 379 7.97 -24.45 5.68
CA GLY B 379 6.88 -23.50 5.85
C GLY B 379 5.86 -23.91 6.91
N LEU B 380 4.67 -23.31 6.83
CA LEU B 380 3.64 -23.60 7.81
C LEU B 380 2.54 -24.52 7.29
N GLU B 381 2.69 -25.01 6.07
CA GLU B 381 1.69 -25.90 5.51
C GLU B 381 1.47 -27.07 6.45
N ASP B 382 0.50 -27.91 6.11
CA ASP B 382 0.16 -29.09 6.89
C ASP B 382 1.29 -30.10 6.78
N ILE B 383 1.87 -30.48 7.92
CA ILE B 383 2.98 -31.42 7.91
C ILE B 383 2.65 -32.68 7.12
N ASP B 384 1.41 -33.15 7.21
CA ASP B 384 1.03 -34.35 6.48
C ASP B 384 1.35 -34.14 5.00
N ASP B 385 1.04 -32.93 4.51
CA ASP B 385 1.24 -32.55 3.12
C ASP B 385 2.70 -32.41 2.74
N LEU B 386 3.48 -31.80 3.64
CA LEU B 386 4.91 -31.60 3.36
C LEU B 386 5.69 -32.91 3.30
N LEU B 387 5.32 -33.86 4.15
CA LEU B 387 5.98 -35.17 4.19
C LEU B 387 5.77 -35.95 2.91
N ALA B 388 4.58 -35.84 2.33
CA ALA B 388 4.29 -36.55 1.08
C ALA B 388 5.12 -35.99 -0.07
N ASP B 389 5.44 -34.71 0.00
CA ASP B 389 6.24 -34.07 -1.04
C ASP B 389 7.68 -34.55 -0.92
N VAL B 390 8.21 -34.49 0.29
CA VAL B 390 9.57 -34.91 0.53
C VAL B 390 9.68 -36.40 0.25
N GLN B 391 8.73 -37.17 0.78
CA GLN B 391 8.71 -38.61 0.59
C GLN B 391 8.69 -38.96 -0.89
N GLN B 392 7.73 -38.37 -1.60
CA GLN B 392 7.58 -38.59 -3.04
C GLN B 392 8.85 -38.16 -3.78
N ALA B 393 9.31 -36.95 -3.50
CA ALA B 393 10.50 -36.41 -4.14
C ALA B 393 11.70 -37.29 -3.85
N LEU B 394 11.71 -37.91 -2.68
CA LEU B 394 12.80 -38.79 -2.29
C LEU B 394 12.86 -39.98 -3.24
N LYS B 395 11.71 -40.61 -3.44
CA LYS B 395 11.60 -41.78 -4.31
C LYS B 395 12.01 -41.47 -5.75
N ALA B 396 11.78 -40.23 -6.19
CA ALA B 396 12.13 -39.81 -7.54
C ALA B 396 13.61 -39.54 -7.64
N SER B 397 14.24 -39.23 -6.51
CA SER B 397 15.67 -38.94 -6.47
C SER B 397 16.48 -40.12 -6.99
N ALA B 398 15.90 -41.31 -6.91
CA ALA B 398 16.56 -42.53 -7.38
C ALA B 398 16.79 -42.44 -8.88
N MET C 1 -5.47 30.68 2.56
CA MET C 1 -4.16 30.09 2.14
C MET C 1 -3.81 28.93 3.06
N HIS C 2 -3.29 27.86 2.47
CA HIS C 2 -2.92 26.63 3.18
C HIS C 2 -4.20 25.86 3.48
N GLY C 3 -5.19 26.10 2.64
CA GLY C 3 -6.49 25.44 2.79
C GLY C 3 -7.49 26.30 2.06
N SER C 4 -8.40 26.91 2.80
CA SER C 4 -9.42 27.77 2.22
C SER C 4 -9.62 29.03 3.07
N ASN C 5 -8.62 29.34 3.88
CA ASN C 5 -8.66 30.51 4.76
C ASN C 5 -8.65 31.80 3.94
N LYS C 6 -7.48 32.15 3.42
CA LYS C 6 -7.31 33.35 2.61
C LYS C 6 -7.89 33.12 1.22
N LEU C 7 -9.13 32.65 1.18
CA LEU C 7 -9.85 32.35 -0.08
C LEU C 7 -8.91 31.84 -1.19
N PRO C 8 -8.18 30.76 -0.89
CA PRO C 8 -7.23 30.13 -1.82
C PRO C 8 -7.85 29.61 -3.11
N GLY C 9 -7.06 29.65 -4.17
CA GLY C 9 -7.53 29.16 -5.45
C GLY C 9 -7.77 27.66 -5.38
N PHE C 10 -8.37 27.12 -6.43
CA PHE C 10 -8.70 25.71 -6.52
C PHE C 10 -7.47 24.80 -6.40
N ALA C 11 -6.46 25.04 -7.23
CA ALA C 11 -5.25 24.22 -7.19
C ALA C 11 -4.65 24.24 -5.80
N THR C 12 -4.81 25.37 -5.11
CA THR C 12 -4.27 25.53 -3.76
C THR C 12 -5.05 24.75 -2.74
N ARG C 13 -6.35 24.60 -2.96
CA ARG C 13 -7.17 23.87 -2.01
C ARG C 13 -7.09 22.39 -2.34
N ALA C 14 -7.02 22.08 -3.63
CA ALA C 14 -6.95 20.70 -4.08
C ALA C 14 -5.77 19.97 -3.44
N ILE C 15 -4.81 20.72 -2.92
CA ILE C 15 -3.66 20.10 -2.30
C ILE C 15 -3.41 20.52 -0.85
N HIS C 16 -4.07 21.57 -0.39
CA HIS C 16 -3.86 22.05 0.98
C HIS C 16 -5.10 22.06 1.88
N HIS C 17 -6.27 22.20 1.31
CA HIS C 17 -7.45 22.28 2.16
C HIS C 17 -7.59 21.20 3.23
N GLY C 18 -8.00 21.64 4.41
CA GLY C 18 -8.22 20.74 5.54
C GLY C 18 -7.00 20.19 6.24
N TYR C 19 -5.81 20.49 5.73
CA TYR C 19 -4.61 19.98 6.36
C TYR C 19 -3.54 21.00 6.68
N ASP C 20 -3.01 20.86 7.89
CA ASP C 20 -1.94 21.71 8.40
C ASP C 20 -1.00 20.74 9.14
N PRO C 21 0.20 20.50 8.58
CA PRO C 21 1.21 19.60 9.15
C PRO C 21 1.59 19.90 10.59
N GLN C 22 1.60 21.19 10.93
CA GLN C 22 1.95 21.60 12.29
C GLN C 22 1.02 20.95 13.32
N ASP C 23 0.00 20.25 12.84
CA ASP C 23 -0.96 19.59 13.71
C ASP C 23 -0.76 18.07 13.71
N HIS C 24 0.10 17.58 12.83
CA HIS C 24 0.35 16.14 12.75
C HIS C 24 1.83 15.80 12.69
N GLY C 25 2.57 16.32 13.65
CA GLY C 25 4.00 16.06 13.73
C GLY C 25 4.83 16.70 12.64
N GLY C 26 4.23 17.67 11.94
CA GLY C 26 4.94 18.34 10.86
C GLY C 26 5.00 17.55 9.58
N ALA C 27 4.31 16.42 9.53
CA ALA C 27 4.30 15.60 8.34
C ALA C 27 3.66 16.37 7.19
N LEU C 28 4.37 16.45 6.06
CA LEU C 28 3.89 17.15 4.87
C LEU C 28 2.72 16.38 4.25
N VAL C 29 2.90 15.07 4.07
CA VAL C 29 1.84 14.23 3.53
C VAL C 29 1.12 13.67 4.76
N PRO C 30 -0.21 13.89 4.87
CA PRO C 30 -0.92 13.37 6.05
C PRO C 30 -0.83 11.86 6.20
N PRO C 31 -0.53 11.38 7.42
CA PRO C 31 -0.41 9.96 7.76
C PRO C 31 -1.67 9.16 7.45
N VAL C 32 -1.51 7.99 6.83
CA VAL C 32 -2.66 7.17 6.49
C VAL C 32 -3.17 6.37 7.70
N TYR C 33 -4.42 6.60 8.09
CA TYR C 33 -4.99 5.89 9.22
C TYR C 33 -5.56 4.56 8.77
N GLN C 34 -4.68 3.63 8.43
CA GLN C 34 -5.12 2.33 7.97
C GLN C 34 -5.44 1.44 9.16
N THR C 35 -6.46 1.84 9.92
CA THR C 35 -6.93 1.10 11.10
C THR C 35 -8.44 0.95 11.04
N ALA C 36 -8.97 -0.14 11.56
CA ALA C 36 -10.41 -0.37 11.54
C ALA C 36 -11.05 0.22 12.78
N THR C 37 -10.54 -0.17 13.93
CA THR C 37 -11.10 0.30 15.19
C THR C 37 -10.23 1.31 15.92
N PHE C 38 -10.87 2.16 16.70
CA PHE C 38 -10.21 3.19 17.50
C PHE C 38 -10.62 2.92 18.95
N THR C 39 -9.69 3.11 19.87
CA THR C 39 -9.95 2.86 21.29
C THR C 39 -10.26 4.13 22.06
N PHE C 40 -10.78 3.97 23.27
CA PHE C 40 -11.11 5.12 24.11
C PHE C 40 -10.32 5.08 25.41
N PRO C 41 -10.14 6.24 26.05
CA PRO C 41 -9.41 6.33 27.31
C PRO C 41 -10.27 5.96 28.54
N THR C 42 -11.58 6.02 28.38
CA THR C 42 -12.54 5.68 29.43
C THR C 42 -13.79 5.22 28.72
N VAL C 43 -14.66 4.48 29.41
CA VAL C 43 -15.90 4.06 28.77
C VAL C 43 -16.70 5.32 28.51
N GLU C 44 -16.57 6.28 29.43
CA GLU C 44 -17.28 7.54 29.30
C GLU C 44 -17.00 8.19 27.95
N TYR C 45 -15.73 8.39 27.62
CA TYR C 45 -15.36 8.98 26.35
C TYR C 45 -16.01 8.20 25.20
N GLY C 46 -15.93 6.88 25.27
CA GLY C 46 -16.54 6.05 24.24
C GLY C 46 -18.02 6.33 24.12
N ALA C 47 -18.71 6.46 25.25
CA ALA C 47 -20.14 6.74 25.25
C ALA C 47 -20.36 8.06 24.53
N ALA C 48 -19.59 9.07 24.92
CA ALA C 48 -19.69 10.37 24.31
C ALA C 48 -19.64 10.22 22.80
N CYS C 49 -18.57 9.59 22.32
CA CYS C 49 -18.37 9.36 20.89
C CYS C 49 -19.59 8.74 20.25
N PHE C 50 -19.95 7.53 20.70
CA PHE C 50 -21.10 6.83 20.15
C PHE C 50 -22.32 7.73 20.04
N ALA C 51 -22.50 8.60 21.03
CA ALA C 51 -23.64 9.52 21.04
C ALA C 51 -23.45 10.70 20.10
N GLY C 52 -22.23 11.23 20.07
CA GLY C 52 -21.95 12.35 19.20
C GLY C 52 -21.61 13.60 20.01
N GLU C 53 -21.47 13.43 21.31
CA GLU C 53 -21.14 14.56 22.19
C GLU C 53 -19.65 14.85 22.19
N GLN C 54 -18.85 13.85 21.82
CA GLN C 54 -17.41 14.01 21.79
C GLN C 54 -16.85 13.70 20.41
N ALA C 55 -16.02 14.61 19.91
CA ALA C 55 -15.40 14.46 18.60
C ALA C 55 -14.37 13.34 18.63
N GLY C 56 -14.55 12.34 17.77
CA GLY C 56 -13.63 11.24 17.74
C GLY C 56 -14.06 10.15 16.79
N HIS C 57 -13.36 9.02 16.83
CA HIS C 57 -13.67 7.89 15.97
C HIS C 57 -13.79 6.66 16.84
N PHE C 58 -14.43 5.62 16.30
CA PHE C 58 -14.60 4.37 17.03
C PHE C 58 -14.68 3.19 16.07
N TYR C 59 -14.74 3.47 14.78
CA TYR C 59 -14.84 2.43 13.77
C TYR C 59 -14.82 3.15 12.43
N SER C 60 -14.01 2.64 11.51
CA SER C 60 -13.85 3.27 10.21
C SER C 60 -15.01 3.11 9.22
N ARG C 61 -15.76 2.01 9.29
CA ARG C 61 -16.87 1.88 8.37
C ARG C 61 -17.75 3.12 8.50
N ILE C 62 -17.94 3.60 9.73
CA ILE C 62 -18.76 4.79 9.93
C ILE C 62 -18.00 6.00 9.45
N SER C 63 -16.81 6.22 10.02
CA SER C 63 -15.97 7.35 9.65
C SER C 63 -14.50 7.16 10.06
N ASN C 64 -13.60 7.44 9.13
CA ASN C 64 -12.17 7.30 9.35
C ASN C 64 -11.48 8.66 9.18
N PRO C 65 -10.43 8.95 9.97
CA PRO C 65 -9.75 10.24 9.83
C PRO C 65 -9.10 10.54 8.48
N THR C 66 -8.61 9.53 7.78
CA THR C 66 -8.00 9.79 6.46
C THR C 66 -9.08 10.12 5.43
N LEU C 67 -10.24 9.50 5.59
CA LEU C 67 -11.38 9.69 4.71
C LEU C 67 -12.06 11.03 5.00
N ASN C 68 -11.92 11.52 6.23
CA ASN C 68 -12.54 12.79 6.60
C ASN C 68 -11.90 13.95 5.84
N LEU C 69 -10.60 13.84 5.62
CA LEU C 69 -9.86 14.87 4.91
C LEU C 69 -10.18 14.79 3.42
N LEU C 70 -10.34 13.58 2.91
CA LEU C 70 -10.69 13.40 1.51
C LEU C 70 -12.04 14.11 1.35
N GLU C 71 -12.98 13.75 2.22
CA GLU C 71 -14.34 14.31 2.23
C GLU C 71 -14.36 15.84 2.37
N ALA C 72 -13.65 16.35 3.38
CA ALA C 72 -13.58 17.79 3.62
C ALA C 72 -12.95 18.52 2.45
N ARG C 73 -11.95 17.92 1.82
CA ARG C 73 -11.28 18.54 0.67
C ARG C 73 -12.29 18.64 -0.45
N MET C 74 -12.81 17.49 -0.88
CA MET C 74 -13.79 17.48 -1.95
C MET C 74 -14.89 18.51 -1.67
N ALA C 75 -15.33 18.60 -0.43
CA ALA C 75 -16.39 19.54 -0.07
C ALA C 75 -15.99 20.92 -0.52
N SER C 76 -14.74 21.29 -0.28
CA SER C 76 -14.26 22.61 -0.67
C SER C 76 -14.20 22.75 -2.19
N LEU C 77 -13.68 21.73 -2.86
CA LEU C 77 -13.56 21.77 -4.30
C LEU C 77 -14.92 21.99 -4.96
N GLU C 78 -15.92 21.23 -4.53
CA GLU C 78 -17.28 21.35 -5.07
C GLU C 78 -18.06 22.52 -4.47
N GLY C 79 -17.49 23.17 -3.47
CA GLY C 79 -18.17 24.29 -2.83
C GLY C 79 -19.35 23.82 -1.98
N GLY C 80 -19.19 22.66 -1.34
CA GLY C 80 -20.25 22.10 -0.51
C GLY C 80 -20.05 22.21 0.99
N GLU C 81 -20.97 21.61 1.72
CA GLU C 81 -20.93 21.63 3.17
C GLU C 81 -20.17 20.45 3.75
N ALA C 82 -20.40 19.28 3.19
CA ALA C 82 -19.74 18.09 3.68
C ALA C 82 -19.65 17.06 2.57
N GLY C 83 -18.78 16.08 2.74
CA GLY C 83 -18.62 15.05 1.72
C GLY C 83 -18.51 13.71 2.39
N LEU C 84 -18.48 12.64 1.60
CA LEU C 84 -18.37 11.30 2.15
C LEU C 84 -17.70 10.43 1.11
N ALA C 85 -16.79 9.57 1.57
CA ALA C 85 -16.07 8.67 0.66
C ALA C 85 -16.68 7.28 0.69
N LEU C 86 -16.77 6.64 -0.46
CA LEU C 86 -17.34 5.30 -0.52
C LEU C 86 -16.49 4.39 -1.39
N ALA C 87 -16.64 3.09 -1.19
CA ALA C 87 -15.90 2.09 -1.92
C ALA C 87 -15.96 2.23 -3.42
N SER C 88 -16.92 2.99 -3.92
CA SER C 88 -17.03 3.12 -5.36
C SER C 88 -18.11 4.10 -5.80
N GLY C 89 -18.08 4.46 -7.09
CA GLY C 89 -19.06 5.38 -7.63
C GLY C 89 -20.45 4.85 -7.38
N MET C 90 -20.66 3.57 -7.74
CA MET C 90 -21.94 2.91 -7.56
C MET C 90 -22.26 2.93 -6.08
N GLY C 91 -21.23 2.77 -5.26
CA GLY C 91 -21.42 2.77 -3.82
C GLY C 91 -21.95 4.11 -3.36
N ALA C 92 -21.60 5.16 -4.11
CA ALA C 92 -22.04 6.51 -3.79
C ALA C 92 -23.51 6.75 -4.19
N ILE C 93 -23.88 6.38 -5.42
CA ILE C 93 -25.26 6.60 -5.84
C ILE C 93 -26.24 5.71 -5.08
N THR C 94 -25.94 4.43 -4.92
CA THR C 94 -26.85 3.54 -4.20
C THR C 94 -26.97 3.95 -2.74
N SER C 95 -25.83 4.20 -2.10
CA SER C 95 -25.85 4.63 -0.71
C SER C 95 -26.72 5.85 -0.58
N THR C 96 -26.68 6.73 -1.59
CA THR C 96 -27.47 7.96 -1.56
C THR C 96 -28.95 7.69 -1.80
N LEU C 97 -29.26 7.01 -2.90
CA LEU C 97 -30.63 6.71 -3.26
C LEU C 97 -31.34 5.81 -2.24
N TRP C 98 -30.61 4.86 -1.67
CA TRP C 98 -31.19 3.94 -0.69
C TRP C 98 -31.67 4.67 0.55
N THR C 99 -31.05 5.80 0.88
CA THR C 99 -31.47 6.53 2.09
C THR C 99 -32.49 7.64 1.90
N LEU C 100 -32.63 8.14 0.68
CA LEU C 100 -33.58 9.22 0.42
C LEU C 100 -34.90 8.73 -0.18
N LEU C 101 -34.99 7.44 -0.50
CA LEU C 101 -36.18 6.87 -1.11
C LEU C 101 -36.80 5.70 -0.36
N ARG C 102 -38.14 5.64 -0.41
CA ARG C 102 -38.90 4.57 0.23
C ARG C 102 -40.07 4.25 -0.68
N PRO C 103 -40.67 3.06 -0.52
CA PRO C 103 -41.81 2.71 -1.39
C PRO C 103 -42.81 3.86 -1.39
N GLY C 104 -43.42 4.11 -2.55
CA GLY C 104 -44.37 5.20 -2.64
C GLY C 104 -43.73 6.47 -3.14
N ASP C 105 -42.41 6.54 -3.04
CA ASP C 105 -41.68 7.71 -3.51
C ASP C 105 -41.45 7.59 -5.01
N GLU C 106 -41.22 8.71 -5.67
CA GLU C 106 -40.96 8.71 -7.10
C GLU C 106 -39.69 9.50 -7.35
N VAL C 107 -38.88 8.99 -8.27
CA VAL C 107 -37.64 9.66 -8.61
C VAL C 107 -37.64 9.89 -10.11
N LEU C 108 -37.40 11.14 -10.50
CA LEU C 108 -37.34 11.53 -11.91
C LEU C 108 -35.90 11.36 -12.38
N LEU C 109 -35.71 10.55 -13.41
CA LEU C 109 -34.38 10.24 -13.96
C LEU C 109 -34.12 10.81 -15.34
N GLY C 110 -32.88 11.23 -15.59
CA GLY C 110 -32.52 11.73 -16.90
C GLY C 110 -32.84 10.64 -17.89
N ASN C 111 -32.89 10.94 -19.17
CA ASN C 111 -33.24 9.92 -20.16
C ASN C 111 -32.21 8.82 -20.30
N THR C 112 -30.94 9.18 -20.24
CA THR C 112 -29.87 8.19 -20.36
C THR C 112 -29.09 8.16 -19.05
N LEU C 113 -28.79 6.95 -18.59
CA LEU C 113 -28.04 6.79 -17.37
C LEU C 113 -26.97 5.74 -17.55
N TYR C 114 -25.93 5.83 -16.71
CA TYR C 114 -24.80 4.91 -16.72
C TYR C 114 -25.35 3.49 -16.57
N GLY C 115 -24.90 2.60 -17.45
CA GLY C 115 -25.35 1.22 -17.44
C GLY C 115 -25.77 0.57 -16.13
N CYS C 116 -24.93 0.65 -15.11
CA CYS C 116 -25.23 0.04 -13.82
C CYS C 116 -26.27 0.80 -13.01
N THR C 117 -26.18 2.13 -13.00
CA THR C 117 -27.16 2.87 -12.23
C THR C 117 -28.55 2.71 -12.84
N PHE C 118 -28.60 2.39 -14.13
CA PHE C 118 -29.89 2.17 -14.77
C PHE C 118 -30.42 0.86 -14.24
N ALA C 119 -29.58 -0.17 -14.33
CA ALA C 119 -29.94 -1.49 -13.85
C ALA C 119 -30.30 -1.42 -12.38
N PHE C 120 -29.56 -0.62 -11.62
CA PHE C 120 -29.83 -0.46 -10.21
C PHE C 120 -31.25 0.05 -10.03
N LEU C 121 -31.55 1.18 -10.67
CA LEU C 121 -32.87 1.79 -10.56
C LEU C 121 -33.99 0.89 -11.07
N HIS C 122 -33.79 0.26 -12.22
CA HIS C 122 -34.84 -0.56 -12.77
C HIS C 122 -34.93 -1.98 -12.27
N HIS C 123 -33.85 -2.50 -11.70
CA HIS C 123 -33.88 -3.87 -11.21
C HIS C 123 -33.53 -3.95 -9.73
N GLY C 124 -33.34 -2.78 -9.13
CA GLY C 124 -33.03 -2.69 -7.71
C GLY C 124 -34.12 -1.93 -6.98
N ILE C 125 -33.84 -0.69 -6.58
CA ILE C 125 -34.84 0.10 -5.85
C ILE C 125 -36.19 -0.02 -6.54
N GLY C 126 -36.17 0.10 -7.87
CA GLY C 126 -37.38 0.02 -8.64
C GLY C 126 -38.27 -1.16 -8.33
N GLU C 127 -37.66 -2.32 -8.11
CA GLU C 127 -38.42 -3.52 -7.80
C GLU C 127 -38.82 -3.56 -6.34
N PHE C 128 -38.44 -2.52 -5.59
CA PHE C 128 -38.73 -2.42 -4.17
C PHE C 128 -39.79 -1.38 -3.81
N GLY C 129 -40.70 -1.13 -4.74
CA GLY C 129 -41.78 -0.19 -4.48
C GLY C 129 -41.56 1.26 -4.86
N VAL C 130 -40.36 1.61 -5.30
CA VAL C 130 -40.06 2.98 -5.68
C VAL C 130 -40.41 3.17 -7.13
N LYS C 131 -41.05 4.29 -7.44
CA LYS C 131 -41.47 4.61 -8.79
C LYS C 131 -40.46 5.51 -9.46
N LEU C 132 -39.98 5.11 -10.63
CA LEU C 132 -39.01 5.89 -11.40
C LEU C 132 -39.53 6.24 -12.80
N ARG C 133 -39.27 7.47 -13.22
CA ARG C 133 -39.71 7.93 -14.53
C ARG C 133 -38.61 8.77 -15.20
N HIS C 134 -38.34 8.51 -16.48
CA HIS C 134 -37.33 9.25 -17.23
C HIS C 134 -37.92 10.47 -17.92
N VAL C 135 -37.25 11.62 -17.81
CA VAL C 135 -37.70 12.83 -18.48
C VAL C 135 -36.46 13.58 -18.94
N ASP C 136 -36.54 14.23 -20.08
CA ASP C 136 -35.40 14.99 -20.59
C ASP C 136 -35.18 16.13 -19.64
N MET C 137 -34.03 16.13 -18.97
CA MET C 137 -33.70 17.18 -18.01
C MET C 137 -33.23 18.48 -18.66
N ALA C 138 -33.28 18.55 -19.98
CA ALA C 138 -32.90 19.75 -20.70
C ALA C 138 -34.19 20.50 -21.01
N ASP C 139 -35.30 19.79 -20.79
CA ASP C 139 -36.64 20.29 -21.03
C ASP C 139 -37.38 20.60 -19.73
N LEU C 140 -37.09 21.78 -19.17
CA LEU C 140 -37.66 22.26 -17.92
C LEU C 140 -39.19 22.22 -17.85
N GLN C 141 -39.85 22.33 -19.00
CA GLN C 141 -41.31 22.29 -19.02
C GLN C 141 -41.79 20.87 -18.72
N ALA C 142 -41.17 19.89 -19.37
CA ALA C 142 -41.53 18.48 -19.19
C ALA C 142 -41.18 18.03 -17.79
N LEU C 143 -40.05 18.50 -17.28
CA LEU C 143 -39.62 18.15 -15.93
C LEU C 143 -40.68 18.62 -14.95
N GLU C 144 -41.11 19.87 -15.08
CA GLU C 144 -42.12 20.41 -14.19
C GLU C 144 -43.47 19.71 -14.36
N ALA C 145 -43.79 19.32 -15.59
CA ALA C 145 -45.04 18.63 -15.87
C ALA C 145 -45.02 17.22 -15.30
N ALA C 146 -43.86 16.82 -14.79
CA ALA C 146 -43.68 15.49 -14.22
C ALA C 146 -43.68 15.52 -12.70
N MET C 147 -43.48 16.70 -12.13
CA MET C 147 -43.44 16.82 -10.69
C MET C 147 -44.78 16.38 -10.10
N THR C 148 -44.73 15.45 -9.14
CA THR C 148 -45.94 14.98 -8.47
C THR C 148 -45.64 15.11 -6.98
N PRO C 149 -46.67 15.05 -6.13
CA PRO C 149 -46.38 15.17 -4.69
C PRO C 149 -45.49 14.03 -4.23
N ALA C 150 -45.47 12.94 -5.00
CA ALA C 150 -44.66 11.77 -4.66
C ALA C 150 -43.20 11.89 -5.10
N THR C 151 -42.88 12.93 -5.85
CA THR C 151 -41.51 13.15 -6.33
C THR C 151 -40.60 13.53 -5.18
N ARG C 152 -39.59 12.72 -4.91
CA ARG C 152 -38.68 13.02 -3.80
C ARG C 152 -37.25 13.30 -4.26
N VAL C 153 -36.88 12.78 -5.42
CA VAL C 153 -35.53 12.97 -5.92
C VAL C 153 -35.47 13.12 -7.43
N ILE C 154 -34.54 13.97 -7.87
CA ILE C 154 -34.30 14.18 -9.29
C ILE C 154 -32.84 13.80 -9.44
N TYR C 155 -32.59 12.77 -10.24
CA TYR C 155 -31.25 12.26 -10.44
C TYR C 155 -30.86 12.27 -11.92
N PHE C 156 -29.77 12.96 -12.25
CA PHE C 156 -29.30 13.00 -13.63
C PHE C 156 -27.81 13.17 -13.76
N GLU C 157 -27.28 12.74 -14.90
CA GLU C 157 -25.86 12.87 -15.20
C GLU C 157 -25.80 14.05 -16.16
N SER C 158 -24.74 14.86 -16.08
CA SER C 158 -24.60 16.00 -17.00
C SER C 158 -23.15 16.42 -17.17
N PRO C 159 -22.58 16.22 -18.38
CA PRO C 159 -23.23 15.61 -19.53
C PRO C 159 -23.58 14.16 -19.27
N ALA C 160 -24.40 13.59 -20.15
CA ALA C 160 -24.82 12.19 -20.03
C ALA C 160 -24.59 11.50 -21.36
N ASN C 161 -24.01 10.30 -21.31
CA ASN C 161 -23.76 9.54 -22.51
C ASN C 161 -25.08 9.33 -23.25
N PRO C 162 -25.01 8.93 -24.53
CA PRO C 162 -23.80 8.67 -25.30
C PRO C 162 -23.44 9.89 -26.15
N ASN C 163 -24.27 10.93 -26.08
CA ASN C 163 -24.08 12.16 -26.84
C ASN C 163 -23.75 13.37 -25.98
N MET C 164 -23.30 13.14 -24.76
CA MET C 164 -22.96 14.25 -23.88
C MET C 164 -24.09 15.26 -23.67
N HIS C 165 -25.33 14.81 -23.79
CA HIS C 165 -26.49 15.69 -23.59
C HIS C 165 -26.46 16.36 -22.23
N MET C 166 -26.65 17.68 -22.19
CA MET C 166 -26.63 18.39 -20.92
C MET C 166 -28.02 18.56 -20.31
N ALA C 167 -28.07 19.36 -19.25
CA ALA C 167 -29.31 19.66 -18.55
C ALA C 167 -29.10 20.97 -17.83
N ASP C 168 -30.18 21.70 -17.58
CA ASP C 168 -30.08 22.97 -16.88
C ASP C 168 -30.10 22.72 -15.37
N ILE C 169 -28.92 22.60 -14.76
CA ILE C 169 -28.84 22.33 -13.34
C ILE C 169 -29.51 23.41 -12.50
N ALA C 170 -29.26 24.67 -12.82
CA ALA C 170 -29.89 25.77 -12.08
C ALA C 170 -31.41 25.71 -12.29
N GLY C 171 -31.81 25.31 -13.49
CA GLY C 171 -33.21 25.21 -13.83
C GLY C 171 -33.97 24.14 -13.07
N VAL C 172 -33.57 22.88 -13.20
CA VAL C 172 -34.27 21.81 -12.50
C VAL C 172 -34.22 22.08 -11.00
N ALA C 173 -33.13 22.70 -10.55
CA ALA C 173 -32.95 23.02 -9.16
C ALA C 173 -34.00 24.01 -8.68
N LYS C 174 -34.33 24.98 -9.52
CA LYS C 174 -35.33 25.98 -9.15
C LYS C 174 -36.71 25.36 -9.11
N ILE C 175 -36.97 24.45 -10.05
CA ILE C 175 -38.25 23.77 -10.11
C ILE C 175 -38.37 22.89 -8.87
N ALA C 176 -37.24 22.38 -8.39
CA ALA C 176 -37.22 21.53 -7.22
C ALA C 176 -37.50 22.26 -5.91
N ARG C 177 -36.79 23.34 -5.65
CA ARG C 177 -37.01 24.10 -4.41
C ARG C 177 -38.48 24.51 -4.32
N LYS C 178 -39.17 24.45 -5.45
CA LYS C 178 -40.57 24.81 -5.51
C LYS C 178 -41.49 23.62 -5.23
N HIS C 179 -41.22 22.49 -5.88
CA HIS C 179 -42.06 21.31 -5.68
C HIS C 179 -41.38 20.27 -4.80
N GLY C 180 -40.61 20.74 -3.83
CA GLY C 180 -39.92 19.82 -2.94
C GLY C 180 -38.73 19.19 -3.63
N ALA C 181 -38.78 17.88 -3.82
CA ALA C 181 -37.72 17.11 -4.49
C ALA C 181 -36.27 17.50 -4.24
N THR C 182 -35.42 16.50 -4.00
CA THR C 182 -33.99 16.73 -3.78
C THR C 182 -33.23 16.45 -5.06
N VAL C 183 -32.30 17.33 -5.40
CA VAL C 183 -31.51 17.18 -6.64
C VAL C 183 -30.15 16.55 -6.44
N VAL C 184 -29.97 15.42 -7.12
CA VAL C 184 -28.73 14.67 -7.07
C VAL C 184 -28.11 14.66 -8.48
N VAL C 185 -26.95 15.29 -8.62
CA VAL C 185 -26.29 15.33 -9.92
C VAL C 185 -25.03 14.45 -9.94
N ASP C 186 -24.96 13.54 -10.90
CA ASP C 186 -23.78 12.72 -11.02
C ASP C 186 -22.75 13.57 -11.80
N ASN C 187 -21.81 14.17 -11.07
CA ASN C 187 -20.80 15.03 -11.66
C ASN C 187 -19.45 14.36 -11.96
N THR C 188 -19.49 13.06 -12.28
CA THR C 188 -18.25 12.32 -12.55
C THR C 188 -17.43 12.87 -13.70
N TYR C 189 -18.09 13.06 -14.84
CA TYR C 189 -17.43 13.54 -16.05
C TYR C 189 -16.65 14.84 -15.97
N CYS C 190 -17.23 15.86 -15.35
CA CYS C 190 -16.57 17.15 -15.27
C CYS C 190 -15.72 17.38 -14.04
N THR C 191 -16.05 16.72 -12.94
CA THR C 191 -15.30 16.93 -11.68
C THR C 191 -15.59 18.35 -11.21
N PRO C 192 -15.36 18.63 -9.92
CA PRO C 192 -15.61 19.96 -9.37
C PRO C 192 -14.78 21.08 -9.96
N TYR C 193 -13.80 20.71 -10.79
CA TYR C 193 -12.92 21.70 -11.42
C TYR C 193 -13.54 22.27 -12.68
N LEU C 194 -14.34 21.46 -13.37
CA LEU C 194 -15.00 21.88 -14.60
C LEU C 194 -16.46 22.26 -14.39
N GLN C 195 -17.09 21.69 -13.37
CA GLN C 195 -18.51 21.96 -13.10
C GLN C 195 -18.85 21.74 -11.62
N ARG C 196 -19.63 22.63 -11.04
CA ARG C 196 -20.03 22.51 -9.63
C ARG C 196 -21.55 22.64 -9.43
N PRO C 197 -22.30 21.54 -9.65
CA PRO C 197 -23.76 21.53 -9.49
C PRO C 197 -24.27 22.16 -8.20
N LEU C 198 -23.55 21.95 -7.11
CA LEU C 198 -23.97 22.49 -5.83
C LEU C 198 -24.14 24.00 -5.92
N GLU C 199 -23.20 24.67 -6.57
CA GLU C 199 -23.27 26.13 -6.69
C GLU C 199 -24.36 26.59 -7.65
N LEU C 200 -24.97 25.66 -8.37
CA LEU C 200 -26.03 25.99 -9.31
C LEU C 200 -27.42 25.73 -8.70
N GLY C 201 -27.44 25.06 -7.55
CA GLY C 201 -28.69 24.78 -6.88
C GLY C 201 -28.89 23.33 -6.51
N ALA C 202 -28.03 22.45 -7.02
CA ALA C 202 -28.14 21.03 -6.71
C ALA C 202 -28.03 20.82 -5.20
N ASP C 203 -28.55 19.69 -4.73
CA ASP C 203 -28.52 19.39 -3.30
C ASP C 203 -27.35 18.47 -2.96
N LEU C 204 -27.08 17.53 -3.87
CA LEU C 204 -25.98 16.57 -3.71
C LEU C 204 -25.34 16.26 -5.06
N VAL C 205 -24.06 15.85 -5.00
CA VAL C 205 -23.31 15.45 -6.19
C VAL C 205 -22.67 14.11 -5.87
N VAL C 206 -22.82 13.15 -6.77
CA VAL C 206 -22.21 11.86 -6.55
C VAL C 206 -21.03 11.82 -7.52
N HIS C 207 -19.98 11.10 -7.17
CA HIS C 207 -18.79 11.04 -8.02
C HIS C 207 -18.25 9.65 -8.11
N SER C 208 -17.75 9.30 -9.28
CA SER C 208 -17.12 8.01 -9.43
C SER C 208 -15.66 8.40 -9.45
N ALA C 209 -15.07 8.56 -8.27
CA ALA C 209 -13.66 8.96 -8.16
C ALA C 209 -12.76 7.97 -8.89
N THR C 210 -13.35 6.82 -9.23
CA THR C 210 -12.67 5.77 -9.96
C THR C 210 -12.13 6.33 -11.27
N1 LLP C 211 -21.29 7.28 -13.14
C2 LLP C 211 -20.50 7.44 -14.19
C2' LLP C 211 -20.73 8.58 -15.18
C3 LLP C 211 -19.42 6.58 -14.42
O3 LLP C 211 -18.73 6.76 -15.43
C4 LLP C 211 -19.13 5.51 -13.57
C4' LLP C 211 -17.94 4.60 -13.86
C5 LLP C 211 -19.93 5.28 -12.46
C6 LLP C 211 -21.12 6.20 -12.16
C5' LLP C 211 -19.71 4.09 -11.56
OP4 LLP C 211 -18.49 4.26 -10.89
P LLP C 211 -17.86 3.09 -10.24
OP1 LLP C 211 -16.70 3.54 -9.43
OP2 LLP C 211 -17.41 2.13 -11.26
OP3 LLP C 211 -18.86 2.44 -9.35
N LLP C 211 -12.53 7.54 -11.62
CA LLP C 211 -12.13 8.14 -12.89
CB LLP C 211 -13.38 8.53 -13.68
CG LLP C 211 -14.58 7.62 -13.42
CD LLP C 211 -14.79 6.61 -14.53
CE LLP C 211 -15.52 5.35 -14.06
NZ LLP C 211 -16.87 5.27 -14.61
C LLP C 211 -11.19 9.35 -12.78
O LLP C 211 -10.09 9.25 -12.26
N TYR C 212 -11.63 10.49 -13.29
CA TYR C 212 -10.82 11.70 -13.28
C TYR C 212 -10.23 12.07 -11.93
N LEU C 213 -11.04 12.03 -10.88
CA LEU C 213 -10.54 12.39 -9.56
C LEU C 213 -9.31 11.53 -9.26
N SER C 214 -9.45 10.21 -9.31
CA SER C 214 -8.30 9.33 -9.09
C SER C 214 -7.28 9.79 -10.12
N GLY C 215 -7.61 9.55 -11.39
CA GLY C 215 -6.77 9.97 -12.49
C GLY C 215 -5.84 8.94 -13.09
N HIS C 216 -5.47 7.94 -12.30
CA HIS C 216 -4.53 6.92 -12.75
C HIS C 216 -5.01 5.48 -12.76
N GLY C 217 -6.32 5.28 -12.75
CA GLY C 217 -6.88 3.95 -12.80
C GLY C 217 -6.31 2.86 -11.89
N ASP C 218 -5.99 3.19 -10.66
CA ASP C 218 -5.47 2.19 -9.73
C ASP C 218 -6.39 2.15 -8.51
N ILE C 219 -7.52 2.84 -8.61
CA ILE C 219 -8.47 2.93 -7.53
C ILE C 219 -9.91 2.82 -7.99
N THR C 220 -10.77 2.37 -7.07
CA THR C 220 -12.21 2.29 -7.30
C THR C 220 -12.76 2.94 -6.04
N ALA C 221 -13.38 4.10 -6.22
CA ALA C 221 -13.93 4.84 -5.11
C ALA C 221 -15.10 5.69 -5.57
N GLY C 222 -15.84 6.23 -4.61
CA GLY C 222 -16.97 7.08 -4.92
C GLY C 222 -16.96 8.30 -4.01
N ILE C 223 -17.70 9.33 -4.38
CA ILE C 223 -17.75 10.54 -3.55
C ILE C 223 -19.14 11.16 -3.59
N VAL C 224 -19.55 11.67 -2.44
CA VAL C 224 -20.83 12.33 -2.31
C VAL C 224 -20.53 13.63 -1.59
N VAL C 225 -21.09 14.73 -2.08
CA VAL C 225 -20.89 16.01 -1.44
C VAL C 225 -22.21 16.75 -1.42
N GLY C 226 -22.45 17.50 -0.36
CA GLY C 226 -23.70 18.23 -0.25
C GLY C 226 -23.84 18.85 1.12
N SER C 227 -25.07 18.97 1.58
CA SER C 227 -25.33 19.57 2.87
C SER C 227 -24.99 18.61 3.99
N GLN C 228 -24.58 19.19 5.11
CA GLN C 228 -24.24 18.39 6.27
C GLN C 228 -25.39 17.44 6.55
N ALA C 229 -26.59 18.01 6.66
CA ALA C 229 -27.81 17.25 6.93
C ALA C 229 -27.98 16.02 6.07
N LEU C 230 -28.20 16.22 4.78
CA LEU C 230 -28.39 15.11 3.86
C LEU C 230 -27.21 14.14 3.92
N VAL C 231 -26.00 14.68 3.94
CA VAL C 231 -24.82 13.83 3.97
C VAL C 231 -24.67 13.03 5.25
N ASP C 232 -24.99 13.65 6.38
CA ASP C 232 -24.92 12.96 7.66
C ASP C 232 -25.91 11.78 7.63
N ARG C 233 -27.01 11.96 6.92
CA ARG C 233 -28.03 10.94 6.81
C ARG C 233 -27.54 9.75 6.02
N ILE C 234 -26.84 10.02 4.91
CA ILE C 234 -26.34 8.96 4.04
C ILE C 234 -25.20 8.19 4.69
N ARG C 235 -24.43 8.91 5.50
CA ARG C 235 -23.32 8.30 6.20
C ARG C 235 -23.88 7.27 7.18
N LEU C 236 -24.67 7.76 8.14
CA LEU C 236 -25.25 6.92 9.17
C LEU C 236 -26.35 5.94 8.78
N GLN C 237 -26.80 5.95 7.53
CA GLN C 237 -27.85 5.03 7.10
C GLN C 237 -27.45 4.21 5.88
N GLY C 238 -27.24 4.88 4.75
CA GLY C 238 -26.86 4.19 3.53
C GLY C 238 -25.50 3.53 3.61
N LEU C 239 -24.49 4.28 4.04
CA LEU C 239 -23.16 3.71 4.16
C LEU C 239 -23.18 2.64 5.23
N LYS C 240 -23.29 3.09 6.47
CA LYS C 240 -23.32 2.22 7.63
C LYS C 240 -24.19 0.99 7.54
N ASP C 241 -25.46 1.16 7.15
CA ASP C 241 -26.41 0.04 7.12
C ASP C 241 -26.79 -0.70 5.84
N MET C 242 -27.18 0.03 4.80
CA MET C 242 -27.65 -0.63 3.58
C MET C 242 -26.68 -0.88 2.45
N THR C 243 -25.47 -0.35 2.59
CA THR C 243 -24.48 -0.49 1.53
C THR C 243 -23.12 -1.05 2.01
N GLY C 244 -22.60 -0.54 3.11
CA GLY C 244 -21.33 -1.02 3.60
C GLY C 244 -20.17 -0.83 2.63
N ALA C 245 -20.37 0.02 1.62
CA ALA C 245 -19.33 0.28 0.63
C ALA C 245 -18.23 1.16 1.22
N VAL C 246 -17.51 0.61 2.19
CA VAL C 246 -16.42 1.33 2.88
C VAL C 246 -15.18 1.48 2.01
N LEU C 247 -14.53 2.63 2.12
CA LEU C 247 -13.34 2.89 1.34
C LEU C 247 -12.10 2.60 2.16
N SER C 248 -11.11 1.99 1.53
CA SER C 248 -9.87 1.68 2.21
C SER C 248 -9.09 2.98 2.38
N PRO C 249 -8.60 3.27 3.59
CA PRO C 249 -7.86 4.52 3.72
C PRO C 249 -6.67 4.59 2.72
N HIS C 250 -6.19 3.42 2.30
CA HIS C 250 -5.07 3.35 1.34
C HIS C 250 -5.50 4.06 0.06
N ASP C 251 -6.59 3.58 -0.52
CA ASP C 251 -7.16 4.16 -1.73
C ASP C 251 -7.61 5.63 -1.54
N ALA C 252 -8.09 5.96 -0.35
CA ALA C 252 -8.53 7.34 -0.09
C ALA C 252 -7.32 8.26 -0.04
N ALA C 253 -6.17 7.69 0.32
CA ALA C 253 -4.94 8.45 0.39
C ALA C 253 -4.43 8.59 -1.03
N LEU C 254 -4.58 7.52 -1.80
CA LEU C 254 -4.16 7.49 -3.19
C LEU C 254 -4.98 8.50 -3.95
N LEU C 255 -6.30 8.41 -3.81
CA LEU C 255 -7.21 9.33 -4.50
C LEU C 255 -6.93 10.80 -4.17
N MET C 256 -6.49 11.09 -2.95
CA MET C 256 -6.21 12.47 -2.57
C MET C 256 -4.95 12.91 -3.28
N ARG C 257 -4.16 11.93 -3.68
CA ARG C 257 -2.90 12.15 -4.38
C ARG C 257 -3.22 12.60 -5.80
N GLY C 258 -4.11 11.87 -6.46
CA GLY C 258 -4.48 12.22 -7.82
C GLY C 258 -5.17 13.57 -7.90
N ILE C 259 -5.94 13.88 -6.87
CA ILE C 259 -6.67 15.14 -6.83
C ILE C 259 -5.68 16.28 -6.75
N LYS C 260 -4.48 15.98 -6.25
CA LYS C 260 -3.46 17.02 -6.11
C LYS C 260 -3.06 17.59 -7.46
N THR C 261 -3.38 16.88 -8.55
CA THR C 261 -3.04 17.33 -9.89
C THR C 261 -4.26 17.42 -10.81
N LEU C 262 -5.43 17.57 -10.20
CA LEU C 262 -6.69 17.66 -10.95
C LEU C 262 -6.68 18.78 -12.00
N ASN C 263 -6.51 20.01 -11.56
CA ASN C 263 -6.53 21.12 -12.49
C ASN C 263 -5.60 20.85 -13.66
N LEU C 264 -4.37 20.43 -13.36
CA LEU C 264 -3.39 20.17 -14.40
C LEU C 264 -3.82 19.10 -15.42
N ARG C 265 -4.21 17.94 -14.93
CA ARG C 265 -4.62 16.86 -15.81
C ARG C 265 -5.89 17.23 -16.58
N MET C 266 -6.85 17.83 -15.88
CA MET C 266 -8.12 18.25 -16.50
C MET C 266 -7.85 19.20 -17.68
N ASP C 267 -6.88 20.09 -17.51
CA ASP C 267 -6.49 21.03 -18.55
C ASP C 267 -5.99 20.28 -19.78
N ARG C 268 -5.09 19.34 -19.58
CA ARG C 268 -4.53 18.57 -20.68
C ARG C 268 -5.59 17.71 -21.35
N HIS C 269 -6.43 17.07 -20.55
CA HIS C 269 -7.49 16.23 -21.10
C HIS C 269 -8.37 17.03 -22.07
N CYS C 270 -8.71 18.25 -21.67
CA CYS C 270 -9.56 19.11 -22.48
C CYS C 270 -8.83 19.67 -23.68
N ALA C 271 -7.62 20.16 -23.48
CA ALA C 271 -6.85 20.71 -24.57
C ALA C 271 -6.60 19.62 -25.62
N ASN C 272 -6.47 18.39 -25.14
CA ASN C 272 -6.24 17.23 -25.99
C ASN C 272 -7.46 16.85 -26.81
N ALA C 273 -8.61 16.76 -26.15
CA ALA C 273 -9.85 16.36 -26.81
C ALA C 273 -10.30 17.38 -27.87
N GLN C 274 -10.07 18.67 -27.60
CA GLN C 274 -10.45 19.69 -28.54
C GLN C 274 -9.79 19.35 -29.86
N VAL C 275 -8.46 19.37 -29.87
CA VAL C 275 -7.69 19.05 -31.07
C VAL C 275 -8.27 17.79 -31.73
N LEU C 276 -8.40 16.73 -30.95
CA LEU C 276 -8.95 15.48 -31.46
C LEU C 276 -10.36 15.65 -32.04
N ALA C 277 -11.20 16.42 -31.36
CA ALA C 277 -12.56 16.66 -31.84
C ALA C 277 -12.55 17.41 -33.18
N GLU C 278 -11.72 18.45 -33.23
CA GLU C 278 -11.55 19.27 -34.44
C GLU C 278 -11.14 18.35 -35.59
N PHE C 279 -10.12 17.53 -35.34
CA PHE C 279 -9.61 16.61 -36.35
C PHE C 279 -10.67 15.63 -36.81
N LEU C 280 -11.45 15.10 -35.87
CA LEU C 280 -12.49 14.15 -36.22
C LEU C 280 -13.54 14.82 -37.09
N ALA C 281 -13.74 16.11 -36.87
CA ALA C 281 -14.72 16.87 -37.63
C ALA C 281 -14.36 17.07 -39.10
N ARG C 282 -13.13 16.74 -39.49
CA ARG C 282 -12.71 16.91 -40.87
C ARG C 282 -12.48 15.62 -41.65
N GLN C 283 -12.77 14.48 -41.03
CA GLN C 283 -12.55 13.19 -41.69
C GLN C 283 -13.79 12.62 -42.37
N PRO C 284 -13.62 12.10 -43.60
CA PRO C 284 -14.70 11.51 -44.40
C PRO C 284 -15.39 10.31 -43.77
N GLN C 285 -14.68 9.60 -42.90
CA GLN C 285 -15.25 8.42 -42.26
C GLN C 285 -16.26 8.76 -41.16
N VAL C 286 -16.12 9.94 -40.57
CA VAL C 286 -16.98 10.36 -39.48
C VAL C 286 -18.26 10.99 -39.96
N GLU C 287 -19.38 10.49 -39.43
CA GLU C 287 -20.70 10.97 -39.78
C GLU C 287 -21.24 11.97 -38.77
N LEU C 288 -20.82 11.85 -37.52
CA LEU C 288 -21.33 12.74 -36.47
C LEU C 288 -20.45 12.76 -35.23
N ILE C 289 -20.19 13.96 -34.71
CA ILE C 289 -19.34 14.12 -33.52
C ILE C 289 -20.04 14.87 -32.40
N HIS C 290 -20.01 14.28 -31.20
CA HIS C 290 -20.63 14.87 -30.02
C HIS C 290 -19.58 15.38 -29.04
N TYR C 291 -19.14 16.61 -29.21
CA TYR C 291 -18.18 17.20 -28.30
C TYR C 291 -18.67 18.60 -27.91
N PRO C 292 -18.83 18.85 -26.60
CA PRO C 292 -19.30 20.15 -26.14
C PRO C 292 -18.43 21.33 -26.58
N GLY C 293 -17.24 21.02 -27.09
CA GLY C 293 -16.34 22.07 -27.53
C GLY C 293 -16.54 22.54 -28.95
N LEU C 294 -17.17 21.72 -29.77
CA LEU C 294 -17.43 22.08 -31.15
C LEU C 294 -18.55 23.13 -31.14
N ALA C 295 -18.37 24.20 -31.89
CA ALA C 295 -19.37 25.26 -31.94
C ALA C 295 -20.67 24.73 -32.51
N SER C 296 -20.62 23.58 -33.16
CA SER C 296 -21.79 22.97 -33.76
C SER C 296 -22.62 22.16 -32.76
N PHE C 297 -22.05 21.87 -31.59
CA PHE C 297 -22.71 21.10 -30.56
C PHE C 297 -24.06 21.73 -30.17
N PRO C 298 -25.16 20.98 -30.32
CA PRO C 298 -26.51 21.48 -29.99
C PRO C 298 -26.63 22.34 -28.73
N GLN C 299 -26.11 21.86 -27.61
CA GLN C 299 -26.21 22.62 -26.36
C GLN C 299 -24.98 23.47 -26.12
N TYR C 300 -24.33 23.88 -27.20
CA TYR C 300 -23.12 24.69 -27.10
C TYR C 300 -23.23 25.80 -26.06
N THR C 301 -24.29 26.59 -26.14
CA THR C 301 -24.43 27.70 -25.21
C THR C 301 -24.55 27.24 -23.77
N LEU C 302 -25.53 26.38 -23.49
CA LEU C 302 -25.75 25.89 -22.14
C LEU C 302 -24.49 25.22 -21.59
N ALA C 303 -23.77 24.49 -22.43
CA ALA C 303 -22.54 23.84 -21.99
C ALA C 303 -21.58 24.94 -21.54
N ARG C 304 -21.42 25.96 -22.39
CA ARG C 304 -20.53 27.08 -22.08
C ARG C 304 -20.93 27.76 -20.77
N GLN C 305 -22.18 27.57 -20.36
CA GLN C 305 -22.68 28.19 -19.13
C GLN C 305 -22.28 27.43 -17.88
N GLN C 306 -22.43 26.11 -17.92
CA GLN C 306 -22.13 25.27 -16.78
C GLN C 306 -20.72 24.72 -16.67
N MET C 307 -20.12 24.37 -17.80
CA MET C 307 -18.76 23.82 -17.82
C MET C 307 -17.67 24.85 -18.11
N SER C 308 -16.70 24.97 -17.21
CA SER C 308 -15.62 25.91 -17.41
C SER C 308 -14.76 25.49 -18.59
N GLN C 309 -14.74 24.19 -18.89
CA GLN C 309 -13.98 23.63 -20.00
C GLN C 309 -14.81 22.52 -20.62
N PRO C 310 -14.67 22.30 -21.92
CA PRO C 310 -15.41 21.27 -22.69
C PRO C 310 -15.31 19.82 -22.25
N GLY C 311 -14.38 19.50 -21.35
CA GLY C 311 -14.24 18.13 -20.90
C GLY C 311 -13.29 17.29 -21.74
N GLY C 312 -13.17 16.00 -21.39
CA GLY C 312 -12.27 15.15 -22.14
C GLY C 312 -12.90 13.95 -22.85
N MET C 313 -14.22 13.89 -22.92
CA MET C 313 -14.90 12.76 -23.59
C MET C 313 -15.38 13.15 -24.98
N ILE C 314 -15.28 12.22 -25.93
CA ILE C 314 -15.72 12.47 -27.30
C ILE C 314 -16.34 11.23 -27.91
N ALA C 315 -17.58 11.37 -28.37
CA ALA C 315 -18.27 10.26 -29.00
C ALA C 315 -18.47 10.69 -30.44
N PHE C 316 -18.50 9.72 -31.35
CA PHE C 316 -18.72 10.03 -32.75
C PHE C 316 -19.20 8.79 -33.47
N GLU C 317 -19.83 8.98 -34.63
CA GLU C 317 -20.34 7.86 -35.40
C GLU C 317 -19.67 7.72 -36.75
N LEU C 318 -19.46 6.48 -37.17
CA LEU C 318 -18.83 6.19 -38.44
C LEU C 318 -19.91 5.86 -39.45
N LYS C 319 -19.80 6.42 -40.64
CA LYS C 319 -20.78 6.16 -41.68
C LYS C 319 -20.88 4.68 -41.94
N GLY C 320 -19.78 3.96 -41.65
CA GLY C 320 -19.72 2.53 -41.89
C GLY C 320 -20.44 1.57 -40.96
N GLY C 321 -21.05 2.07 -39.89
CA GLY C 321 -21.76 1.18 -38.99
C GLY C 321 -20.91 0.38 -38.02
N ILE C 322 -21.29 -0.87 -37.78
CA ILE C 322 -20.54 -1.72 -36.84
C ILE C 322 -19.23 -2.16 -37.46
N GLY C 323 -19.30 -2.66 -38.68
CA GLY C 323 -18.11 -3.11 -39.36
C GLY C 323 -17.03 -2.07 -39.24
N ALA C 324 -17.37 -0.84 -39.58
CA ALA C 324 -16.44 0.25 -39.53
C ALA C 324 -16.02 0.53 -38.09
N GLY C 325 -16.90 0.20 -37.15
CA GLY C 325 -16.60 0.43 -35.75
C GLY C 325 -15.66 -0.60 -35.18
N ARG C 326 -15.78 -1.84 -35.63
CA ARG C 326 -14.92 -2.91 -35.17
C ARG C 326 -13.49 -2.71 -35.70
N ARG C 327 -13.35 -2.56 -37.01
CA ARG C 327 -12.04 -2.38 -37.65
C ARG C 327 -11.28 -1.15 -37.13
N PHE C 328 -12.01 -0.06 -36.91
CA PHE C 328 -11.38 1.14 -36.40
C PHE C 328 -10.91 0.85 -34.99
N MET C 329 -11.72 0.08 -34.25
CA MET C 329 -11.41 -0.28 -32.87
C MET C 329 -10.24 -1.26 -32.80
N ASN C 330 -10.39 -2.38 -33.50
CA ASN C 330 -9.34 -3.40 -33.52
C ASN C 330 -8.03 -2.84 -34.05
N ALA C 331 -8.12 -1.74 -34.78
CA ALA C 331 -6.93 -1.12 -35.37
C ALA C 331 -6.17 -0.19 -34.46
N LEU C 332 -6.76 0.19 -33.33
CA LEU C 332 -6.11 1.11 -32.39
C LEU C 332 -4.81 0.55 -31.83
N GLN C 333 -3.80 1.42 -31.70
CA GLN C 333 -2.50 1.00 -31.18
C GLN C 333 -2.10 1.72 -29.90
N LEU C 334 -2.52 2.98 -29.77
CA LEU C 334 -2.20 3.74 -28.56
C LEU C 334 -3.41 3.76 -27.64
N PHE C 335 -4.58 3.98 -28.21
CA PHE C 335 -5.81 3.97 -27.44
C PHE C 335 -5.99 2.52 -27.02
N SER C 336 -6.58 2.27 -25.85
CA SER C 336 -6.80 0.88 -25.42
C SER C 336 -8.28 0.51 -25.50
N ARG C 337 -8.58 -0.73 -25.90
CA ARG C 337 -9.98 -1.18 -25.99
C ARG C 337 -10.51 -1.61 -24.63
N ALA C 338 -11.17 -0.70 -23.93
CA ALA C 338 -11.71 -1.03 -22.61
C ALA C 338 -12.82 -0.06 -22.20
N VAL C 339 -13.65 -0.51 -21.26
CA VAL C 339 -14.73 0.34 -20.75
C VAL C 339 -14.08 1.22 -19.70
N SER C 340 -14.78 2.25 -19.24
CA SER C 340 -14.27 3.18 -18.23
C SER C 340 -13.55 4.36 -18.87
N LEU C 341 -13.28 5.39 -18.07
CA LEU C 341 -12.63 6.60 -18.56
C LEU C 341 -11.92 7.39 -17.47
N GLY C 342 -11.38 8.54 -17.85
CA GLY C 342 -10.72 9.41 -16.88
C GLY C 342 -9.33 9.02 -16.42
N ASP C 343 -8.65 8.17 -17.19
CA ASP C 343 -7.31 7.76 -16.82
C ASP C 343 -6.30 8.49 -17.67
N ALA C 344 -5.06 8.52 -17.22
CA ALA C 344 -4.02 9.17 -17.99
C ALA C 344 -3.90 8.43 -19.32
N GLU C 345 -4.36 7.18 -19.35
CA GLU C 345 -4.31 6.38 -20.57
C GLU C 345 -5.56 6.60 -21.42
N SER C 346 -5.37 6.82 -22.71
CA SER C 346 -6.51 7.03 -23.59
C SER C 346 -7.25 5.74 -23.83
N LEU C 347 -8.57 5.75 -23.66
CA LEU C 347 -9.38 4.56 -23.86
C LEU C 347 -10.48 4.82 -24.86
N ALA C 348 -10.91 3.75 -25.53
CA ALA C 348 -11.95 3.83 -26.54
C ALA C 348 -12.87 2.61 -26.44
N GLN C 349 -14.11 2.78 -26.87
CA GLN C 349 -15.09 1.70 -26.83
C GLN C 349 -16.19 1.85 -27.87
N HIS C 350 -16.67 0.71 -28.35
CA HIS C 350 -17.70 0.63 -29.37
C HIS C 350 -18.82 -0.31 -28.91
N PRO C 351 -19.75 0.22 -28.10
CA PRO C 351 -20.88 -0.53 -27.55
C PRO C 351 -21.53 -1.57 -28.45
N ALA C 352 -21.67 -1.25 -29.72
CA ALA C 352 -22.30 -2.18 -30.65
C ALA C 352 -21.52 -3.47 -30.88
N SER C 353 -20.24 -3.48 -30.54
CA SER C 353 -19.44 -4.68 -30.77
C SER C 353 -18.82 -5.22 -29.50
N MET C 354 -18.90 -4.45 -28.41
CA MET C 354 -18.33 -4.89 -27.15
C MET C 354 -19.43 -5.33 -26.19
N THR C 355 -20.00 -4.37 -25.47
CA THR C 355 -21.06 -4.63 -24.50
C THR C 355 -22.39 -5.11 -25.10
N HIS C 356 -22.82 -4.53 -26.21
CA HIS C 356 -24.08 -4.91 -26.85
C HIS C 356 -23.88 -5.70 -28.13
N SER C 357 -22.66 -6.17 -28.35
CA SER C 357 -22.35 -6.94 -29.55
C SER C 357 -23.34 -8.07 -29.75
N SER C 358 -23.95 -8.53 -28.67
CA SER C 358 -24.89 -9.64 -28.72
C SER C 358 -26.27 -9.26 -29.24
N TYR C 359 -26.71 -8.05 -28.94
CA TYR C 359 -28.03 -7.59 -29.38
C TYR C 359 -28.07 -7.42 -30.89
N THR C 360 -29.28 -7.33 -31.43
CA THR C 360 -29.47 -7.16 -32.85
C THR C 360 -29.59 -5.65 -33.08
N PRO C 361 -29.48 -5.20 -34.34
CA PRO C 361 -29.59 -3.75 -34.58
C PRO C 361 -30.85 -3.14 -33.95
N GLU C 362 -31.93 -3.92 -33.91
CA GLU C 362 -33.18 -3.46 -33.32
C GLU C 362 -33.00 -3.25 -31.83
N GLU C 363 -32.62 -4.32 -31.14
CA GLU C 363 -32.40 -4.29 -29.70
C GLU C 363 -31.50 -3.12 -29.37
N ARG C 364 -30.37 -3.05 -30.06
CA ARG C 364 -29.38 -2.00 -29.86
C ARG C 364 -30.01 -0.62 -29.92
N ALA C 365 -30.80 -0.36 -30.97
CA ALA C 365 -31.46 0.92 -31.15
C ALA C 365 -32.56 1.15 -30.10
N HIS C 366 -33.18 0.06 -29.68
CA HIS C 366 -34.26 0.12 -28.68
C HIS C 366 -33.71 0.40 -27.29
N TYR C 367 -32.42 0.72 -27.21
CA TYR C 367 -31.79 1.03 -25.94
C TYR C 367 -31.07 2.38 -25.98
N GLY C 368 -30.64 2.76 -27.18
CA GLY C 368 -29.95 4.04 -27.32
C GLY C 368 -28.53 3.89 -27.84
N ILE C 369 -28.22 2.68 -28.35
CA ILE C 369 -26.91 2.39 -28.88
C ILE C 369 -26.92 2.46 -30.40
N SER C 370 -26.08 3.32 -30.95
CA SER C 370 -25.98 3.45 -32.41
C SER C 370 -25.06 2.36 -32.95
N GLU C 371 -25.30 1.97 -34.20
CA GLU C 371 -24.52 0.93 -34.84
C GLU C 371 -23.05 1.29 -35.06
N GLY C 372 -22.73 2.58 -35.08
CA GLY C 372 -21.36 2.97 -35.31
C GLY C 372 -20.86 4.03 -34.37
N LEU C 373 -21.40 4.06 -33.16
CA LEU C 373 -20.97 5.04 -32.17
C LEU C 373 -19.79 4.48 -31.38
N VAL C 374 -18.71 5.26 -31.31
CA VAL C 374 -17.55 4.85 -30.54
C VAL C 374 -17.26 6.00 -29.58
N ARG C 375 -16.96 5.65 -28.33
CA ARG C 375 -16.67 6.66 -27.33
C ARG C 375 -15.18 6.67 -27.04
N LEU C 376 -14.62 7.86 -26.97
CA LEU C 376 -13.19 8.02 -26.74
C LEU C 376 -12.94 8.79 -25.48
N SER C 377 -12.07 8.28 -24.63
CA SER C 377 -11.68 8.97 -23.41
C SER C 377 -10.27 9.39 -23.76
N VAL C 378 -10.09 10.68 -24.05
CA VAL C 378 -8.76 11.17 -24.42
C VAL C 378 -7.82 11.32 -23.23
N GLY C 379 -6.70 10.63 -23.28
CA GLY C 379 -5.73 10.69 -22.19
C GLY C 379 -4.80 11.90 -22.17
N LEU C 380 -3.71 11.77 -21.41
CA LEU C 380 -2.74 12.85 -21.30
C LEU C 380 -1.47 12.62 -22.12
N GLU C 381 -1.52 11.61 -23.00
CA GLU C 381 -0.39 11.30 -23.85
C GLU C 381 -0.11 12.48 -24.76
N ASP C 382 0.67 12.24 -25.81
CA ASP C 382 1.00 13.30 -26.75
C ASP C 382 -0.03 13.40 -27.86
N ILE C 383 -0.55 14.61 -28.07
CA ILE C 383 -1.57 14.83 -29.08
C ILE C 383 -1.17 14.36 -30.47
N ASP C 384 0.08 14.58 -30.85
CA ASP C 384 0.52 14.12 -32.16
C ASP C 384 0.45 12.61 -32.24
N ASP C 385 0.75 11.95 -31.12
CA ASP C 385 0.71 10.49 -31.05
C ASP C 385 -0.73 10.00 -31.09
N LEU C 386 -1.64 10.77 -30.48
CA LEU C 386 -3.04 10.39 -30.46
C LEU C 386 -3.68 10.61 -31.83
N LEU C 387 -3.34 11.69 -32.50
CA LEU C 387 -3.89 11.98 -33.83
C LEU C 387 -3.53 10.85 -34.78
N ALA C 388 -2.26 10.46 -34.76
CA ALA C 388 -1.76 9.40 -35.63
C ALA C 388 -2.50 8.09 -35.41
N ASP C 389 -2.77 7.74 -34.16
CA ASP C 389 -3.47 6.49 -33.84
C ASP C 389 -4.87 6.51 -34.44
N VAL C 390 -5.63 7.56 -34.12
CA VAL C 390 -6.98 7.66 -34.64
C VAL C 390 -6.98 7.71 -36.17
N GLN C 391 -6.05 8.48 -36.72
CA GLN C 391 -5.91 8.62 -38.17
C GLN C 391 -5.81 7.27 -38.86
N GLN C 392 -4.85 6.44 -38.46
CA GLN C 392 -4.69 5.13 -39.09
C GLN C 392 -5.87 4.20 -38.80
N ALA C 393 -6.43 4.31 -37.60
CA ALA C 393 -7.56 3.45 -37.28
C ALA C 393 -8.68 3.81 -38.22
N LEU C 394 -8.94 5.12 -38.37
CA LEU C 394 -10.00 5.58 -39.26
C LEU C 394 -9.80 5.05 -40.67
N LYS C 395 -8.54 4.94 -41.07
CA LYS C 395 -8.23 4.43 -42.40
C LYS C 395 -8.48 2.93 -42.41
N ALA C 396 -8.16 2.27 -41.31
CA ALA C 396 -8.36 0.84 -41.22
C ALA C 396 -9.83 0.44 -41.30
N SER C 397 -10.73 1.38 -40.99
CA SER C 397 -12.16 1.10 -40.98
C SER C 397 -12.86 0.94 -42.33
N ALA C 398 -12.11 1.09 -43.42
CA ALA C 398 -12.67 0.95 -44.76
C ALA C 398 -12.76 -0.52 -45.14
N MET D 1 1.82 -25.13 -3.00
CA MET D 1 1.00 -24.94 -4.22
C MET D 1 -0.29 -25.75 -4.13
N HIS D 2 -0.21 -26.88 -3.43
CA HIS D 2 -1.34 -27.80 -3.26
C HIS D 2 -2.70 -27.11 -3.25
N GLY D 3 -3.49 -27.37 -4.30
CA GLY D 3 -4.81 -26.78 -4.40
C GLY D 3 -5.79 -27.25 -3.33
N SER D 4 -7.06 -27.33 -3.69
CA SER D 4 -8.07 -27.77 -2.73
C SER D 4 -8.47 -29.20 -3.00
N ASN D 5 -9.59 -29.37 -3.70
CA ASN D 5 -10.10 -30.71 -3.98
C ASN D 5 -10.39 -31.31 -2.60
N LYS D 6 -10.14 -30.48 -1.57
CA LYS D 6 -10.34 -30.82 -0.17
C LYS D 6 -9.33 -31.85 0.37
N LEU D 7 -8.32 -32.18 -0.44
CA LEU D 7 -7.30 -33.14 0.00
C LEU D 7 -6.24 -32.42 0.84
N PRO D 8 -5.54 -31.43 0.27
CA PRO D 8 -4.53 -30.74 1.07
C PRO D 8 -5.16 -30.23 2.37
N GLY D 9 -4.39 -30.25 3.45
CA GLY D 9 -4.90 -29.80 4.74
C GLY D 9 -5.25 -28.33 4.77
N PHE D 10 -6.07 -27.97 5.75
CA PHE D 10 -6.50 -26.58 5.89
C PHE D 10 -5.35 -25.58 5.81
N ALA D 11 -4.27 -25.84 6.53
CA ALA D 11 -3.13 -24.93 6.53
C ALA D 11 -2.40 -24.86 5.17
N THR D 12 -2.45 -25.95 4.41
CA THR D 12 -1.83 -25.96 3.10
C THR D 12 -2.71 -25.09 2.20
N ARG D 13 -3.98 -25.48 2.10
CA ARG D 13 -4.96 -24.78 1.29
C ARG D 13 -5.13 -23.28 1.61
N ALA D 14 -4.97 -22.90 2.87
CA ALA D 14 -5.14 -21.49 3.21
C ALA D 14 -3.92 -20.66 2.87
N ILE D 15 -2.90 -21.32 2.31
CA ILE D 15 -1.67 -20.64 1.93
C ILE D 15 -1.39 -20.71 0.43
N HIS D 16 -1.71 -21.85 -0.20
CA HIS D 16 -1.46 -22.05 -1.62
C HIS D 16 -2.68 -22.29 -2.48
N HIS D 17 -3.85 -22.48 -1.87
CA HIS D 17 -4.99 -22.78 -2.70
C HIS D 17 -5.28 -21.90 -3.90
N GLY D 18 -5.34 -22.52 -5.07
CA GLY D 18 -5.63 -21.81 -6.30
C GLY D 18 -4.57 -20.88 -6.81
N TYR D 19 -3.31 -21.10 -6.42
CA TYR D 19 -2.23 -20.24 -6.88
C TYR D 19 -0.97 -21.02 -7.19
N ASP D 20 -0.45 -20.80 -8.39
CA ASP D 20 0.78 -21.44 -8.85
C ASP D 20 1.73 -20.36 -9.38
N PRO D 21 2.81 -20.07 -8.64
CA PRO D 21 3.78 -19.05 -9.06
C PRO D 21 4.11 -19.15 -10.53
N GLN D 22 4.32 -20.39 -10.97
CA GLN D 22 4.66 -20.69 -12.35
C GLN D 22 3.76 -19.95 -13.34
N ASP D 23 2.48 -19.83 -13.01
CA ASP D 23 1.54 -19.16 -13.89
C ASP D 23 1.62 -17.65 -13.81
N HIS D 24 2.44 -17.14 -12.90
CA HIS D 24 2.57 -15.70 -12.73
C HIS D 24 4.02 -15.24 -12.62
N GLY D 25 4.83 -15.63 -13.59
CA GLY D 25 6.22 -15.23 -13.60
C GLY D 25 7.02 -15.79 -12.44
N GLY D 26 6.46 -16.82 -11.78
CA GLY D 26 7.13 -17.42 -10.65
C GLY D 26 7.22 -16.54 -9.41
N ALA D 27 6.24 -15.69 -9.20
CA ALA D 27 6.25 -14.81 -8.01
C ALA D 27 5.68 -15.58 -6.83
N LEU D 28 6.50 -15.75 -5.80
CA LEU D 28 6.07 -16.45 -4.60
C LEU D 28 4.71 -15.94 -4.14
N VAL D 29 4.63 -14.65 -3.84
CA VAL D 29 3.36 -14.08 -3.42
C VAL D 29 2.73 -13.44 -4.66
N PRO D 30 1.43 -13.69 -4.89
CA PRO D 30 0.75 -13.12 -6.05
C PRO D 30 0.88 -11.60 -6.24
N PRO D 31 1.11 -11.15 -7.49
CA PRO D 31 1.22 -9.71 -7.67
C PRO D 31 -0.17 -9.14 -7.46
N VAL D 32 -0.27 -7.97 -6.84
CA VAL D 32 -1.57 -7.36 -6.57
C VAL D 32 -2.04 -6.54 -7.76
N TYR D 33 -3.17 -6.93 -8.34
CA TYR D 33 -3.73 -6.24 -9.50
C TYR D 33 -4.53 -5.02 -9.08
N GLN D 34 -3.85 -4.02 -8.55
CA GLN D 34 -4.49 -2.80 -8.11
C GLN D 34 -4.74 -1.92 -9.35
N THR D 35 -5.77 -2.29 -10.10
CA THR D 35 -6.17 -1.60 -11.32
C THR D 35 -7.70 -1.62 -11.44
N ALA D 36 -8.28 -0.54 -11.95
CA ALA D 36 -9.73 -0.51 -12.09
C ALA D 36 -10.22 -1.13 -13.38
N THR D 37 -9.45 -1.00 -14.47
CA THR D 37 -9.89 -1.58 -15.74
C THR D 37 -8.92 -2.53 -16.42
N PHE D 38 -9.49 -3.40 -17.27
CA PHE D 38 -8.73 -4.39 -18.03
C PHE D 38 -9.08 -4.22 -19.50
N THR D 39 -8.07 -4.21 -20.36
CA THR D 39 -8.26 -4.03 -21.79
C THR D 39 -8.48 -5.31 -22.58
N PHE D 40 -9.05 -5.17 -23.77
CA PHE D 40 -9.30 -6.30 -24.66
C PHE D 40 -8.34 -6.18 -25.83
N PRO D 41 -7.90 -7.33 -26.39
CA PRO D 41 -6.97 -7.40 -27.52
C PRO D 41 -7.67 -7.11 -28.83
N THR D 42 -8.96 -7.39 -28.85
CA THR D 42 -9.82 -7.14 -30.01
C THR D 42 -11.20 -6.86 -29.46
N VAL D 43 -12.06 -6.29 -30.30
CA VAL D 43 -13.43 -5.98 -29.90
C VAL D 43 -14.20 -7.28 -29.70
N GLU D 44 -13.88 -8.29 -30.51
CA GLU D 44 -14.53 -9.59 -30.42
C GLU D 44 -14.35 -10.18 -29.03
N TYR D 45 -13.11 -10.29 -28.58
CA TYR D 45 -12.77 -10.82 -27.26
C TYR D 45 -13.54 -10.11 -26.17
N GLY D 46 -13.51 -8.78 -26.21
CA GLY D 46 -14.24 -8.01 -25.21
C GLY D 46 -15.69 -8.46 -25.18
N ALA D 47 -16.24 -8.71 -26.35
CA ALA D 47 -17.62 -9.16 -26.45
C ALA D 47 -17.74 -10.54 -25.83
N ALA D 48 -17.04 -11.52 -26.41
CA ALA D 48 -17.07 -12.89 -25.90
C ALA D 48 -16.98 -12.92 -24.37
N CYS D 49 -16.29 -11.94 -23.82
CA CYS D 49 -16.14 -11.82 -22.37
C CYS D 49 -17.48 -11.44 -21.79
N PHE D 50 -18.04 -10.34 -22.29
CA PHE D 50 -19.33 -9.86 -21.83
C PHE D 50 -20.43 -10.91 -21.99
N ALA D 51 -20.17 -11.92 -22.81
CA ALA D 51 -21.15 -12.95 -23.05
C ALA D 51 -20.75 -14.26 -22.37
N GLY D 52 -19.84 -14.17 -21.40
CA GLY D 52 -19.41 -15.36 -20.69
C GLY D 52 -18.71 -16.42 -21.52
N GLU D 53 -18.78 -16.29 -22.84
CA GLU D 53 -18.15 -17.25 -23.75
C GLU D 53 -16.65 -17.35 -23.46
N GLN D 54 -16.06 -16.23 -23.06
CA GLN D 54 -14.64 -16.21 -22.75
C GLN D 54 -14.42 -15.71 -21.32
N ALA D 55 -13.38 -16.22 -20.68
CA ALA D 55 -13.07 -15.85 -19.32
C ALA D 55 -11.92 -14.85 -19.32
N GLY D 56 -12.16 -13.73 -18.64
CA GLY D 56 -11.18 -12.66 -18.54
C GLY D 56 -11.84 -11.54 -17.75
N HIS D 57 -11.24 -10.37 -17.73
CA HIS D 57 -11.81 -9.27 -16.97
C HIS D 57 -12.05 -8.02 -17.81
N PHE D 58 -12.61 -7.00 -17.16
CA PHE D 58 -12.87 -5.73 -17.82
C PHE D 58 -13.03 -4.63 -16.78
N TYR D 59 -13.56 -4.98 -15.61
CA TYR D 59 -13.76 -3.98 -14.58
C TYR D 59 -13.71 -4.61 -13.20
N SER D 60 -12.84 -4.08 -12.35
CA SER D 60 -12.63 -4.59 -10.99
C SER D 60 -13.78 -4.41 -10.03
N ARG D 61 -14.97 -4.02 -10.50
CA ARG D 61 -16.12 -3.88 -9.61
C ARG D 61 -16.92 -5.16 -9.74
N ILE D 62 -16.85 -5.76 -10.92
CA ILE D 62 -17.56 -7.00 -11.18
C ILE D 62 -16.66 -8.17 -10.83
N SER D 63 -15.41 -8.11 -11.26
CA SER D 63 -14.45 -9.19 -11.00
C SER D 63 -13.00 -8.72 -11.18
N ASN D 64 -12.18 -8.96 -10.16
CA ASN D 64 -10.77 -8.59 -10.20
C ASN D 64 -9.98 -9.86 -9.92
N PRO D 65 -8.77 -9.99 -10.50
CA PRO D 65 -7.96 -11.20 -10.28
C PRO D 65 -7.54 -11.42 -8.83
N THR D 66 -6.91 -10.41 -8.25
CA THR D 66 -6.46 -10.48 -6.86
C THR D 66 -7.63 -10.89 -5.95
N LEU D 67 -8.79 -10.28 -6.14
CA LEU D 67 -9.93 -10.64 -5.32
C LEU D 67 -10.34 -12.08 -5.64
N ASN D 68 -10.28 -12.45 -6.91
CA ASN D 68 -10.62 -13.80 -7.36
C ASN D 68 -9.93 -14.89 -6.53
N LEU D 69 -8.61 -14.76 -6.35
CA LEU D 69 -7.84 -15.73 -5.60
C LEU D 69 -8.43 -15.86 -4.21
N LEU D 70 -8.53 -14.72 -3.54
CA LEU D 70 -9.07 -14.63 -2.20
C LEU D 70 -10.39 -15.38 -2.14
N GLU D 71 -11.19 -15.20 -3.18
CA GLU D 71 -12.49 -15.83 -3.28
C GLU D 71 -12.40 -17.34 -3.53
N ALA D 72 -11.45 -17.78 -4.32
CA ALA D 72 -11.30 -19.22 -4.57
C ALA D 72 -10.83 -19.87 -3.27
N ARG D 73 -9.97 -19.14 -2.57
CA ARG D 73 -9.42 -19.61 -1.31
C ARG D 73 -10.48 -19.73 -0.23
N MET D 74 -11.21 -18.65 0.04
CA MET D 74 -12.24 -18.67 1.07
C MET D 74 -13.32 -19.73 0.82
N ALA D 75 -13.57 -20.03 -0.45
CA ALA D 75 -14.57 -21.04 -0.80
C ALA D 75 -14.03 -22.39 -0.34
N SER D 76 -12.77 -22.63 -0.69
CA SER D 76 -12.09 -23.87 -0.32
C SER D 76 -12.14 -24.10 1.18
N LEU D 77 -11.70 -23.10 1.94
CA LEU D 77 -11.68 -23.21 3.38
C LEU D 77 -13.08 -23.47 3.93
N GLU D 78 -14.08 -22.81 3.35
CA GLU D 78 -15.46 -22.97 3.77
C GLU D 78 -16.11 -24.22 3.20
N GLY D 79 -15.52 -24.78 2.14
CA GLY D 79 -16.09 -25.98 1.56
C GLY D 79 -17.26 -25.73 0.62
N GLY D 80 -17.30 -24.53 0.03
CA GLY D 80 -18.36 -24.19 -0.89
C GLY D 80 -17.81 -24.07 -2.29
N GLU D 81 -18.68 -23.94 -3.29
CA GLU D 81 -18.23 -23.84 -4.68
C GLU D 81 -17.69 -22.47 -5.09
N ALA D 82 -18.26 -21.40 -4.57
CA ALA D 82 -17.80 -20.06 -4.95
C ALA D 82 -17.79 -19.04 -3.81
N GLY D 83 -16.97 -18.01 -3.97
CA GLY D 83 -16.87 -16.96 -2.98
C GLY D 83 -16.90 -15.59 -3.64
N LEU D 84 -16.96 -14.52 -2.85
CA LEU D 84 -17.01 -13.18 -3.40
C LEU D 84 -16.56 -12.20 -2.33
N ALA D 85 -15.62 -11.31 -2.67
CA ALA D 85 -15.10 -10.34 -1.72
C ALA D 85 -15.73 -8.96 -1.85
N LEU D 86 -16.11 -8.38 -0.71
CA LEU D 86 -16.74 -7.05 -0.67
C LEU D 86 -16.10 -6.10 0.32
N ALA D 87 -16.33 -4.80 0.10
CA ALA D 87 -15.75 -3.75 0.93
C ALA D 87 -15.90 -3.92 2.42
N SER D 88 -16.83 -4.77 2.86
CA SER D 88 -17.00 -4.94 4.27
C SER D 88 -17.93 -6.07 4.65
N GLY D 89 -18.05 -6.33 5.94
CA GLY D 89 -18.94 -7.38 6.38
C GLY D 89 -20.37 -6.99 6.04
N MET D 90 -20.70 -5.71 6.21
CA MET D 90 -22.04 -5.26 5.92
C MET D 90 -22.30 -5.34 4.42
N GLY D 91 -21.27 -5.01 3.64
CA GLY D 91 -21.38 -5.05 2.19
C GLY D 91 -21.67 -6.45 1.72
N ALA D 92 -21.26 -7.44 2.50
CA ALA D 92 -21.51 -8.83 2.16
C ALA D 92 -22.96 -9.17 2.53
N ILE D 93 -23.32 -8.88 3.78
CA ILE D 93 -24.65 -9.13 4.28
C ILE D 93 -25.71 -8.49 3.40
N THR D 94 -25.65 -7.16 3.30
CA THR D 94 -26.62 -6.41 2.52
C THR D 94 -26.68 -6.88 1.07
N SER D 95 -25.51 -7.05 0.44
CA SER D 95 -25.50 -7.49 -0.95
C SER D 95 -26.20 -8.81 -1.12
N THR D 96 -26.01 -9.73 -0.18
CA THR D 96 -26.64 -11.04 -0.28
C THR D 96 -28.14 -10.93 -0.15
N LEU D 97 -28.60 -10.19 0.87
CA LEU D 97 -30.03 -10.04 1.14
C LEU D 97 -30.73 -9.16 0.11
N TRP D 98 -30.04 -8.10 -0.35
CA TRP D 98 -30.61 -7.19 -1.34
C TRP D 98 -30.92 -7.92 -2.64
N THR D 99 -30.34 -9.09 -2.86
CA THR D 99 -30.60 -9.82 -4.10
C THR D 99 -31.45 -11.09 -3.93
N LEU D 100 -31.56 -11.57 -2.70
CA LEU D 100 -32.35 -12.76 -2.43
C LEU D 100 -33.76 -12.38 -2.00
N LEU D 101 -33.94 -11.14 -1.59
CA LEU D 101 -35.25 -10.70 -1.13
C LEU D 101 -35.95 -9.68 -2.02
N ARG D 102 -37.29 -9.72 -1.97
CA ARG D 102 -38.13 -8.80 -2.72
C ARG D 102 -39.37 -8.53 -1.87
N PRO D 103 -40.14 -7.48 -2.20
CA PRO D 103 -41.34 -7.17 -1.42
C PRO D 103 -42.30 -8.35 -1.30
N GLY D 104 -42.78 -8.60 -0.10
CA GLY D 104 -43.68 -9.72 0.12
C GLY D 104 -42.94 -10.93 0.64
N ASP D 105 -41.64 -10.99 0.35
CA ASP D 105 -40.81 -12.09 0.81
C ASP D 105 -40.71 -11.99 2.33
N GLU D 106 -40.45 -13.11 2.98
CA GLU D 106 -40.33 -13.09 4.43
C GLU D 106 -38.97 -13.60 4.86
N VAL D 107 -38.40 -12.95 5.88
CA VAL D 107 -37.10 -13.36 6.39
C VAL D 107 -37.21 -13.78 7.84
N LEU D 108 -36.88 -15.04 8.12
CA LEU D 108 -36.90 -15.56 9.48
C LEU D 108 -35.50 -15.28 10.04
N LEU D 109 -35.43 -14.48 11.09
CA LEU D 109 -34.13 -14.13 11.69
C LEU D 109 -33.88 -14.62 13.10
N GLY D 110 -32.61 -14.84 13.40
CA GLY D 110 -32.26 -15.28 14.74
C GLY D 110 -32.69 -14.21 15.71
N ASN D 111 -32.77 -14.55 16.99
CA ASN D 111 -33.20 -13.59 18.00
C ASN D 111 -32.31 -12.36 18.10
N THR D 112 -31.03 -12.55 18.40
CA THR D 112 -30.12 -11.40 18.47
C THR D 112 -29.25 -11.32 17.22
N LEU D 113 -29.10 -10.10 16.71
CA LEU D 113 -28.32 -9.87 15.52
C LEU D 113 -27.29 -8.79 15.75
N TYR D 114 -26.22 -8.82 14.95
CA TYR D 114 -25.19 -7.81 15.06
C TYR D 114 -25.90 -6.46 14.87
N GLY D 115 -25.52 -5.47 15.68
CA GLY D 115 -26.13 -4.15 15.61
C GLY D 115 -26.60 -3.70 14.22
N CYS D 116 -25.65 -3.43 13.35
CA CYS D 116 -25.92 -2.98 11.99
C CYS D 116 -26.72 -3.93 11.11
N THR D 117 -26.75 -5.21 11.45
CA THR D 117 -27.54 -6.15 10.66
C THR D 117 -29.00 -5.95 11.07
N PHE D 118 -29.20 -5.64 12.35
CA PHE D 118 -30.52 -5.42 12.92
C PHE D 118 -31.10 -4.15 12.32
N ALA D 119 -30.35 -3.06 12.46
CA ALA D 119 -30.75 -1.76 11.92
C ALA D 119 -30.97 -1.83 10.42
N PHE D 120 -30.25 -2.72 9.75
CA PHE D 120 -30.38 -2.85 8.31
C PHE D 120 -31.72 -3.47 7.97
N LEU D 121 -32.10 -4.50 8.71
CA LEU D 121 -33.34 -5.19 8.45
C LEU D 121 -34.58 -4.40 8.85
N HIS D 122 -34.59 -3.87 10.07
CA HIS D 122 -35.74 -3.12 10.57
C HIS D 122 -35.87 -1.70 10.04
N HIS D 123 -34.75 -1.09 9.65
CA HIS D 123 -34.78 0.28 9.14
C HIS D 123 -34.29 0.36 7.71
N GLY D 124 -33.83 -0.76 7.17
CA GLY D 124 -33.35 -0.77 5.82
C GLY D 124 -34.26 -1.57 4.92
N ILE D 125 -33.79 -2.72 4.48
CA ILE D 125 -34.58 -3.58 3.63
C ILE D 125 -35.97 -3.83 4.24
N GLY D 126 -36.10 -3.61 5.53
CA GLY D 126 -37.38 -3.84 6.18
C GLY D 126 -38.44 -2.83 5.81
N GLU D 127 -38.01 -1.60 5.51
CA GLU D 127 -38.93 -0.54 5.14
C GLU D 127 -39.21 -0.52 3.64
N PHE D 128 -38.94 -1.65 2.97
CA PHE D 128 -39.15 -1.77 1.54
C PHE D 128 -40.05 -2.95 1.18
N GLY D 129 -40.93 -3.35 2.09
CA GLY D 129 -41.85 -4.44 1.82
C GLY D 129 -41.43 -5.85 2.17
N VAL D 130 -40.30 -6.00 2.86
CA VAL D 130 -39.82 -7.32 3.25
C VAL D 130 -40.22 -7.60 4.71
N LYS D 131 -40.85 -8.75 4.94
CA LYS D 131 -41.31 -9.12 6.27
C LYS D 131 -40.22 -9.83 7.06
N LEU D 132 -39.99 -9.35 8.28
CA LEU D 132 -38.97 -9.93 9.15
C LEU D 132 -39.61 -10.56 10.38
N ARG D 133 -39.15 -11.76 10.72
CA ARG D 133 -39.65 -12.49 11.87
C ARG D 133 -38.49 -13.12 12.65
N HIS D 134 -38.28 -12.69 13.89
CA HIS D 134 -37.22 -13.22 14.72
C HIS D 134 -37.64 -14.53 15.38
N VAL D 135 -36.79 -15.55 15.32
CA VAL D 135 -37.09 -16.84 15.95
C VAL D 135 -35.86 -17.44 16.62
N ASP D 136 -36.08 -18.40 17.52
CA ASP D 136 -35.00 -19.09 18.22
C ASP D 136 -34.58 -20.29 17.38
N MET D 137 -33.52 -20.11 16.60
CA MET D 137 -33.02 -21.17 15.71
C MET D 137 -32.53 -22.40 16.45
N ALA D 138 -32.48 -22.31 17.77
CA ALA D 138 -32.05 -23.44 18.57
C ALA D 138 -33.27 -24.33 18.77
N ASP D 139 -34.45 -23.75 18.55
CA ASP D 139 -35.73 -24.45 18.69
C ASP D 139 -36.30 -24.77 17.31
N LEU D 140 -36.24 -26.04 16.91
CA LEU D 140 -36.73 -26.46 15.59
C LEU D 140 -38.25 -26.51 15.45
N GLN D 141 -38.95 -26.72 16.56
CA GLN D 141 -40.40 -26.80 16.54
C GLN D 141 -40.96 -25.40 16.34
N ALA D 142 -40.25 -24.41 16.88
CA ALA D 142 -40.67 -23.02 16.76
C ALA D 142 -40.41 -22.50 15.36
N LEU D 143 -39.22 -22.80 14.84
CA LEU D 143 -38.87 -22.37 13.49
C LEU D 143 -39.90 -22.94 12.52
N GLU D 144 -39.97 -24.25 12.43
CA GLU D 144 -40.92 -24.92 11.53
C GLU D 144 -42.33 -24.37 11.67
N ALA D 145 -42.62 -23.82 12.85
CA ALA D 145 -43.93 -23.25 13.12
C ALA D 145 -44.08 -21.89 12.44
N ALA D 146 -43.00 -21.10 12.46
CA ALA D 146 -42.99 -19.76 11.86
C ALA D 146 -42.85 -19.85 10.34
N MET D 147 -42.50 -21.04 9.86
CA MET D 147 -42.31 -21.29 8.44
C MET D 147 -43.58 -21.07 7.62
N THR D 148 -43.50 -20.22 6.61
CA THR D 148 -44.64 -19.95 5.73
C THR D 148 -44.19 -19.97 4.27
N PRO D 149 -45.14 -20.06 3.33
CA PRO D 149 -44.83 -20.09 1.89
C PRO D 149 -44.09 -18.86 1.42
N ALA D 150 -44.21 -17.77 2.15
CA ALA D 150 -43.53 -16.53 1.78
C ALA D 150 -42.14 -16.45 2.42
N THR D 151 -41.82 -17.43 3.27
CA THR D 151 -40.50 -17.45 3.88
C THR D 151 -39.55 -17.80 2.76
N ARG D 152 -38.67 -16.87 2.41
CA ARG D 152 -37.74 -17.09 1.31
C ARG D 152 -36.33 -17.41 1.77
N VAL D 153 -35.92 -16.85 2.91
CA VAL D 153 -34.59 -17.10 3.46
C VAL D 153 -34.57 -17.10 4.98
N ILE D 154 -33.59 -17.79 5.56
CA ILE D 154 -33.42 -17.87 7.01
C ILE D 154 -32.01 -17.36 7.33
N TYR D 155 -31.94 -16.29 8.11
CA TYR D 155 -30.67 -15.66 8.45
C TYR D 155 -30.35 -15.63 9.94
N PHE D 156 -29.11 -15.96 10.28
CA PHE D 156 -28.70 -15.93 11.68
C PHE D 156 -27.18 -16.05 11.84
N GLU D 157 -26.73 -15.86 13.08
CA GLU D 157 -25.32 -15.96 13.41
C GLU D 157 -25.24 -17.08 14.45
N SER D 158 -24.10 -17.78 14.50
CA SER D 158 -23.92 -18.86 15.46
C SER D 158 -22.44 -19.09 15.69
N PRO D 159 -21.95 -18.79 16.91
CA PRO D 159 -22.71 -18.24 18.03
C PRO D 159 -23.17 -16.81 17.83
N ALA D 160 -24.01 -16.33 18.74
CA ALA D 160 -24.53 -14.98 18.67
C ALA D 160 -24.50 -14.33 20.03
N ASN D 161 -24.18 -13.03 20.05
CA ASN D 161 -24.13 -12.26 21.28
C ASN D 161 -25.52 -12.21 21.93
N PRO D 162 -25.60 -11.84 23.21
CA PRO D 162 -24.47 -11.48 24.08
C PRO D 162 -23.88 -12.69 24.79
N ASN D 163 -24.57 -13.83 24.72
CA ASN D 163 -24.08 -15.03 25.37
C ASN D 163 -23.88 -16.20 24.42
N MET D 164 -23.18 -15.95 23.32
CA MET D 164 -22.89 -16.96 22.33
C MET D 164 -23.95 -18.04 22.18
N HIS D 165 -25.22 -17.63 22.12
CA HIS D 165 -26.30 -18.59 21.95
C HIS D 165 -26.10 -19.29 20.61
N MET D 166 -26.24 -20.61 20.59
CA MET D 166 -26.03 -21.36 19.36
C MET D 166 -27.29 -21.70 18.58
N ALA D 167 -27.08 -22.22 17.38
CA ALA D 167 -28.18 -22.62 16.52
C ALA D 167 -27.90 -24.03 16.01
N ASP D 168 -28.96 -24.71 15.58
CA ASP D 168 -28.80 -26.05 15.03
C ASP D 168 -28.81 -25.83 13.53
N ILE D 169 -27.63 -25.62 12.98
CA ILE D 169 -27.50 -25.38 11.55
C ILE D 169 -28.09 -26.54 10.74
N ALA D 170 -27.63 -27.75 11.01
CA ALA D 170 -28.13 -28.89 10.25
C ALA D 170 -29.65 -29.06 10.37
N GLY D 171 -30.18 -28.87 11.56
CA GLY D 171 -31.61 -29.03 11.76
C GLY D 171 -32.37 -27.94 11.03
N VAL D 172 -31.86 -26.71 11.09
CA VAL D 172 -32.51 -25.58 10.44
C VAL D 172 -32.49 -25.81 8.93
N ALA D 173 -31.37 -26.25 8.41
CA ALA D 173 -31.25 -26.50 6.98
C ALA D 173 -32.29 -27.51 6.52
N LYS D 174 -32.64 -28.45 7.39
CA LYS D 174 -33.63 -29.47 7.05
C LYS D 174 -35.01 -28.85 6.85
N ILE D 175 -35.44 -28.03 7.81
CA ILE D 175 -36.73 -27.38 7.70
C ILE D 175 -36.72 -26.52 6.44
N ALA D 176 -35.71 -25.68 6.31
CA ALA D 176 -35.57 -24.82 5.14
C ALA D 176 -35.51 -25.66 3.86
N ARG D 177 -34.83 -26.80 3.93
CA ARG D 177 -34.69 -27.66 2.76
C ARG D 177 -36.02 -28.14 2.20
N LYS D 178 -36.94 -28.51 3.09
CA LYS D 178 -38.24 -28.99 2.66
C LYS D 178 -39.19 -27.90 2.16
N HIS D 179 -39.09 -26.70 2.73
CA HIS D 179 -39.94 -25.59 2.29
C HIS D 179 -39.39 -24.92 1.03
N GLY D 180 -38.08 -24.80 0.95
CA GLY D 180 -37.48 -24.17 -0.22
C GLY D 180 -36.80 -22.86 0.13
N ALA D 181 -36.65 -22.59 1.42
CA ALA D 181 -36.02 -21.37 1.88
C ALA D 181 -34.50 -21.43 1.76
N THR D 182 -33.86 -20.26 1.67
CA THR D 182 -32.41 -20.15 1.55
C THR D 182 -31.80 -19.83 2.91
N VAL D 183 -30.88 -20.67 3.37
CA VAL D 183 -30.23 -20.47 4.66
C VAL D 183 -28.88 -19.77 4.55
N VAL D 184 -28.73 -18.62 5.22
CA VAL D 184 -27.47 -17.91 5.18
C VAL D 184 -26.97 -17.62 6.61
N VAL D 185 -25.77 -18.10 6.88
CA VAL D 185 -25.13 -17.98 8.19
C VAL D 185 -23.96 -16.99 8.26
N ASP D 186 -23.96 -16.11 9.26
CA ASP D 186 -22.85 -15.17 9.43
C ASP D 186 -21.86 -15.91 10.31
N ASN D 187 -20.86 -16.50 9.66
CA ASN D 187 -19.83 -17.30 10.31
C ASN D 187 -18.59 -16.48 10.71
N THR D 188 -18.80 -15.23 11.09
CA THR D 188 -17.71 -14.32 11.45
C THR D 188 -16.88 -14.70 12.68
N TYR D 189 -17.56 -15.15 13.73
CA TYR D 189 -16.91 -15.51 14.99
C TYR D 189 -16.07 -16.78 14.94
N CYS D 190 -16.52 -17.76 14.16
CA CYS D 190 -15.82 -19.03 14.04
C CYS D 190 -14.77 -19.12 12.94
N THR D 191 -15.14 -18.64 11.75
CA THR D 191 -14.30 -18.68 10.56
C THR D 191 -14.36 -20.11 10.01
N PRO D 192 -13.96 -20.31 8.76
CA PRO D 192 -14.01 -21.67 8.21
C PRO D 192 -13.15 -22.66 9.01
N TYR D 193 -12.23 -22.11 9.80
CA TYR D 193 -11.33 -22.93 10.60
C TYR D 193 -12.04 -23.68 11.73
N LEU D 194 -12.89 -22.96 12.47
CA LEU D 194 -13.63 -23.53 13.61
C LEU D 194 -15.03 -24.05 13.29
N GLN D 195 -15.64 -23.59 12.21
CA GLN D 195 -16.99 -24.03 11.86
C GLN D 195 -17.26 -23.81 10.37
N ARG D 196 -17.88 -24.79 9.73
CA ARG D 196 -18.21 -24.74 8.31
C ARG D 196 -19.72 -25.00 8.13
N PRO D 197 -20.56 -23.97 8.33
CA PRO D 197 -22.01 -24.06 8.21
C PRO D 197 -22.48 -24.67 6.89
N LEU D 198 -21.70 -24.46 5.83
CA LEU D 198 -22.02 -25.00 4.53
C LEU D 198 -22.03 -26.52 4.57
N GLU D 199 -21.12 -27.09 5.34
CA GLU D 199 -21.02 -28.54 5.46
C GLU D 199 -22.13 -29.10 6.33
N LEU D 200 -22.86 -28.20 6.99
CA LEU D 200 -23.95 -28.61 7.86
C LEU D 200 -25.29 -28.47 7.15
N GLY D 201 -25.30 -27.75 6.03
CA GLY D 201 -26.53 -27.59 5.28
C GLY D 201 -26.83 -26.19 4.80
N ALA D 202 -26.19 -25.19 5.39
CA ALA D 202 -26.42 -23.81 5.00
C ALA D 202 -26.21 -23.65 3.50
N ASP D 203 -26.91 -22.69 2.90
CA ASP D 203 -26.81 -22.43 1.46
C ASP D 203 -25.75 -21.38 1.17
N LEU D 204 -25.66 -20.38 2.04
CA LEU D 204 -24.68 -19.31 1.88
C LEU D 204 -24.14 -18.90 3.23
N VAL D 205 -22.88 -18.48 3.26
CA VAL D 205 -22.25 -18.03 4.49
C VAL D 205 -21.67 -16.64 4.27
N VAL D 206 -21.75 -15.78 5.27
CA VAL D 206 -21.21 -14.43 5.18
C VAL D 206 -20.22 -14.22 6.31
N HIS D 207 -19.23 -13.35 6.07
CA HIS D 207 -18.17 -13.07 7.03
C HIS D 207 -17.78 -11.62 7.08
N SER D 208 -17.50 -11.12 8.27
CA SER D 208 -17.00 -9.77 8.41
C SER D 208 -15.48 -10.05 8.52
N ALA D 209 -14.81 -10.13 7.37
CA ALA D 209 -13.37 -10.40 7.33
C ALA D 209 -12.57 -9.29 7.99
N THR D 210 -13.29 -8.27 8.45
CA THR D 210 -12.70 -7.13 9.12
C THR D 210 -12.24 -7.60 10.51
N1 LLP D 211 -21.15 -9.54 11.57
C2 LLP D 211 -20.40 -9.77 12.65
C2' LLP D 211 -20.58 -11.07 13.43
C3 LLP D 211 -19.47 -8.85 13.10
O3 LLP D 211 -18.81 -9.12 14.11
C4 LLP D 211 -19.26 -7.63 12.44
C4' LLP D 211 -18.20 -6.65 12.95
C5 LLP D 211 -20.01 -7.32 11.31
C6 LLP D 211 -21.04 -8.31 10.78
C5' LLP D 211 -19.85 -5.96 10.62
OP4 LLP D 211 -19.04 -6.16 9.49
P LLP D 211 -18.19 -5.04 9.00
OP1 LLP D 211 -17.08 -5.60 8.20
OP2 LLP D 211 -17.65 -4.29 10.14
OP3 LLP D 211 -19.01 -4.13 8.15
N LLP D 211 -12.52 -8.86 10.81
CA LLP D 211 -12.21 -9.42 12.11
CB LLP D 211 -13.49 -9.98 12.73
CG LLP D 211 -14.71 -9.04 12.62
CD LLP D 211 -14.55 -7.80 13.52
CE LLP D 211 -15.68 -6.78 13.33
NZ LLP D 211 -17.02 -7.36 13.45
C LLP D 211 -11.10 -10.48 12.17
O LLP D 211 -9.92 -10.16 12.05
N TYR D 212 -11.50 -11.74 12.36
CA TYR D 212 -10.55 -12.84 12.48
C TYR D 212 -9.82 -13.15 11.19
N LEU D 213 -10.54 -13.09 10.07
CA LEU D 213 -9.91 -13.39 8.79
C LEU D 213 -8.68 -12.51 8.61
N SER D 214 -8.84 -11.21 8.81
CA SER D 214 -7.72 -10.27 8.71
C SER D 214 -6.84 -10.45 9.96
N GLY D 215 -7.50 -10.59 11.11
CA GLY D 215 -6.79 -10.81 12.36
C GLY D 215 -5.88 -9.70 12.83
N HIS D 216 -5.64 -8.71 11.98
CA HIS D 216 -4.74 -7.61 12.34
C HIS D 216 -5.35 -6.21 12.39
N GLY D 217 -6.68 -6.13 12.23
CA GLY D 217 -7.40 -4.87 12.27
C GLY D 217 -6.90 -3.66 11.48
N ASP D 218 -6.47 -3.87 10.24
CA ASP D 218 -6.00 -2.75 9.42
C ASP D 218 -6.84 -2.56 8.14
N ILE D 219 -7.88 -3.37 8.01
CA ILE D 219 -8.77 -3.29 6.85
C ILE D 219 -10.15 -3.74 7.27
N THR D 220 -11.16 -3.31 6.51
CA THR D 220 -12.50 -3.78 6.76
C THR D 220 -12.87 -4.45 5.44
N ALA D 221 -13.34 -5.67 5.51
CA ALA D 221 -13.67 -6.40 4.30
C ALA D 221 -14.80 -7.36 4.63
N GLY D 222 -15.40 -7.93 3.59
CA GLY D 222 -16.49 -8.86 3.79
C GLY D 222 -16.27 -10.03 2.85
N ILE D 223 -16.91 -11.15 3.13
CA ILE D 223 -16.80 -12.34 2.30
C ILE D 223 -18.12 -13.07 2.29
N VAL D 224 -18.40 -13.74 1.18
CA VAL D 224 -19.63 -14.51 1.00
C VAL D 224 -19.19 -15.79 0.31
N VAL D 225 -19.69 -16.93 0.77
CA VAL D 225 -19.35 -18.21 0.14
C VAL D 225 -20.59 -19.05 0.03
N GLY D 226 -20.68 -19.78 -1.07
CA GLY D 226 -21.82 -20.63 -1.30
C GLY D 226 -21.76 -21.15 -2.71
N SER D 227 -22.88 -21.64 -3.22
CA SER D 227 -22.96 -22.18 -4.57
C SER D 227 -22.56 -21.16 -5.63
N GLN D 228 -22.29 -21.65 -6.83
CA GLN D 228 -21.92 -20.81 -7.95
C GLN D 228 -23.12 -19.98 -8.37
N ALA D 229 -24.26 -20.68 -8.44
CA ALA D 229 -25.53 -20.12 -8.83
C ALA D 229 -25.97 -18.96 -7.97
N LEU D 230 -25.95 -19.14 -6.66
CA LEU D 230 -26.36 -18.08 -5.75
C LEU D 230 -25.38 -16.91 -5.75
N VAL D 231 -24.11 -17.23 -5.52
CA VAL D 231 -23.06 -16.22 -5.46
C VAL D 231 -22.96 -15.37 -6.73
N ASP D 232 -23.21 -16.00 -7.88
CA ASP D 232 -23.16 -15.27 -9.14
C ASP D 232 -24.21 -14.17 -9.13
N ARG D 233 -25.40 -14.50 -8.67
CA ARG D 233 -26.46 -13.52 -8.61
C ARG D 233 -26.07 -12.37 -7.70
N ILE D 234 -25.49 -12.70 -6.54
CA ILE D 234 -25.08 -11.68 -5.60
C ILE D 234 -24.01 -10.76 -6.20
N ARG D 235 -23.06 -11.34 -6.93
CA ARG D 235 -22.01 -10.55 -7.57
C ARG D 235 -22.58 -9.65 -8.67
N LEU D 236 -23.29 -10.27 -9.60
CA LEU D 236 -23.87 -9.56 -10.73
C LEU D 236 -25.15 -8.77 -10.44
N GLN D 237 -25.58 -8.74 -9.19
CA GLN D 237 -26.79 -8.01 -8.81
C GLN D 237 -26.55 -7.23 -7.52
N GLY D 238 -26.32 -7.96 -6.44
CA GLY D 238 -26.10 -7.32 -5.16
C GLY D 238 -24.89 -6.41 -5.12
N LEU D 239 -23.73 -6.92 -5.50
CA LEU D 239 -22.51 -6.13 -5.48
C LEU D 239 -22.46 -5.09 -6.59
N LYS D 240 -22.61 -5.57 -7.83
CA LYS D 240 -22.55 -4.76 -9.03
C LYS D 240 -23.54 -3.60 -9.18
N ASP D 241 -24.82 -3.82 -8.85
CA ASP D 241 -25.86 -2.80 -9.00
C ASP D 241 -26.34 -2.12 -7.72
N MET D 242 -26.38 -2.87 -6.63
CA MET D 242 -26.81 -2.31 -5.35
C MET D 242 -25.61 -2.31 -4.41
N THR D 243 -25.58 -1.37 -3.47
CA THR D 243 -24.44 -1.28 -2.54
C THR D 243 -23.10 -0.90 -3.20
N GLY D 244 -22.70 -1.62 -4.23
CA GLY D 244 -21.44 -1.33 -4.88
C GLY D 244 -20.30 -1.29 -3.86
N ALA D 245 -20.27 -2.26 -2.96
CA ALA D 245 -19.24 -2.35 -1.92
C ALA D 245 -18.01 -3.12 -2.42
N VAL D 246 -17.22 -2.46 -3.28
CA VAL D 246 -16.02 -3.06 -3.88
C VAL D 246 -14.78 -3.07 -2.98
N LEU D 247 -14.12 -4.21 -2.89
CA LEU D 247 -12.91 -4.35 -2.08
C LEU D 247 -11.63 -3.97 -2.84
N SER D 248 -10.73 -3.23 -2.18
CA SER D 248 -9.48 -2.83 -2.80
C SER D 248 -8.57 -4.05 -2.83
N PRO D 249 -7.98 -4.36 -4.00
CA PRO D 249 -7.11 -5.54 -4.02
C PRO D 249 -5.96 -5.41 -3.02
N HIS D 250 -5.61 -4.19 -2.66
CA HIS D 250 -4.54 -3.96 -1.70
C HIS D 250 -5.02 -4.62 -0.41
N ASP D 251 -6.28 -4.32 -0.07
CA ASP D 251 -6.93 -4.86 1.12
C ASP D 251 -7.15 -6.37 0.99
N ALA D 252 -7.44 -6.83 -0.22
CA ALA D 252 -7.64 -8.26 -0.45
C ALA D 252 -6.34 -9.00 -0.19
N ALA D 253 -5.23 -8.42 -0.63
CA ALA D 253 -3.94 -9.03 -0.43
C ALA D 253 -3.65 -9.06 1.05
N LEU D 254 -3.82 -7.92 1.72
CA LEU D 254 -3.59 -7.86 3.15
C LEU D 254 -4.42 -8.95 3.83
N LEU D 255 -5.59 -9.26 3.25
CA LEU D 255 -6.46 -10.29 3.83
C LEU D 255 -5.93 -11.70 3.57
N MET D 256 -5.53 -11.99 2.35
CA MET D 256 -4.97 -13.31 2.06
C MET D 256 -3.72 -13.49 2.91
N ARG D 257 -3.08 -12.38 3.25
CA ARG D 257 -1.88 -12.39 4.07
C ARG D 257 -2.25 -12.85 5.46
N GLY D 258 -3.15 -12.11 6.11
CA GLY D 258 -3.54 -12.49 7.45
C GLY D 258 -4.13 -13.90 7.53
N ILE D 259 -4.69 -14.38 6.43
CA ILE D 259 -5.31 -15.70 6.39
C ILE D 259 -4.26 -16.82 6.40
N LYS D 260 -3.07 -16.54 5.88
CA LYS D 260 -2.00 -17.52 5.85
C LYS D 260 -1.69 -18.06 7.23
N THR D 261 -2.01 -17.27 8.27
CA THR D 261 -1.79 -17.69 9.64
C THR D 261 -3.10 -17.82 10.39
N LEU D 262 -4.18 -18.09 9.66
CA LEU D 262 -5.51 -18.23 10.24
C LEU D 262 -5.57 -19.30 11.34
N ASN D 263 -5.20 -20.52 11.00
CA ASN D 263 -5.22 -21.61 11.97
C ASN D 263 -4.33 -21.32 13.19
N LEU D 264 -3.12 -20.82 12.93
CA LEU D 264 -2.23 -20.51 14.03
C LEU D 264 -2.88 -19.52 14.97
N ARG D 265 -3.41 -18.44 14.40
CA ARG D 265 -4.04 -17.39 15.22
C ARG D 265 -5.29 -17.90 15.96
N MET D 266 -6.15 -18.65 15.27
CA MET D 266 -7.35 -19.16 15.92
C MET D 266 -6.97 -20.11 17.03
N ASP D 267 -5.93 -20.90 16.81
CA ASP D 267 -5.49 -21.86 17.82
C ASP D 267 -5.15 -21.14 19.11
N ARG D 268 -4.50 -19.99 18.99
CA ARG D 268 -4.10 -19.21 20.17
C ARG D 268 -5.22 -18.39 20.79
N HIS D 269 -6.10 -17.86 19.95
CA HIS D 269 -7.23 -17.08 20.44
C HIS D 269 -8.00 -17.96 21.41
N CYS D 270 -8.21 -19.21 20.99
CA CYS D 270 -8.95 -20.17 21.79
C CYS D 270 -8.23 -20.67 23.03
N ALA D 271 -6.93 -20.88 22.96
CA ALA D 271 -6.17 -21.37 24.10
C ALA D 271 -6.15 -20.32 25.19
N ASN D 272 -6.03 -19.07 24.78
CA ASN D 272 -6.02 -17.96 25.73
C ASN D 272 -7.42 -17.81 26.33
N ALA D 273 -8.44 -17.96 25.49
CA ALA D 273 -9.82 -17.83 25.93
C ALA D 273 -10.12 -18.87 27.01
N GLN D 274 -9.90 -20.13 26.69
CA GLN D 274 -10.16 -21.20 27.65
C GLN D 274 -9.57 -20.89 29.01
N VAL D 275 -8.29 -20.57 29.06
CA VAL D 275 -7.64 -20.26 30.33
C VAL D 275 -8.29 -19.06 31.02
N LEU D 276 -8.55 -18.01 30.25
CA LEU D 276 -9.14 -16.81 30.82
C LEU D 276 -10.54 -17.10 31.33
N ALA D 277 -11.32 -17.81 30.54
CA ALA D 277 -12.69 -18.15 30.89
C ALA D 277 -12.75 -19.07 32.11
N GLU D 278 -11.68 -19.82 32.34
CA GLU D 278 -11.61 -20.71 33.48
C GLU D 278 -11.17 -19.96 34.73
N PHE D 279 -10.43 -18.89 34.53
CA PHE D 279 -9.95 -18.06 35.62
C PHE D 279 -11.05 -17.13 36.11
N LEU D 280 -11.93 -16.71 35.20
CA LEU D 280 -13.03 -15.83 35.56
C LEU D 280 -14.04 -16.67 36.32
N ALA D 281 -14.20 -17.92 35.88
CA ALA D 281 -15.14 -18.86 36.48
C ALA D 281 -14.91 -19.01 37.97
N ARG D 282 -13.65 -19.00 38.38
CA ARG D 282 -13.33 -19.14 39.78
C ARG D 282 -13.37 -17.80 40.51
N GLN D 283 -13.90 -16.77 39.86
CA GLN D 283 -13.96 -15.45 40.48
C GLN D 283 -15.30 -15.19 41.15
N PRO D 284 -15.29 -14.74 42.41
CA PRO D 284 -16.52 -14.45 43.14
C PRO D 284 -17.23 -13.16 42.73
N GLN D 285 -16.54 -12.35 41.93
CA GLN D 285 -17.08 -11.07 41.46
C GLN D 285 -17.88 -11.29 40.19
N VAL D 286 -17.59 -12.40 39.53
CA VAL D 286 -18.26 -12.76 38.30
C VAL D 286 -19.47 -13.59 38.68
N GLU D 287 -20.62 -13.28 38.10
CA GLU D 287 -21.85 -14.01 38.40
C GLU D 287 -22.18 -15.05 37.35
N LEU D 288 -22.03 -14.69 36.08
CA LEU D 288 -22.33 -15.62 34.99
C LEU D 288 -21.31 -15.46 33.88
N ILE D 289 -20.99 -16.56 33.21
CA ILE D 289 -20.01 -16.53 32.14
C ILE D 289 -20.50 -17.30 30.93
N HIS D 290 -20.37 -16.67 29.77
CA HIS D 290 -20.80 -17.27 28.52
C HIS D 290 -19.61 -17.60 27.62
N TYR D 291 -19.22 -18.87 27.61
CA TYR D 291 -18.12 -19.34 26.80
C TYR D 291 -18.38 -20.80 26.48
N PRO D 292 -18.58 -21.12 25.19
CA PRO D 292 -18.84 -22.49 24.77
C PRO D 292 -17.83 -23.50 25.30
N GLY D 293 -16.70 -23.01 25.79
CA GLY D 293 -15.67 -23.90 26.29
C GLY D 293 -15.94 -24.47 27.67
N LEU D 294 -16.64 -23.73 28.52
CA LEU D 294 -16.92 -24.22 29.86
C LEU D 294 -17.96 -25.34 29.80
N ALA D 295 -17.80 -26.34 30.66
CA ALA D 295 -18.72 -27.46 30.67
C ALA D 295 -20.13 -27.03 31.07
N SER D 296 -20.23 -25.96 31.86
CA SER D 296 -21.54 -25.48 32.30
C SER D 296 -22.32 -24.82 31.16
N PHE D 297 -21.63 -24.46 30.10
CA PHE D 297 -22.26 -23.82 28.95
C PHE D 297 -23.54 -24.56 28.55
N PRO D 298 -24.68 -23.86 28.57
CA PRO D 298 -26.01 -24.38 28.22
C PRO D 298 -26.08 -25.27 26.97
N GLN D 299 -25.48 -24.81 25.88
CA GLN D 299 -25.50 -25.56 24.62
C GLN D 299 -24.17 -26.23 24.37
N TYR D 300 -23.46 -26.53 25.45
CA TYR D 300 -22.15 -27.15 25.38
C TYR D 300 -22.04 -28.37 24.44
N THR D 301 -23.08 -29.18 24.34
CA THR D 301 -23.03 -30.36 23.47
C THR D 301 -23.23 -30.00 22.01
N LEU D 302 -24.18 -29.10 21.75
CA LEU D 302 -24.46 -28.67 20.39
C LEU D 302 -23.26 -27.90 19.86
N ALA D 303 -22.62 -27.13 20.74
CA ALA D 303 -21.47 -26.35 20.38
C ALA D 303 -20.34 -27.24 19.89
N ARG D 304 -20.04 -28.28 20.65
CA ARG D 304 -18.96 -29.18 20.28
C ARG D 304 -19.19 -30.03 19.03
N GLN D 305 -20.43 -30.12 18.57
CA GLN D 305 -20.69 -30.92 17.36
C GLN D 305 -20.67 -30.03 16.11
N GLN D 306 -20.74 -28.72 16.31
CA GLN D 306 -20.73 -27.78 15.21
C GLN D 306 -19.41 -27.02 15.09
N MET D 307 -18.76 -26.76 16.23
CA MET D 307 -17.48 -26.04 16.24
C MET D 307 -16.33 -26.92 16.72
N SER D 308 -15.19 -26.82 16.04
CA SER D 308 -14.04 -27.63 16.41
C SER D 308 -13.39 -27.06 17.67
N GLN D 309 -13.61 -25.78 17.95
CA GLN D 309 -13.05 -25.13 19.13
C GLN D 309 -13.99 -24.05 19.65
N PRO D 310 -14.12 -23.93 20.98
CA PRO D 310 -14.98 -22.94 21.63
C PRO D 310 -14.83 -21.49 21.17
N GLY D 311 -13.76 -21.18 20.45
CA GLY D 311 -13.56 -19.82 19.96
C GLY D 311 -12.70 -18.89 20.81
N GLY D 312 -12.63 -17.61 20.42
CA GLY D 312 -11.83 -16.65 21.16
C GLY D 312 -12.60 -15.52 21.82
N MET D 313 -13.94 -15.57 21.76
CA MET D 313 -14.75 -14.52 22.36
C MET D 313 -15.39 -14.94 23.68
N ILE D 314 -15.40 -14.01 24.64
CA ILE D 314 -15.96 -14.26 25.96
C ILE D 314 -16.88 -13.14 26.43
N ALA D 315 -17.98 -13.53 27.05
CA ALA D 315 -18.93 -12.57 27.62
C ALA D 315 -19.20 -13.06 29.04
N PHE D 316 -19.32 -12.15 29.99
CA PHE D 316 -19.58 -12.54 31.36
C PHE D 316 -20.26 -11.41 32.11
N GLU D 317 -20.80 -11.72 33.28
CA GLU D 317 -21.50 -10.70 34.06
C GLU D 317 -20.90 -10.50 35.43
N LEU D 318 -20.66 -9.24 35.79
CA LEU D 318 -20.11 -8.93 37.10
C LEU D 318 -21.28 -8.78 38.08
N LYS D 319 -21.11 -9.33 39.28
CA LYS D 319 -22.12 -9.27 40.32
C LYS D 319 -22.56 -7.84 40.66
N GLY D 320 -21.63 -6.89 40.60
CA GLY D 320 -21.97 -5.51 40.91
C GLY D 320 -22.66 -4.72 39.82
N GLY D 321 -23.12 -5.40 38.77
CA GLY D 321 -23.80 -4.74 37.67
C GLY D 321 -23.09 -3.50 37.19
N ILE D 322 -23.86 -2.53 36.70
CA ILE D 322 -23.31 -1.27 36.21
C ILE D 322 -22.53 -0.61 37.33
N GLY D 323 -21.36 -0.06 37.01
CA GLY D 323 -20.55 0.57 38.05
C GLY D 323 -19.37 -0.35 38.31
N ALA D 324 -19.65 -1.64 38.40
CA ALA D 324 -18.63 -2.65 38.60
C ALA D 324 -18.01 -2.82 37.23
N GLY D 325 -18.87 -2.90 36.22
CA GLY D 325 -18.41 -3.04 34.86
C GLY D 325 -17.71 -1.77 34.38
N ARG D 326 -18.23 -0.62 34.76
CA ARG D 326 -17.61 0.65 34.36
C ARG D 326 -16.24 0.78 35.02
N ARG D 327 -16.20 0.54 36.34
CA ARG D 327 -14.96 0.63 37.08
C ARG D 327 -13.96 -0.40 36.54
N PHE D 328 -14.44 -1.60 36.25
CA PHE D 328 -13.58 -2.65 35.71
C PHE D 328 -12.97 -2.15 34.40
N MET D 329 -13.84 -1.87 33.44
CA MET D 329 -13.44 -1.38 32.13
C MET D 329 -12.48 -0.21 32.22
N ASN D 330 -12.86 0.80 32.98
CA ASN D 330 -12.03 1.98 33.12
C ASN D 330 -10.73 1.75 33.84
N ALA D 331 -10.46 0.50 34.21
CA ALA D 331 -9.25 0.17 34.93
C ALA D 331 -8.32 -0.68 34.07
N LEU D 332 -8.88 -1.36 33.08
CA LEU D 332 -8.12 -2.22 32.18
C LEU D 332 -6.92 -1.46 31.62
N GLN D 333 -5.78 -2.14 31.50
CA GLN D 333 -4.55 -1.52 30.99
C GLN D 333 -3.96 -2.18 29.74
N LEU D 334 -4.13 -3.49 29.61
CA LEU D 334 -3.60 -4.18 28.45
C LEU D 334 -4.76 -4.39 27.47
N PHE D 335 -5.93 -4.74 28.00
CA PHE D 335 -7.10 -4.90 27.15
C PHE D 335 -7.44 -3.48 26.73
N SER D 336 -8.00 -3.31 25.54
CA SER D 336 -8.37 -1.98 25.06
C SER D 336 -9.88 -1.81 25.16
N ARG D 337 -10.30 -0.55 25.28
CA ARG D 337 -11.73 -0.23 25.35
C ARG D 337 -12.11 0.05 23.89
N ALA D 338 -12.83 -0.86 23.26
CA ALA D 338 -13.18 -0.65 21.87
C ALA D 338 -14.13 -1.67 21.31
N VAL D 339 -14.84 -1.30 20.25
CA VAL D 339 -15.75 -2.23 19.60
C VAL D 339 -14.87 -3.05 18.66
N SER D 340 -15.40 -4.15 18.16
CA SER D 340 -14.68 -5.04 17.23
C SER D 340 -14.00 -6.20 17.95
N LEU D 341 -13.57 -7.19 17.17
CA LEU D 341 -12.92 -8.36 17.71
C LEU D 341 -12.03 -8.93 16.61
N GLY D 342 -11.40 -10.06 16.88
CA GLY D 342 -10.56 -10.70 15.88
C GLY D 342 -9.23 -10.03 15.60
N ASP D 343 -8.75 -9.24 16.54
CA ASP D 343 -7.49 -8.56 16.36
C ASP D 343 -6.42 -9.25 17.18
N ALA D 344 -5.16 -8.99 16.86
CA ALA D 344 -4.06 -9.58 17.60
C ALA D 344 -4.12 -8.97 18.99
N GLU D 345 -4.74 -7.80 19.08
CA GLU D 345 -4.89 -7.06 20.33
C GLU D 345 -6.20 -7.43 21.05
N SER D 346 -6.12 -7.53 22.37
CA SER D 346 -7.28 -7.87 23.18
C SER D 346 -8.14 -6.64 23.33
N LEU D 347 -9.45 -6.79 23.10
CA LEU D 347 -10.39 -5.68 23.22
C LEU D 347 -11.47 -6.04 24.22
N ALA D 348 -12.04 -5.03 24.87
CA ALA D 348 -13.10 -5.28 25.84
C ALA D 348 -14.17 -4.22 25.66
N GLN D 349 -15.39 -4.53 26.06
CA GLN D 349 -16.47 -3.58 25.94
C GLN D 349 -17.63 -3.89 26.87
N HIS D 350 -18.18 -2.84 27.46
CA HIS D 350 -19.28 -2.90 28.42
C HIS D 350 -20.49 -2.13 27.88
N PRO D 351 -21.38 -2.81 27.13
CA PRO D 351 -22.57 -2.16 26.56
C PRO D 351 -23.27 -1.19 27.51
N ALA D 352 -23.62 -1.66 28.69
CA ALA D 352 -24.32 -0.85 29.68
C ALA D 352 -23.70 0.51 29.96
N SER D 353 -22.43 0.70 29.60
CA SER D 353 -21.77 1.97 29.87
C SER D 353 -21.08 2.57 28.66
N MET D 354 -21.07 1.84 27.55
CA MET D 354 -20.41 2.34 26.35
C MET D 354 -21.36 2.56 25.19
N THR D 355 -21.67 1.49 24.46
CA THR D 355 -22.57 1.61 23.31
C THR D 355 -24.01 1.81 23.73
N HIS D 356 -24.37 1.22 24.88
CA HIS D 356 -25.74 1.33 25.36
C HIS D 356 -25.91 2.20 26.59
N SER D 357 -24.93 3.04 26.87
CA SER D 357 -25.03 3.92 28.02
C SER D 357 -26.28 4.75 27.85
N SER D 358 -26.68 4.90 26.58
CA SER D 358 -27.85 5.68 26.18
C SER D 358 -29.16 5.21 26.82
N TYR D 359 -29.41 3.91 26.76
CA TYR D 359 -30.61 3.31 27.31
C TYR D 359 -30.70 3.47 28.82
N THR D 360 -31.59 2.69 29.42
CA THR D 360 -31.78 2.71 30.87
C THR D 360 -31.75 1.27 31.33
N PRO D 361 -31.54 1.06 32.63
CA PRO D 361 -31.51 -0.31 33.15
C PRO D 361 -32.64 -1.10 32.50
N GLU D 362 -33.85 -0.55 32.55
CA GLU D 362 -35.03 -1.17 31.98
C GLU D 362 -34.82 -1.41 30.48
N GLU D 363 -34.64 -0.34 29.72
CA GLU D 363 -34.44 -0.47 28.29
C GLU D 363 -33.45 -1.58 27.97
N ARG D 364 -32.17 -1.35 28.28
CA ARG D 364 -31.12 -2.32 28.02
C ARG D 364 -31.58 -3.72 28.44
N ALA D 365 -31.99 -3.83 29.69
CA ALA D 365 -32.47 -5.09 30.23
C ALA D 365 -33.52 -5.70 29.32
N HIS D 366 -34.61 -4.97 29.09
CA HIS D 366 -35.69 -5.45 28.22
C HIS D 366 -35.19 -5.58 26.78
N TYR D 367 -33.90 -5.33 26.59
CA TYR D 367 -33.30 -5.40 25.27
C TYR D 367 -32.25 -6.52 25.17
N GLY D 368 -32.09 -7.26 26.25
CA GLY D 368 -31.13 -8.35 26.27
C GLY D 368 -29.81 -8.07 26.96
N ILE D 369 -29.42 -6.79 27.01
CA ILE D 369 -28.15 -6.41 27.63
C ILE D 369 -28.21 -6.17 29.15
N SER D 370 -27.53 -7.03 29.90
CA SER D 370 -27.48 -6.89 31.36
C SER D 370 -26.78 -5.58 31.72
N GLU D 371 -26.69 -5.26 33.00
CA GLU D 371 -26.06 -4.02 33.42
C GLU D 371 -24.58 -4.21 33.73
N GLY D 372 -24.17 -5.48 33.85
CA GLY D 372 -22.78 -5.77 34.16
C GLY D 372 -22.21 -6.82 33.23
N LEU D 373 -22.76 -6.92 32.03
CA LEU D 373 -22.25 -7.89 31.08
C LEU D 373 -21.17 -7.21 30.26
N VAL D 374 -19.97 -7.78 30.27
CA VAL D 374 -18.90 -7.21 29.48
C VAL D 374 -18.39 -8.31 28.54
N ARG D 375 -18.01 -7.90 27.33
CA ARG D 375 -17.53 -8.83 26.32
C ARG D 375 -16.04 -8.59 26.04
N LEU D 376 -15.28 -9.68 26.05
CA LEU D 376 -13.85 -9.63 25.80
C LEU D 376 -13.56 -10.41 24.51
N SER D 377 -12.64 -9.91 23.72
CA SER D 377 -12.20 -10.58 22.50
C SER D 377 -10.77 -10.87 22.87
N VAL D 378 -10.52 -12.04 23.45
CA VAL D 378 -9.17 -12.37 23.88
C VAL D 378 -8.19 -12.37 22.70
N GLY D 379 -7.09 -11.64 22.90
CA GLY D 379 -6.09 -11.52 21.86
C GLY D 379 -4.99 -12.55 21.93
N LEU D 380 -3.89 -12.27 21.24
CA LEU D 380 -2.73 -13.16 21.19
C LEU D 380 -1.64 -12.82 22.19
N GLU D 381 -1.90 -11.83 23.05
CA GLU D 381 -0.90 -11.46 24.04
C GLU D 381 -0.58 -12.64 24.96
N ASP D 382 0.43 -12.45 25.82
CA ASP D 382 0.84 -13.50 26.74
C ASP D 382 -0.26 -13.68 27.76
N ILE D 383 -0.73 -14.91 27.94
CA ILE D 383 -1.83 -15.16 28.87
C ILE D 383 -1.65 -14.62 30.29
N ASP D 384 -0.45 -14.67 30.86
CA ASP D 384 -0.27 -14.15 32.21
C ASP D 384 -0.45 -12.64 32.24
N ASP D 385 -0.11 -11.97 31.14
CA ASP D 385 -0.24 -10.53 31.04
C ASP D 385 -1.73 -10.19 31.01
N LEU D 386 -2.49 -10.95 30.22
CA LEU D 386 -3.93 -10.78 30.08
C LEU D 386 -4.61 -11.07 31.44
N LEU D 387 -4.26 -12.20 32.03
CA LEU D 387 -4.83 -12.62 33.33
C LEU D 387 -4.56 -11.63 34.45
N ALA D 388 -3.41 -10.99 34.41
CA ALA D 388 -3.03 -10.02 35.42
C ALA D 388 -3.71 -8.67 35.18
N ASP D 389 -4.19 -8.46 33.97
CA ASP D 389 -4.86 -7.19 33.64
C ASP D 389 -6.31 -7.26 34.13
N VAL D 390 -6.91 -8.44 33.97
CA VAL D 390 -8.28 -8.67 34.40
C VAL D 390 -8.29 -8.78 35.92
N GLN D 391 -7.24 -9.38 36.48
CA GLN D 391 -7.14 -9.55 37.93
C GLN D 391 -7.05 -8.18 38.61
N GLN D 392 -6.15 -7.33 38.14
CA GLN D 392 -5.99 -5.99 38.69
C GLN D 392 -7.28 -5.20 38.53
N ALA D 393 -7.89 -5.29 37.36
CA ALA D 393 -9.12 -4.58 37.05
C ALA D 393 -10.29 -5.06 37.91
N LEU D 394 -10.36 -6.37 38.14
CA LEU D 394 -11.42 -6.96 38.96
C LEU D 394 -11.34 -6.36 40.37
N LYS D 395 -10.13 -6.24 40.89
CA LYS D 395 -9.91 -5.68 42.20
C LYS D 395 -10.27 -4.20 42.25
N ALA D 396 -10.09 -3.49 41.14
CA ALA D 396 -10.42 -2.08 41.06
C ALA D 396 -11.91 -1.88 40.82
N SER D 397 -12.61 -2.98 40.52
CA SER D 397 -14.04 -2.95 40.29
C SER D 397 -14.79 -3.13 41.60
N ALA D 398 -14.06 -3.10 42.71
CA ALA D 398 -14.66 -3.28 44.04
C ALA D 398 -15.67 -2.19 44.37
S SO4 E . 17.86 19.85 0.69
O1 SO4 E . 17.21 18.88 -0.21
O2 SO4 E . 16.82 20.69 1.35
O3 SO4 E . 18.63 19.12 1.74
O4 SO4 E . 18.78 20.72 -0.08
S SO4 F . 19.41 -17.56 0.17
O1 SO4 F . 18.50 -18.56 -0.46
O2 SO4 F . 20.61 -17.39 -0.69
O3 SO4 F . 18.70 -16.26 0.30
O4 SO4 F . 19.83 -18.05 1.51
S SO4 G . -0.62 0.26 4.30
O1 SO4 G . -0.74 1.16 5.48
O2 SO4 G . 0.01 -1.02 4.71
O3 SO4 G . -1.98 0.00 3.76
O4 SO4 G . 0.21 0.92 3.26
S SO4 H . -18.06 2.92 -18.87
O1 SO4 H . -17.09 3.98 -18.50
O2 SO4 H . -17.61 2.25 -20.11
O3 SO4 H . -18.15 1.93 -17.77
O4 SO4 H . -19.40 3.53 -19.10
S SO4 I . -18.88 -5.21 17.63
O1 SO4 I . -17.91 -4.84 18.69
O2 SO4 I . -18.19 -5.15 16.31
O3 SO4 I . -19.38 -6.58 17.86
O4 SO4 I . -20.02 -4.25 17.63
#